data_1LF9
#
_entry.id   1LF9
#
_cell.length_a   80.491
_cell.length_b   102.931
_cell.length_c   164.686
_cell.angle_alpha   90.00
_cell.angle_beta   90.00
_cell.angle_gamma   90.00
#
_symmetry.space_group_name_H-M   'P 21 21 21'
#
loop_
_entity.id
_entity.type
_entity.pdbx_description
1 polymer GLUCOAMYLASE
2 branched 4,6-dideoxy-4-{[(1S,4R,5S,6S)-4,5,6-trihydroxy-3-(hydroxymethyl)cyclohex-2-en-1-yl]amino}-alpha-D-glucopyranose-(1-4)-alpha-D-glucopyranose-(1-4)-alpha-D-glucopyranose
3 non-polymer 'SULFATE ION'
4 water water
#
_entity_poly.entity_id   1
_entity_poly.type   'polypeptide(L)'
_entity_poly.pdbx_seq_one_letter_code
;VLSGCSNNVSSIKIDRFNNISAVNGPGEEDTWASAQKQGVGTANNYVSKVWFTLANGAISEVYYPTIDTADVKEIKFIVT
DGKSFVPDETKDAISKVEKFTDKSLGYKLVNTDKKGRYRITKDIFTDVKRNSLIMKAKFEALEGSIHDYKLYLAYDPHIK
NQGSYNEGYVIKANNNEMLMAKRDNVYTALSSNIGWKGYSIGYYKVNDIMTDLDENKQMTKHYDSARGNIIEGAEIDLTK
NSEFEIVLSFGQSDSEAAKTALETLGEDYNNLKNNYIDEWTKYCNTLNNFNGKANSLYYNSMMILKASEDKTNKGAYIAS
LSIPWGDGQRDDNTGGYHLVWSRDLYHVANAFIAAGDVDSANRSLDYLAKVVKDNGMIPQNTWISGKPYWTGIQLDEQAD
PIILSYRLKRYDLYDSLVKPLADFIIKIGPKTGQERWEEIGGYSPATMAAEVAGLTCAAYIAEQNKDYESAQKYQEKADN
WQKLIDNLTYTENGPLGNGQYYIRIAGLSDPDADFMINIANGGGVYDQKEIVDPSFLELVRLGVKSADDPKILNTLKVVD
STIKVDTPKGPSWYRYNHDGYGEPSKTELYHGAGKGRLWPLLTGERGMYEIAAGKDATPYVKAMEKFANEGGIISEQVWE
DTGLPTDSASPLNWAHAEYVILFASNIEHKVLDMPDIVYKRYVA
;
_entity_poly.pdbx_strand_id   A,B
#
loop_
_chem_comp.id
_chem_comp.type
_chem_comp.name
_chem_comp.formula
AC1 D-saccharide 4,6-dideoxy-4-{[(1S,4R,5S,6S)-4,5,6-trihydroxy-3-(hydroxymethyl)cyclohex-2-en-1-yl]amino}-alpha-D-glucopyranose 'C13 H23 N O8'
GLC D-saccharide, alpha linking alpha-D-glucopyranose 'C6 H12 O6'
SO4 non-polymer 'SULFATE ION' 'O4 S -2'
#
# COMPACT_ATOMS: atom_id res chain seq x y z
N SER A 11 -33.45 10.46 46.89
CA SER A 11 -33.15 11.92 46.91
C SER A 11 -34.40 12.72 46.55
N ILE A 12 -34.95 12.47 45.37
CA ILE A 12 -36.15 13.16 44.90
C ILE A 12 -37.29 12.17 44.65
N LYS A 13 -38.51 12.69 44.54
CA LYS A 13 -39.67 11.85 44.28
C LYS A 13 -40.06 12.01 42.82
N ILE A 14 -40.05 10.89 42.10
CA ILE A 14 -40.40 10.89 40.69
C ILE A 14 -41.69 10.13 40.46
N ASP A 15 -42.54 10.66 39.59
CA ASP A 15 -43.80 10.02 39.27
C ASP A 15 -43.96 9.92 37.76
N ARG A 16 -43.92 8.71 37.23
CA ARG A 16 -44.07 8.48 35.81
C ARG A 16 -45.51 8.05 35.52
N PHE A 17 -46.08 8.60 34.46
CA PHE A 17 -47.45 8.28 34.09
C PHE A 17 -47.62 8.01 32.60
N ASN A 18 -48.52 7.09 32.28
CA ASN A 18 -48.82 6.75 30.90
C ASN A 18 -50.33 6.77 30.70
N ASN A 19 -50.86 7.95 30.46
CA ASN A 19 -52.29 8.13 30.27
C ASN A 19 -52.70 8.03 28.81
N ILE A 20 -51.92 8.62 27.93
CA ILE A 20 -52.21 8.58 26.50
C ILE A 20 -50.93 8.33 25.70
N SER A 21 -50.90 7.20 24.99
CA SER A 21 -49.73 6.87 24.20
C SER A 21 -49.91 7.37 22.77
N ALA A 22 -48.89 8.03 22.25
CA ALA A 22 -48.93 8.55 20.88
C ALA A 22 -49.35 7.41 19.96
N VAL A 23 -50.04 7.74 18.87
CA VAL A 23 -50.50 6.72 17.94
C VAL A 23 -49.85 6.82 16.57
N ASN A 24 -50.01 5.76 15.79
CA ASN A 24 -49.49 5.69 14.44
C ASN A 24 -47.97 5.87 14.33
N GLY A 25 -47.25 5.05 15.09
CA GLY A 25 -45.80 5.11 15.06
C GLY A 25 -45.27 4.44 13.80
N PRO A 26 -43.95 4.30 13.67
CA PRO A 26 -42.96 4.78 14.65
C PRO A 26 -42.44 6.18 14.31
N GLY A 27 -43.11 6.83 13.36
CA GLY A 27 -42.70 8.16 12.94
C GLY A 27 -41.85 8.11 11.69
N GLU A 28 -41.78 9.22 10.97
CA GLU A 28 -41.00 9.30 9.73
C GLU A 28 -39.50 9.37 10.00
N GLU A 29 -38.70 9.01 9.00
CA GLU A 29 -37.25 9.05 9.10
C GLU A 29 -36.79 10.49 9.24
N ASP A 30 -35.80 10.71 10.12
CA ASP A 30 -35.26 12.04 10.36
C ASP A 30 -33.82 12.12 9.82
N THR A 31 -33.17 13.25 10.07
CA THR A 31 -31.81 13.47 9.60
C THR A 31 -31.04 14.15 10.72
N TRP A 32 -29.80 14.53 10.44
CA TRP A 32 -29.03 15.24 11.44
C TRP A 32 -29.18 16.72 11.11
N ALA A 33 -28.47 17.58 11.85
CA ALA A 33 -28.58 19.01 11.60
C ALA A 33 -27.59 19.55 10.56
N SER A 34 -27.83 20.79 10.17
CA SER A 34 -26.97 21.47 9.22
C SER A 34 -25.59 21.56 9.88
N ALA A 35 -24.54 21.28 9.10
CA ALA A 35 -23.17 21.33 9.59
C ALA A 35 -22.64 22.74 9.80
N GLN A 36 -23.29 23.72 9.18
CA GLN A 36 -22.87 25.13 9.32
C GLN A 36 -23.28 25.56 10.72
N LYS A 37 -22.30 25.78 11.58
CA LYS A 37 -22.59 26.17 12.96
C LYS A 37 -22.36 27.64 13.29
N GLN A 38 -23.24 28.21 14.10
CA GLN A 38 -23.12 29.60 14.53
C GLN A 38 -22.21 29.65 15.75
N GLY A 39 -22.10 28.53 16.44
CA GLY A 39 -21.25 28.46 17.62
C GLY A 39 -21.26 27.07 18.21
N VAL A 40 -20.25 26.78 19.02
CA VAL A 40 -20.14 25.48 19.68
C VAL A 40 -19.61 25.78 21.07
N GLY A 41 -19.82 24.87 22.00
CA GLY A 41 -19.32 25.11 23.34
C GLY A 41 -19.46 23.96 24.31
N THR A 42 -18.85 24.17 25.47
CA THR A 42 -18.87 23.20 26.56
C THR A 42 -18.13 23.87 27.70
N ALA A 43 -18.35 23.43 28.92
CA ALA A 43 -17.67 24.01 30.05
C ALA A 43 -16.19 23.67 29.94
N ASN A 44 -15.31 24.57 30.36
CA ASN A 44 -13.90 24.31 30.28
C ASN A 44 -13.42 23.53 31.50
N ASN A 45 -13.95 22.31 31.64
CA ASN A 45 -13.58 21.41 32.71
C ASN A 45 -13.99 20.01 32.29
N TYR A 46 -13.42 18.99 32.92
CA TYR A 46 -13.74 17.61 32.55
C TYR A 46 -14.95 17.03 33.29
N VAL A 47 -15.49 17.80 34.23
CA VAL A 47 -16.64 17.38 35.02
C VAL A 47 -17.93 17.37 34.21
N SER A 48 -18.24 18.52 33.60
CA SER A 48 -19.44 18.68 32.79
C SER A 48 -19.24 18.06 31.39
N LYS A 49 -19.62 16.80 31.24
CA LYS A 49 -19.45 16.11 29.96
C LYS A 49 -20.60 16.35 28.98
N VAL A 50 -20.80 17.61 28.62
CA VAL A 50 -21.86 17.99 27.69
C VAL A 50 -21.35 19.04 26.69
N TRP A 51 -21.59 18.79 25.41
CA TRP A 51 -21.19 19.69 24.34
C TRP A 51 -22.42 20.09 23.55
N PHE A 52 -22.45 21.33 23.06
CA PHE A 52 -23.58 21.79 22.27
C PHE A 52 -23.11 22.51 21.01
N THR A 53 -24.01 22.62 20.04
CA THR A 53 -23.70 23.32 18.80
C THR A 53 -24.95 24.10 18.43
N LEU A 54 -24.77 25.20 17.70
CA LEU A 54 -25.89 26.03 17.30
C LEU A 54 -25.89 26.13 15.78
N ALA A 55 -27.08 26.13 15.20
CA ALA A 55 -27.24 26.24 13.77
C ALA A 55 -28.64 26.80 13.47
N ASN A 56 -28.73 27.64 12.45
CA ASN A 56 -29.99 28.23 12.04
C ASN A 56 -30.78 28.86 13.19
N GLY A 57 -30.06 29.55 14.08
CA GLY A 57 -30.69 30.22 15.20
C GLY A 57 -31.17 29.33 16.33
N ALA A 58 -30.83 28.06 16.28
CA ALA A 58 -31.24 27.15 17.34
C ALA A 58 -30.17 26.14 17.68
N ILE A 59 -30.32 25.54 18.85
CA ILE A 59 -29.40 24.52 19.30
C ILE A 59 -29.52 23.34 18.34
N SER A 60 -28.41 22.83 17.85
CA SER A 60 -28.46 21.68 16.96
C SER A 60 -28.03 20.44 17.75
N GLU A 61 -26.98 19.74 17.30
CA GLU A 61 -26.58 18.55 18.04
C GLU A 61 -25.99 18.86 19.42
N VAL A 62 -26.29 17.98 20.38
CA VAL A 62 -25.80 18.09 21.74
C VAL A 62 -25.16 16.75 22.03
N TYR A 63 -23.99 16.76 22.65
CA TYR A 63 -23.26 15.53 22.93
C TYR A 63 -23.13 15.18 24.41
N TYR A 64 -23.13 13.88 24.68
CA TYR A 64 -23.00 13.34 26.03
C TYR A 64 -23.04 11.81 25.98
N PRO A 65 -22.20 11.14 26.77
CA PRO A 65 -21.23 11.68 27.73
C PRO A 65 -19.84 11.87 27.11
N THR A 66 -19.74 11.57 25.82
CA THR A 66 -18.47 11.71 25.11
C THR A 66 -18.67 12.59 23.89
N ILE A 67 -17.60 13.23 23.45
CA ILE A 67 -17.68 14.12 22.32
C ILE A 67 -18.00 13.46 20.98
N ASP A 68 -18.12 12.13 20.97
CA ASP A 68 -18.48 11.45 19.73
C ASP A 68 -19.84 10.78 19.88
N THR A 69 -20.59 11.20 20.90
CA THR A 69 -21.92 10.66 21.15
C THR A 69 -22.97 11.77 21.09
N ALA A 70 -23.55 11.98 19.92
CA ALA A 70 -24.58 13.00 19.74
C ALA A 70 -25.89 12.40 20.23
N ASP A 71 -26.66 13.19 20.96
CA ASP A 71 -27.92 12.70 21.51
C ASP A 71 -29.09 13.55 21.10
N VAL A 72 -28.82 14.64 20.41
CA VAL A 72 -29.88 15.54 20.00
C VAL A 72 -29.68 16.09 18.60
N LYS A 73 -30.77 16.36 17.92
CA LYS A 73 -30.69 16.91 16.58
C LYS A 73 -30.97 18.41 16.65
N GLU A 74 -32.10 18.76 17.27
CA GLU A 74 -32.55 20.14 17.42
C GLU A 74 -33.32 20.39 18.71
N ILE A 75 -33.43 21.68 19.01
CA ILE A 75 -34.18 22.22 20.13
C ILE A 75 -34.50 23.61 19.60
N LYS A 76 -35.68 23.75 18.99
CA LYS A 76 -36.09 25.01 18.39
C LYS A 76 -37.49 25.47 18.83
N PHE A 77 -37.81 26.72 18.51
CA PHE A 77 -39.11 27.30 18.85
C PHE A 77 -40.00 27.44 17.62
N ILE A 78 -41.30 27.24 17.84
CA ILE A 78 -42.32 27.38 16.80
C ILE A 78 -43.29 28.41 17.36
N VAL A 79 -43.53 29.48 16.63
CA VAL A 79 -44.45 30.50 17.09
C VAL A 79 -45.66 30.57 16.17
N THR A 80 -46.82 30.92 16.75
CA THR A 80 -48.05 31.01 15.98
C THR A 80 -49.00 32.02 16.58
N ASP A 81 -49.97 32.46 15.79
CA ASP A 81 -50.98 33.40 16.27
C ASP A 81 -52.21 32.59 16.67
N GLY A 82 -52.08 31.26 16.57
CA GLY A 82 -53.17 30.36 16.90
C GLY A 82 -54.32 30.50 15.92
N LYS A 83 -54.08 31.18 14.81
CA LYS A 83 -55.11 31.42 13.81
C LYS A 83 -54.68 31.14 12.38
N SER A 84 -53.68 31.86 11.89
CA SER A 84 -53.23 31.70 10.52
C SER A 84 -51.82 31.16 10.25
N PHE A 85 -50.79 31.81 10.81
CA PHE A 85 -49.41 31.38 10.56
C PHE A 85 -48.76 30.49 11.61
N VAL A 86 -47.75 29.74 11.14
CA VAL A 86 -46.98 28.83 11.99
C VAL A 86 -45.53 28.86 11.49
N PRO A 87 -44.75 29.88 11.88
CA PRO A 87 -43.34 29.97 11.45
C PRO A 87 -42.35 29.25 12.36
N ASP A 88 -41.39 28.60 11.72
CA ASP A 88 -40.32 27.88 12.40
C ASP A 88 -39.16 28.87 12.43
N GLU A 89 -38.72 29.23 13.64
CA GLU A 89 -37.65 30.19 13.78
C GLU A 89 -36.40 29.83 12.99
N THR A 90 -36.12 28.53 12.84
CA THR A 90 -34.94 28.09 12.11
C THR A 90 -35.00 28.31 10.61
N LYS A 91 -36.16 28.71 10.11
CA LYS A 91 -36.27 28.93 8.67
C LYS A 91 -37.12 30.14 8.29
N ASP A 92 -37.74 30.78 9.28
CA ASP A 92 -38.57 31.95 9.03
C ASP A 92 -38.12 33.17 9.80
N ALA A 93 -36.96 33.07 10.45
CA ALA A 93 -36.44 34.19 11.21
C ALA A 93 -34.95 34.39 10.93
N ILE A 94 -34.51 35.65 10.96
CA ILE A 94 -33.12 35.99 10.72
C ILE A 94 -32.40 35.89 12.06
N SER A 95 -31.33 35.11 12.10
CA SER A 95 -30.60 34.94 13.34
C SER A 95 -29.29 35.72 13.40
N LYS A 96 -29.04 36.34 14.54
CA LYS A 96 -27.82 37.09 14.75
C LYS A 96 -27.17 36.44 15.97
N VAL A 97 -25.91 36.08 15.84
CA VAL A 97 -25.22 35.45 16.96
C VAL A 97 -24.06 36.29 17.44
N GLU A 98 -23.78 36.21 18.74
CA GLU A 98 -22.67 36.92 19.34
C GLU A 98 -22.33 36.19 20.61
N LYS A 99 -21.05 36.16 20.97
CA LYS A 99 -20.63 35.47 22.19
C LYS A 99 -20.75 36.40 23.38
N PHE A 100 -20.91 35.83 24.58
CA PHE A 100 -21.03 36.63 25.80
C PHE A 100 -19.84 37.59 25.86
N THR A 101 -18.65 37.07 25.58
CA THR A 101 -17.42 37.87 25.54
C THR A 101 -16.42 37.23 24.59
N ASP A 102 -15.37 37.96 24.25
CA ASP A 102 -14.34 37.46 23.36
C ASP A 102 -13.56 36.30 23.95
N LYS A 103 -13.78 36.01 25.23
CA LYS A 103 -13.04 34.93 25.85
C LYS A 103 -13.90 33.88 26.53
N SER A 104 -15.08 33.64 25.94
CA SER A 104 -16.01 32.64 26.46
C SER A 104 -16.88 32.05 25.35
N LEU A 105 -17.14 30.75 25.42
CA LEU A 105 -17.96 30.08 24.41
C LEU A 105 -19.44 30.06 24.82
N GLY A 106 -19.92 31.21 25.27
CA GLY A 106 -21.30 31.36 25.67
C GLY A 106 -21.91 32.10 24.51
N TYR A 107 -23.18 31.85 24.20
CA TYR A 107 -23.80 32.51 23.05
C TYR A 107 -25.14 33.17 23.27
N LYS A 108 -25.32 34.27 22.56
CA LYS A 108 -26.56 35.03 22.60
C LYS A 108 -27.10 35.07 21.18
N LEU A 109 -28.28 34.51 20.99
CA LEU A 109 -28.90 34.50 19.68
C LEU A 109 -30.10 35.43 19.71
N VAL A 110 -30.28 36.18 18.64
CA VAL A 110 -31.41 37.09 18.53
C VAL A 110 -32.05 36.74 17.20
N ASN A 111 -33.19 36.07 17.26
CA ASN A 111 -33.89 35.66 16.05
C ASN A 111 -35.09 36.56 15.83
N THR A 112 -35.05 37.30 14.72
CA THR A 112 -36.13 38.21 14.36
C THR A 112 -36.91 37.72 13.15
N ASP A 113 -38.20 37.49 13.39
CA ASP A 113 -39.10 37.01 12.35
C ASP A 113 -38.91 37.79 11.04
N LYS A 114 -38.83 37.06 9.93
CA LYS A 114 -38.66 37.70 8.64
C LYS A 114 -39.81 38.68 8.38
N LYS A 115 -40.96 38.39 9.00
CA LYS A 115 -42.13 39.24 8.84
C LYS A 115 -42.30 40.19 10.01
N GLY A 116 -41.21 40.42 10.73
CA GLY A 116 -41.21 41.33 11.87
C GLY A 116 -42.40 41.27 12.80
N ARG A 117 -42.84 40.07 13.14
CA ARG A 117 -43.98 39.91 14.04
C ARG A 117 -43.50 39.57 15.45
N TYR A 118 -42.42 38.78 15.53
CA TYR A 118 -41.87 38.40 16.82
C TYR A 118 -40.36 38.48 16.85
N ARG A 119 -39.80 38.32 18.04
CA ARG A 119 -38.37 38.35 18.25
C ARG A 119 -38.02 37.42 19.40
N ILE A 120 -37.13 36.48 19.15
CA ILE A 120 -36.74 35.55 20.21
C ILE A 120 -35.25 35.73 20.50
N THR A 121 -34.91 35.91 21.77
CA THR A 121 -33.52 36.09 22.17
C THR A 121 -33.15 34.95 23.10
N LYS A 122 -31.99 34.34 22.87
CA LYS A 122 -31.54 33.21 23.68
C LYS A 122 -30.14 33.40 24.25
N ASP A 123 -29.92 32.79 25.41
CA ASP A 123 -28.64 32.80 26.09
C ASP A 123 -28.32 31.31 26.25
N ILE A 124 -27.24 30.84 25.65
CA ILE A 124 -26.93 29.42 25.72
C ILE A 124 -25.53 29.06 26.21
N PHE A 125 -25.48 28.11 27.14
CA PHE A 125 -24.23 27.61 27.70
C PHE A 125 -24.56 26.41 28.57
N THR A 126 -23.54 25.83 29.21
CA THR A 126 -23.77 24.67 30.04
C THR A 126 -23.47 24.92 31.51
N ASP A 127 -23.84 23.94 32.33
CA ASP A 127 -23.63 24.00 33.77
C ASP A 127 -22.25 23.46 34.07
N VAL A 128 -21.36 24.33 34.54
CA VAL A 128 -19.99 23.96 34.84
C VAL A 128 -19.88 22.83 35.86
N LYS A 129 -20.95 22.61 36.63
CA LYS A 129 -20.93 21.55 37.64
C LYS A 129 -21.68 20.28 37.29
N ARG A 130 -22.69 20.38 36.42
CA ARG A 130 -23.50 19.22 36.06
C ARG A 130 -23.66 19.03 34.56
N ASN A 131 -24.17 17.87 34.18
CA ASN A 131 -24.39 17.56 32.78
C ASN A 131 -25.72 18.08 32.28
N SER A 132 -25.79 19.39 32.08
CA SER A 132 -27.02 19.99 31.56
C SER A 132 -26.75 21.19 30.68
N LEU A 133 -27.61 21.37 29.69
CA LEU A 133 -27.54 22.49 28.76
C LEU A 133 -28.59 23.51 29.19
N ILE A 134 -28.21 24.78 29.19
CA ILE A 134 -29.11 25.84 29.61
C ILE A 134 -29.40 26.84 28.50
N MET A 135 -30.68 27.19 28.36
CA MET A 135 -31.09 28.17 27.37
C MET A 135 -32.11 29.13 27.94
N LYS A 136 -31.71 30.38 28.17
CA LYS A 136 -32.63 31.38 28.67
C LYS A 136 -33.20 32.02 27.42
N ALA A 137 -34.52 32.18 27.37
CA ALA A 137 -35.16 32.75 26.22
C ALA A 137 -36.26 33.72 26.62
N LYS A 138 -36.47 34.74 25.79
CA LYS A 138 -37.53 35.71 26.04
C LYS A 138 -38.19 35.98 24.71
N PHE A 139 -39.52 35.97 24.70
CA PHE A 139 -40.28 36.20 23.49
C PHE A 139 -40.79 37.63 23.46
N GLU A 140 -40.68 38.28 22.31
CA GLU A 140 -41.14 39.65 22.14
C GLU A 140 -42.05 39.73 20.94
N ALA A 141 -43.13 40.51 21.08
CA ALA A 141 -44.07 40.70 19.99
C ALA A 141 -43.72 42.02 19.33
N LEU A 142 -43.08 41.96 18.16
CA LEU A 142 -42.70 43.16 17.45
C LEU A 142 -43.93 43.97 17.06
N GLU A 143 -45.00 43.26 16.68
CA GLU A 143 -46.23 43.93 16.31
C GLU A 143 -47.40 43.19 16.94
N GLY A 144 -48.41 43.94 17.37
CA GLY A 144 -49.56 43.32 18.02
C GLY A 144 -49.24 43.09 19.49
N SER A 145 -50.04 42.26 20.14
CA SER A 145 -49.82 41.97 21.56
C SER A 145 -49.23 40.57 21.77
N ILE A 146 -48.46 40.42 22.83
CA ILE A 146 -47.85 39.14 23.13
C ILE A 146 -48.97 38.12 23.34
N HIS A 147 -50.16 38.62 23.68
CA HIS A 147 -51.32 37.76 23.92
C HIS A 147 -51.85 37.18 22.63
N ASP A 148 -51.40 37.71 21.50
CA ASP A 148 -51.85 37.23 20.21
C ASP A 148 -50.95 36.12 19.66
N TYR A 149 -49.93 35.74 20.43
CA TYR A 149 -49.00 34.71 19.99
C TYR A 149 -48.88 33.53 20.94
N LYS A 150 -48.55 32.37 20.37
CA LYS A 150 -48.35 31.15 21.15
C LYS A 150 -46.92 30.68 20.86
N LEU A 151 -46.20 30.31 21.91
CA LEU A 151 -44.83 29.85 21.73
C LEU A 151 -44.74 28.37 22.06
N TYR A 152 -44.14 27.60 21.15
CA TYR A 152 -43.97 26.17 21.35
C TYR A 152 -42.52 25.73 21.17
N LEU A 153 -42.08 24.83 22.04
CA LEU A 153 -40.73 24.30 22.00
C LEU A 153 -40.77 22.89 21.39
N ALA A 154 -39.84 22.60 20.50
CA ALA A 154 -39.77 21.29 19.85
C ALA A 154 -38.40 20.66 20.02
N TYR A 155 -38.34 19.63 20.86
CA TYR A 155 -37.11 18.90 21.14
C TYR A 155 -37.08 17.64 20.26
N ASP A 156 -36.03 17.51 19.46
CA ASP A 156 -35.86 16.36 18.57
C ASP A 156 -34.66 15.55 19.05
N PRO A 157 -34.93 14.50 19.85
CA PRO A 157 -33.87 13.64 20.37
C PRO A 157 -33.34 12.60 19.38
N HIS A 158 -32.04 12.35 19.47
CA HIS A 158 -31.35 11.36 18.64
C HIS A 158 -30.29 10.75 19.57
N ILE A 159 -30.78 10.17 20.67
CA ILE A 159 -29.92 9.58 21.68
C ILE A 159 -29.00 8.48 21.19
N LYS A 160 -27.73 8.61 21.57
CA LYS A 160 -26.67 7.68 21.19
C LYS A 160 -26.50 7.51 19.70
N ASN A 161 -26.30 8.65 19.03
CA ASN A 161 -26.07 8.69 17.59
C ASN A 161 -27.13 8.10 16.68
N GLN A 162 -28.40 8.17 17.07
CA GLN A 162 -29.47 7.67 16.20
C GLN A 162 -30.83 8.25 16.57
N GLY A 163 -31.55 8.70 15.56
CA GLY A 163 -32.86 9.28 15.77
C GLY A 163 -33.98 8.28 15.91
N SER A 164 -33.85 7.13 15.26
CA SER A 164 -34.89 6.11 15.33
C SER A 164 -34.92 5.43 16.69
N TYR A 165 -36.08 4.86 17.00
CA TYR A 165 -36.30 4.15 18.24
C TYR A 165 -35.93 4.90 19.52
N ASN A 166 -36.28 6.18 19.59
CA ASN A 166 -36.02 6.95 20.78
C ASN A 166 -37.28 6.82 21.63
N GLU A 167 -37.12 6.56 22.92
CA GLU A 167 -38.28 6.42 23.77
C GLU A 167 -38.57 7.73 24.51
N GLY A 168 -39.80 8.19 24.40
CA GLY A 168 -40.20 9.43 25.06
C GLY A 168 -41.38 9.24 25.99
N TYR A 169 -41.32 9.91 27.13
CA TYR A 169 -42.38 9.87 28.13
C TYR A 169 -42.24 11.06 29.04
N VAL A 170 -43.21 11.24 29.92
CA VAL A 170 -43.21 12.37 30.84
C VAL A 170 -43.24 11.91 32.29
N ILE A 171 -42.48 12.62 33.13
CA ILE A 171 -42.47 12.30 34.55
C ILE A 171 -42.64 13.60 35.31
N LYS A 172 -42.55 13.50 36.63
CA LYS A 172 -42.66 14.66 37.49
C LYS A 172 -41.69 14.42 38.63
N ALA A 173 -40.64 15.21 38.67
CA ALA A 173 -39.62 15.09 39.71
C ALA A 173 -39.83 16.26 40.68
N ASN A 174 -40.27 15.93 41.89
CA ASN A 174 -40.53 16.95 42.90
C ASN A 174 -41.50 17.98 42.34
N ASN A 175 -42.64 17.49 41.86
CA ASN A 175 -43.67 18.34 41.29
C ASN A 175 -43.15 19.19 40.14
N ASN A 176 -42.29 18.61 39.32
CA ASN A 176 -41.74 19.32 38.18
C ASN A 176 -41.88 18.43 36.93
N GLU A 177 -42.78 18.83 36.05
CA GLU A 177 -43.04 18.10 34.83
C GLU A 177 -41.83 18.18 33.89
N MET A 178 -41.19 17.05 33.67
CA MET A 178 -40.03 16.98 32.79
C MET A 178 -40.31 16.02 31.64
N LEU A 179 -39.91 16.42 30.43
CA LEU A 179 -40.10 15.56 29.28
C LEU A 179 -38.85 14.67 29.19
N MET A 180 -39.05 13.37 29.32
CA MET A 180 -37.94 12.42 29.28
C MET A 180 -37.79 11.75 27.92
N ALA A 181 -36.54 11.40 27.60
CA ALA A 181 -36.21 10.71 26.36
C ALA A 181 -35.10 9.73 26.70
N LYS A 182 -35.19 8.51 26.19
CA LYS A 182 -34.16 7.52 26.49
C LYS A 182 -33.92 6.53 25.37
N ARG A 183 -32.74 5.94 25.40
CA ARG A 183 -32.33 4.94 24.42
C ARG A 183 -31.08 4.31 25.04
N ASP A 184 -31.13 3.00 25.25
CA ASP A 184 -30.02 2.29 25.88
C ASP A 184 -29.73 2.88 27.25
N ASN A 185 -28.48 3.25 27.50
CA ASN A 185 -28.10 3.80 28.79
C ASN A 185 -28.04 5.32 28.88
N VAL A 186 -28.63 6.01 27.90
CA VAL A 186 -28.59 7.47 27.94
C VAL A 186 -29.97 8.08 28.09
N TYR A 187 -30.12 8.90 29.13
CA TYR A 187 -31.37 9.57 29.44
C TYR A 187 -31.25 11.07 29.41
N THR A 188 -32.27 11.74 28.87
CA THR A 188 -32.27 13.19 28.83
C THR A 188 -33.55 13.68 29.51
N ALA A 189 -33.45 14.80 30.19
CA ALA A 189 -34.59 15.38 30.88
C ALA A 189 -34.76 16.83 30.43
N LEU A 190 -35.94 17.14 29.91
CA LEU A 190 -36.24 18.48 29.44
C LEU A 190 -37.16 19.15 30.48
N SER A 191 -36.73 20.30 31.00
CA SER A 191 -37.53 21.01 32.01
C SER A 191 -37.56 22.51 31.80
N SER A 192 -38.56 23.14 32.42
CA SER A 192 -38.75 24.58 32.33
C SER A 192 -38.82 25.21 33.71
N ASN A 193 -38.22 26.39 33.88
CA ASN A 193 -38.24 27.06 35.17
C ASN A 193 -39.65 27.50 35.53
N ILE A 194 -40.49 27.70 34.50
CA ILE A 194 -41.88 28.10 34.73
C ILE A 194 -42.83 26.99 34.30
N GLY A 195 -42.30 25.77 34.13
CA GLY A 195 -43.12 24.65 33.72
C GLY A 195 -43.64 24.77 32.30
N TRP A 196 -44.47 23.79 31.89
CA TRP A 196 -45.03 23.77 30.54
C TRP A 196 -46.53 24.01 30.57
N LYS A 197 -47.01 24.88 29.68
CA LYS A 197 -48.44 25.15 29.60
C LYS A 197 -49.11 23.92 29.01
N GLY A 198 -48.30 23.06 28.40
CA GLY A 198 -48.79 21.86 27.79
C GLY A 198 -47.63 21.08 27.16
N TYR A 199 -47.75 19.76 27.13
CA TYR A 199 -46.71 18.91 26.57
C TYR A 199 -47.29 17.79 25.71
N SER A 200 -46.44 17.18 24.90
CA SER A 200 -46.84 16.08 24.04
C SER A 200 -45.63 15.43 23.38
N ILE A 201 -45.66 14.11 23.29
CA ILE A 201 -44.59 13.36 22.67
C ILE A 201 -45.18 12.62 21.49
N GLY A 202 -45.04 13.22 20.31
CA GLY A 202 -45.59 12.61 19.10
C GLY A 202 -44.53 12.05 18.17
N TYR A 203 -45.00 11.42 17.08
CA TYR A 203 -44.12 10.84 16.09
C TYR A 203 -43.78 11.87 15.03
N TYR A 204 -42.51 11.87 14.63
CA TYR A 204 -41.99 12.81 13.63
C TYR A 204 -42.78 12.88 12.33
N LYS A 205 -43.27 14.06 11.99
CA LYS A 205 -44.02 14.28 10.76
C LYS A 205 -45.34 13.51 10.69
N VAL A 206 -45.81 13.05 11.83
CA VAL A 206 -47.06 12.30 11.89
C VAL A 206 -48.04 13.03 12.80
N ASN A 207 -47.71 13.11 14.08
CA ASN A 207 -48.57 13.80 15.04
C ASN A 207 -47.75 14.54 16.09
N ASP A 208 -46.57 15.00 15.67
CA ASP A 208 -45.70 15.76 16.55
C ASP A 208 -46.18 17.20 16.63
N ILE A 209 -45.57 17.98 17.53
CA ILE A 209 -45.97 19.37 17.71
C ILE A 209 -46.05 20.15 16.39
N MET A 210 -45.05 19.96 15.52
CA MET A 210 -45.02 20.66 14.24
C MET A 210 -46.26 20.37 13.39
N THR A 211 -46.58 19.09 13.20
CA THR A 211 -47.73 18.71 12.40
C THR A 211 -49.03 19.17 13.06
N ASP A 212 -49.12 18.98 14.37
CA ASP A 212 -50.29 19.36 15.14
C ASP A 212 -50.58 20.86 14.92
N LEU A 213 -49.53 21.68 14.97
CA LEU A 213 -49.68 23.12 14.79
C LEU A 213 -50.05 23.51 13.36
N ASP A 214 -49.60 22.73 12.39
CA ASP A 214 -49.90 23.03 10.99
C ASP A 214 -51.34 22.67 10.67
N GLU A 215 -51.90 21.75 11.46
CA GLU A 215 -53.26 21.28 11.24
C GLU A 215 -54.30 21.96 12.14
N ASN A 216 -53.86 22.52 13.26
CA ASN A 216 -54.79 23.17 14.18
C ASN A 216 -54.35 24.58 14.58
N LYS A 217 -53.12 24.93 14.24
CA LYS A 217 -52.58 26.25 14.57
C LYS A 217 -52.51 26.40 16.09
N GLN A 218 -52.47 25.26 16.78
CA GLN A 218 -52.39 25.23 18.24
C GLN A 218 -52.32 23.77 18.70
N MET A 219 -51.70 23.54 19.86
CA MET A 219 -51.57 22.18 20.39
C MET A 219 -52.91 21.49 20.59
N THR A 220 -53.07 20.34 19.95
CA THR A 220 -54.30 19.55 20.05
C THR A 220 -54.02 18.24 20.76
N LYS A 221 -52.94 17.56 20.35
CA LYS A 221 -52.58 16.29 20.97
C LYS A 221 -51.75 16.53 22.23
N HIS A 222 -51.84 15.58 23.16
CA HIS A 222 -51.10 15.68 24.42
C HIS A 222 -50.60 14.30 24.84
N TYR A 223 -49.97 13.61 23.90
CA TYR A 223 -49.43 12.27 24.16
C TYR A 223 -48.34 12.37 25.22
N ASP A 224 -48.22 11.35 26.05
CA ASP A 224 -47.19 11.34 27.08
C ASP A 224 -46.31 10.11 26.96
N SER A 225 -46.28 9.54 25.77
CA SER A 225 -45.49 8.34 25.52
C SER A 225 -45.38 8.03 24.03
N ALA A 226 -44.19 7.62 23.60
CA ALA A 226 -43.95 7.27 22.20
C ALA A 226 -42.58 6.65 22.05
N ARG A 227 -42.36 5.93 20.95
CA ARG A 227 -41.07 5.31 20.71
C ARG A 227 -40.79 5.20 19.22
N GLY A 228 -39.67 5.79 18.81
CA GLY A 228 -39.26 5.79 17.42
C GLY A 228 -38.71 7.16 17.11
N ASN A 229 -38.98 7.67 15.92
CA ASN A 229 -38.53 9.01 15.60
C ASN A 229 -39.59 9.91 16.24
N ILE A 230 -39.26 10.45 17.41
CA ILE A 230 -40.18 11.28 18.16
C ILE A 230 -39.73 12.71 18.33
N ILE A 231 -40.69 13.55 18.67
CA ILE A 231 -40.43 14.96 18.92
C ILE A 231 -41.20 15.35 20.17
N GLU A 232 -40.47 15.83 21.17
CA GLU A 232 -41.07 16.24 22.41
C GLU A 232 -41.42 17.72 22.36
N GLY A 233 -42.71 17.99 22.18
CA GLY A 233 -43.19 19.36 22.10
C GLY A 233 -43.81 19.85 23.40
N ALA A 234 -43.79 21.17 23.58
CA ALA A 234 -44.34 21.76 24.80
C ALA A 234 -44.60 23.25 24.57
N GLU A 235 -45.77 23.71 25.01
CA GLU A 235 -46.13 25.10 24.87
C GLU A 235 -45.62 25.89 26.08
N ILE A 236 -45.11 27.08 25.81
CA ILE A 236 -44.59 27.95 26.86
C ILE A 236 -45.69 28.93 27.26
N ASP A 237 -45.99 29.00 28.55
CA ASP A 237 -47.01 29.89 29.06
C ASP A 237 -46.50 31.33 29.07
N LEU A 238 -46.78 32.07 27.98
CA LEU A 238 -46.35 33.46 27.85
C LEU A 238 -46.95 34.39 28.90
N THR A 239 -48.24 34.19 29.19
CA THR A 239 -48.93 35.02 30.17
C THR A 239 -48.29 34.87 31.56
N LYS A 240 -47.70 33.71 31.81
CA LYS A 240 -47.04 33.47 33.09
C LYS A 240 -45.68 34.18 33.11
N ASN A 241 -45.03 34.22 31.96
CA ASN A 241 -43.73 34.89 31.83
C ASN A 241 -43.24 34.79 30.40
N SER A 242 -42.88 35.93 29.81
CA SER A 242 -42.39 35.97 28.43
C SER A 242 -40.90 35.61 28.37
N GLU A 243 -40.26 35.58 29.54
CA GLU A 243 -38.84 35.23 29.64
C GLU A 243 -38.71 34.02 30.58
N PHE A 244 -38.18 32.93 30.06
CA PHE A 244 -38.04 31.70 30.84
C PHE A 244 -36.69 31.03 30.67
N GLU A 245 -36.53 29.91 31.37
CA GLU A 245 -35.29 29.16 31.32
C GLU A 245 -35.54 27.68 31.02
N ILE A 246 -34.96 27.19 29.93
CA ILE A 246 -35.09 25.80 29.56
C ILE A 246 -33.79 25.07 29.87
N VAL A 247 -33.90 23.90 30.46
CA VAL A 247 -32.73 23.12 30.81
C VAL A 247 -32.86 21.70 30.26
N LEU A 248 -31.76 21.19 29.71
CA LEU A 248 -31.71 19.84 29.17
C LEU A 248 -30.62 19.12 29.95
N SER A 249 -31.00 18.07 30.67
CA SER A 249 -30.03 17.33 31.47
C SER A 249 -29.86 15.90 30.97
N PHE A 250 -28.69 15.35 31.25
CA PHE A 250 -28.34 14.01 30.84
C PHE A 250 -28.02 13.14 32.03
N GLY A 251 -28.14 11.83 31.85
CA GLY A 251 -27.85 10.90 32.92
C GLY A 251 -27.97 9.47 32.43
N GLN A 252 -27.50 8.52 33.21
CA GLN A 252 -27.61 7.12 32.80
C GLN A 252 -28.90 6.52 33.34
N SER A 253 -29.79 7.39 33.85
CA SER A 253 -31.07 6.95 34.39
C SER A 253 -32.02 8.12 34.59
N ASP A 254 -33.31 7.81 34.72
CA ASP A 254 -34.33 8.84 34.92
C ASP A 254 -34.01 9.69 36.14
N SER A 255 -33.71 9.03 37.25
CA SER A 255 -33.38 9.73 38.49
C SER A 255 -32.22 10.71 38.30
N GLU A 256 -31.10 10.20 37.80
CA GLU A 256 -29.91 11.03 37.58
C GLU A 256 -30.25 12.25 36.74
N ALA A 257 -30.78 12.01 35.55
CA ALA A 257 -31.15 13.08 34.64
C ALA A 257 -32.05 14.12 35.28
N ALA A 258 -33.18 13.65 35.82
CA ALA A 258 -34.14 14.54 36.46
C ALA A 258 -33.52 15.31 37.63
N LYS A 259 -32.71 14.62 38.43
CA LYS A 259 -32.07 15.26 39.57
C LYS A 259 -31.13 16.36 39.07
N THR A 260 -30.38 16.07 38.02
CA THR A 260 -29.46 17.04 37.46
C THR A 260 -30.20 18.27 36.96
N ALA A 261 -31.37 18.07 36.36
CA ALA A 261 -32.16 19.19 35.87
C ALA A 261 -32.59 20.05 37.06
N LEU A 262 -33.06 19.40 38.12
CA LEU A 262 -33.50 20.13 39.31
C LEU A 262 -32.35 20.94 39.93
N GLU A 263 -31.17 20.34 39.99
CA GLU A 263 -30.00 21.01 40.57
C GLU A 263 -29.63 22.27 39.79
N THR A 264 -29.66 22.19 38.47
CA THR A 264 -29.32 23.34 37.63
C THR A 264 -30.36 24.44 37.77
N LEU A 265 -31.63 24.07 37.72
CA LEU A 265 -32.73 25.02 37.85
C LEU A 265 -32.72 25.69 39.22
N GLY A 266 -32.26 24.95 40.22
CA GLY A 266 -32.22 25.48 41.56
C GLY A 266 -31.06 26.43 41.78
N GLU A 267 -30.20 26.55 40.78
CA GLU A 267 -29.04 27.43 40.86
C GLU A 267 -29.42 28.82 40.34
N ASP A 268 -28.63 29.83 40.70
CA ASP A 268 -28.89 31.19 40.23
C ASP A 268 -28.34 31.34 38.83
N TYR A 269 -29.22 31.66 37.88
CA TYR A 269 -28.84 31.81 36.48
C TYR A 269 -27.55 32.60 36.24
N ASN A 270 -27.55 33.87 36.62
CA ASN A 270 -26.38 34.71 36.42
C ASN A 270 -25.13 34.09 37.01
N ASN A 271 -25.30 33.40 38.13
CA ASN A 271 -24.18 32.76 38.79
C ASN A 271 -23.58 31.68 37.90
N LEU A 272 -24.43 30.85 37.29
CA LEU A 272 -23.97 29.78 36.41
C LEU A 272 -23.35 30.38 35.15
N LYS A 273 -23.99 31.41 34.63
CA LYS A 273 -23.52 32.06 33.43
C LYS A 273 -22.12 32.63 33.63
N ASN A 274 -21.93 33.36 34.72
CA ASN A 274 -20.64 33.97 35.00
C ASN A 274 -19.56 32.93 35.27
N ASN A 275 -19.94 31.84 35.93
CA ASN A 275 -18.98 30.78 36.23
C ASN A 275 -18.49 30.15 34.94
N TYR A 276 -19.39 30.03 33.97
CA TYR A 276 -19.09 29.44 32.68
C TYR A 276 -18.12 30.37 31.95
N ILE A 277 -18.47 31.65 31.89
CA ILE A 277 -17.67 32.66 31.22
C ILE A 277 -16.28 32.82 31.84
N ASP A 278 -16.23 32.87 33.17
CA ASP A 278 -14.96 33.03 33.86
C ASP A 278 -14.02 31.86 33.63
N GLU A 279 -14.57 30.65 33.60
CA GLU A 279 -13.73 29.47 33.40
C GLU A 279 -13.02 29.53 32.06
N TRP A 280 -13.71 30.05 31.04
CA TRP A 280 -13.14 30.17 29.71
C TRP A 280 -12.22 31.38 29.63
N THR A 281 -12.58 32.45 30.32
CA THR A 281 -11.77 33.67 30.32
C THR A 281 -10.42 33.34 30.94
N LYS A 282 -10.44 32.54 31.99
CA LYS A 282 -9.23 32.14 32.67
C LYS A 282 -8.32 31.40 31.68
N TYR A 283 -8.89 30.47 30.91
CA TYR A 283 -8.08 29.75 29.95
C TYR A 283 -7.50 30.68 28.90
N CYS A 284 -8.32 31.55 28.34
CA CYS A 284 -7.82 32.47 27.32
C CYS A 284 -6.64 33.28 27.83
N ASN A 285 -6.78 33.84 29.02
CA ASN A 285 -5.73 34.66 29.61
C ASN A 285 -4.47 33.87 29.97
N THR A 286 -4.48 32.58 29.69
CA THR A 286 -3.33 31.73 29.96
C THR A 286 -2.50 31.55 28.67
N LEU A 287 -3.08 31.98 27.56
CA LEU A 287 -2.44 31.86 26.25
C LEU A 287 -1.67 33.12 25.90
N ASN A 288 -0.75 32.99 24.94
CA ASN A 288 0.04 34.12 24.50
C ASN A 288 -0.88 35.15 23.84
N ASN A 289 -0.64 36.42 24.10
CA ASN A 289 -1.45 37.48 23.50
C ASN A 289 -0.64 38.27 22.47
N PHE A 290 0.59 37.81 22.24
CA PHE A 290 1.49 38.46 21.27
C PHE A 290 1.55 39.97 21.44
N ASN A 291 2.02 40.40 22.61
CA ASN A 291 2.14 41.83 22.92
C ASN A 291 0.84 42.57 22.65
N GLY A 292 -0.28 41.99 23.11
CA GLY A 292 -1.58 42.61 22.93
C GLY A 292 -2.13 42.54 21.52
N LYS A 293 -1.50 41.75 20.66
CA LYS A 293 -1.96 41.63 19.29
C LYS A 293 -3.09 40.62 19.12
N ALA A 294 -3.06 39.55 19.91
CA ALA A 294 -4.09 38.51 19.85
C ALA A 294 -5.48 39.12 19.67
N ASN A 295 -6.20 38.65 18.65
CA ASN A 295 -7.54 39.16 18.36
C ASN A 295 -8.67 38.17 18.73
N SER A 296 -9.90 38.56 18.47
CA SER A 296 -11.04 37.71 18.81
C SER A 296 -11.04 36.35 18.11
N LEU A 297 -10.72 36.34 16.82
CA LEU A 297 -10.69 35.07 16.09
C LEU A 297 -9.64 34.14 16.69
N TYR A 298 -8.54 34.71 17.15
CA TYR A 298 -7.48 33.93 17.75
C TYR A 298 -8.04 33.19 18.97
N TYR A 299 -8.66 33.97 19.85
CA TYR A 299 -9.24 33.41 21.08
C TYR A 299 -10.41 32.50 20.78
N ASN A 300 -11.21 32.86 19.77
CA ASN A 300 -12.35 32.04 19.41
C ASN A 300 -11.84 30.68 18.92
N SER A 301 -10.82 30.71 18.08
CA SER A 301 -10.23 29.50 17.54
C SER A 301 -9.66 28.60 18.63
N MET A 302 -8.84 29.18 19.49
CA MET A 302 -8.23 28.40 20.55
C MET A 302 -9.27 27.78 21.48
N MET A 303 -10.33 28.54 21.80
CA MET A 303 -11.37 28.00 22.68
C MET A 303 -12.04 26.82 21.99
N ILE A 304 -12.41 27.01 20.71
CA ILE A 304 -13.05 25.95 19.95
C ILE A 304 -12.18 24.69 19.95
N LEU A 305 -10.87 24.86 19.81
CA LEU A 305 -9.97 23.71 19.80
C LEU A 305 -10.01 23.04 21.17
N LYS A 306 -9.96 23.86 22.21
CA LYS A 306 -9.98 23.39 23.59
C LYS A 306 -11.27 22.64 23.87
N ALA A 307 -12.36 23.09 23.25
CA ALA A 307 -13.66 22.46 23.46
C ALA A 307 -13.86 21.21 22.62
N SER A 308 -12.86 20.85 21.81
CA SER A 308 -12.95 19.69 20.94
C SER A 308 -12.29 18.42 21.47
N GLU A 309 -11.96 18.42 22.75
CA GLU A 309 -11.32 17.26 23.37
C GLU A 309 -12.36 16.45 24.13
N ASP A 310 -12.22 15.13 24.13
CA ASP A 310 -13.17 14.31 24.90
C ASP A 310 -12.76 14.45 26.36
N LYS A 311 -13.74 14.47 27.24
CA LYS A 311 -13.47 14.65 28.67
C LYS A 311 -13.17 13.35 29.44
N THR A 312 -13.28 12.21 28.77
CA THR A 312 -13.00 10.93 29.39
C THR A 312 -11.66 10.42 28.85
N ASN A 313 -11.54 10.39 27.53
CA ASN A 313 -10.30 9.99 26.89
C ASN A 313 -9.58 11.28 26.52
N LYS A 314 -8.82 11.82 27.46
CA LYS A 314 -8.11 13.06 27.23
C LYS A 314 -7.15 12.95 26.06
N GLY A 315 -6.96 14.07 25.36
CA GLY A 315 -6.07 14.08 24.21
C GLY A 315 -6.78 13.77 22.91
N ALA A 316 -7.95 13.15 23.00
CA ALA A 316 -8.73 12.79 21.81
C ALA A 316 -9.44 14.01 21.24
N TYR A 317 -8.75 14.73 20.36
CA TYR A 317 -9.31 15.91 19.71
C TYR A 317 -9.94 15.52 18.39
N ILE A 318 -11.21 15.86 18.22
CA ILE A 318 -11.93 15.52 16.99
C ILE A 318 -11.66 16.56 15.93
N ALA A 319 -11.97 16.22 14.68
CA ALA A 319 -11.75 17.13 13.56
C ALA A 319 -12.77 18.27 13.53
N SER A 320 -14.02 17.96 13.85
CA SER A 320 -15.10 18.95 13.83
C SER A 320 -16.34 18.47 14.58
N LEU A 321 -16.94 19.36 15.36
CA LEU A 321 -18.12 19.00 16.12
C LEU A 321 -19.36 19.21 15.26
N SER A 322 -19.40 18.52 14.12
CA SER A 322 -20.53 18.60 13.21
C SER A 322 -20.63 17.33 12.38
N ILE A 323 -21.70 17.25 11.60
CA ILE A 323 -21.96 16.13 10.70
C ILE A 323 -22.20 16.81 9.35
N PRO A 324 -21.15 16.92 8.51
CA PRO A 324 -21.28 17.56 7.20
C PRO A 324 -22.49 17.13 6.40
N TRP A 325 -23.19 18.11 5.84
CA TRP A 325 -24.39 17.86 5.04
C TRP A 325 -25.33 16.97 5.85
N GLY A 326 -25.22 17.07 7.17
CA GLY A 326 -26.03 16.27 8.07
C GLY A 326 -27.52 16.37 7.86
N ASP A 327 -28.00 17.54 7.49
CA ASP A 327 -29.42 17.74 7.26
C ASP A 327 -29.83 17.04 5.96
N GLY A 328 -28.88 16.31 5.38
CA GLY A 328 -29.14 15.57 4.16
C GLY A 328 -28.82 14.09 4.31
N GLN A 329 -28.50 13.66 5.54
CA GLN A 329 -28.16 12.26 5.81
C GLN A 329 -29.19 11.67 6.79
N ARG A 330 -29.55 10.41 6.61
CA ARG A 330 -30.50 9.78 7.53
C ARG A 330 -29.88 9.77 8.92
N ASP A 331 -30.72 9.91 9.94
CA ASP A 331 -30.24 9.94 11.32
C ASP A 331 -29.63 8.65 11.84
N ASP A 332 -28.98 7.88 10.97
CA ASP A 332 -28.35 6.63 11.39
C ASP A 332 -27.07 6.97 12.15
N ASN A 333 -26.46 5.94 12.74
CA ASN A 333 -25.22 6.10 13.49
C ASN A 333 -24.10 6.46 12.52
N THR A 334 -23.55 7.66 12.68
CA THR A 334 -22.45 8.10 11.84
C THR A 334 -21.44 8.79 12.72
N GLY A 335 -20.17 8.74 12.30
CA GLY A 335 -19.13 9.38 13.07
C GLY A 335 -18.99 10.83 12.67
N GLY A 336 -19.49 11.18 11.49
CA GLY A 336 -19.39 12.55 11.02
C GLY A 336 -17.93 12.96 11.07
N TYR A 337 -17.67 14.13 11.63
CA TYR A 337 -16.29 14.60 11.76
C TYR A 337 -15.88 14.58 13.23
N HIS A 338 -16.78 14.10 14.10
CA HIS A 338 -16.45 14.04 15.51
C HIS A 338 -15.78 12.69 15.75
N LEU A 339 -14.64 12.55 15.07
CA LEU A 339 -13.77 11.38 15.11
C LEU A 339 -12.35 11.94 15.22
N VAL A 340 -11.40 11.08 15.57
CA VAL A 340 -10.03 11.54 15.70
C VAL A 340 -9.12 11.14 14.55
N TRP A 341 -8.56 12.15 13.89
CA TRP A 341 -7.62 11.93 12.79
C TRP A 341 -6.26 12.40 13.29
N SER A 342 -5.25 11.55 13.12
CA SER A 342 -3.90 11.86 13.52
C SER A 342 -3.41 13.16 12.86
N ARG A 343 -3.76 13.33 11.58
CA ARG A 343 -3.35 14.53 10.85
C ARG A 343 -3.93 15.79 11.46
N ASP A 344 -5.26 15.83 11.59
CA ASP A 344 -5.94 16.99 12.15
C ASP A 344 -5.49 17.31 13.56
N LEU A 345 -5.32 16.28 14.37
CA LEU A 345 -4.90 16.46 15.75
C LEU A 345 -3.50 17.07 15.76
N TYR A 346 -2.63 16.55 14.90
CA TYR A 346 -1.27 17.04 14.77
C TYR A 346 -1.28 18.55 14.58
N HIS A 347 -2.05 19.03 13.61
CA HIS A 347 -2.15 20.45 13.35
C HIS A 347 -2.76 21.19 14.52
N VAL A 348 -3.78 20.60 15.14
CA VAL A 348 -4.42 21.22 16.29
C VAL A 348 -3.40 21.31 17.43
N ALA A 349 -2.55 20.30 17.55
CA ALA A 349 -1.54 20.29 18.59
C ALA A 349 -0.59 21.48 18.36
N ASN A 350 -0.20 21.70 17.11
CA ASN A 350 0.69 22.80 16.79
C ASN A 350 0.10 24.16 17.14
N ALA A 351 -1.22 24.29 17.03
CA ALA A 351 -1.88 25.55 17.36
C ALA A 351 -1.75 25.77 18.87
N PHE A 352 -2.01 24.72 19.64
CA PHE A 352 -1.90 24.82 21.10
C PHE A 352 -0.47 25.24 21.42
N ILE A 353 0.50 24.63 20.75
CA ILE A 353 1.91 24.94 20.97
C ILE A 353 2.15 26.43 20.73
N ALA A 354 1.69 26.92 19.59
CA ALA A 354 1.87 28.31 19.23
C ALA A 354 1.15 29.27 20.17
N ALA A 355 0.07 28.78 20.78
CA ALA A 355 -0.72 29.60 21.70
C ALA A 355 -0.16 29.58 23.11
N GLY A 356 0.70 28.61 23.40
CA GLY A 356 1.30 28.52 24.71
C GLY A 356 0.73 27.41 25.58
N ASP A 357 -0.30 26.73 25.08
CA ASP A 357 -0.92 25.65 25.83
C ASP A 357 -0.26 24.31 25.50
N VAL A 358 1.01 24.19 25.86
CA VAL A 358 1.76 22.98 25.60
C VAL A 358 1.10 21.75 26.23
N ASP A 359 0.39 21.97 27.34
CA ASP A 359 -0.28 20.86 28.04
C ASP A 359 -1.27 20.13 27.15
N SER A 360 -2.11 20.87 26.44
CA SER A 360 -3.10 20.25 25.56
C SER A 360 -2.38 19.45 24.47
N ALA A 361 -1.34 20.05 23.89
CA ALA A 361 -0.57 19.39 22.84
C ALA A 361 -0.01 18.05 23.34
N ASN A 362 0.57 18.06 24.54
CA ASN A 362 1.13 16.83 25.11
C ASN A 362 0.04 15.80 25.37
N ARG A 363 -1.09 16.29 25.87
CA ARG A 363 -2.22 15.41 26.16
C ARG A 363 -2.63 14.71 24.87
N SER A 364 -2.61 15.43 23.76
CA SER A 364 -2.99 14.84 22.48
C SER A 364 -1.92 13.84 22.01
N LEU A 365 -0.66 14.15 22.27
CA LEU A 365 0.42 13.24 21.87
C LEU A 365 0.27 11.93 22.61
N ASP A 366 -0.06 12.00 23.90
CA ASP A 366 -0.24 10.80 24.71
C ASP A 366 -1.41 9.97 24.22
N TYR A 367 -2.43 10.65 23.67
CA TYR A 367 -3.58 9.95 23.14
C TYR A 367 -3.08 9.11 21.95
N LEU A 368 -2.30 9.74 21.08
CA LEU A 368 -1.74 9.06 19.91
C LEU A 368 -0.91 7.86 20.37
N ALA A 369 -0.16 8.04 21.45
CA ALA A 369 0.64 6.95 21.98
C ALA A 369 -0.30 5.79 22.29
N LYS A 370 -1.42 6.13 22.93
CA LYS A 370 -2.43 5.13 23.29
C LYS A 370 -2.92 4.42 22.02
N VAL A 371 -3.31 5.21 21.02
CA VAL A 371 -3.80 4.66 19.77
C VAL A 371 -2.80 3.69 19.17
N VAL A 372 -1.54 4.08 19.14
CA VAL A 372 -0.49 3.24 18.59
C VAL A 372 -0.36 1.94 19.38
N LYS A 373 -0.52 2.04 20.70
CA LYS A 373 -0.42 0.88 21.57
C LYS A 373 -1.54 -0.12 21.29
N ASP A 374 -2.75 0.40 21.10
CA ASP A 374 -3.91 -0.44 20.84
C ASP A 374 -4.00 -0.99 19.42
N ASN A 375 -3.42 -0.28 18.46
CA ASN A 375 -3.51 -0.71 17.06
C ASN A 375 -2.19 -1.08 16.40
N GLY A 376 -1.09 -0.91 17.11
CA GLY A 376 0.19 -1.25 16.53
C GLY A 376 0.61 -0.24 15.47
N MET A 377 -0.25 0.74 15.22
CA MET A 377 0.05 1.78 14.23
C MET A 377 -1.06 2.83 14.25
N ILE A 378 -0.96 3.83 13.39
CA ILE A 378 -2.00 4.86 13.35
C ILE A 378 -3.02 4.53 12.27
N PRO A 379 -4.26 4.21 12.67
CA PRO A 379 -5.29 3.90 11.67
C PRO A 379 -5.83 5.21 11.07
N GLN A 380 -6.36 5.14 9.85
CA GLN A 380 -6.89 6.32 9.17
C GLN A 380 -7.49 7.33 10.16
N ASN A 381 -8.45 6.85 10.94
CA ASN A 381 -9.08 7.68 11.97
C ASN A 381 -9.70 6.71 12.97
N THR A 382 -10.15 7.22 14.12
CA THR A 382 -10.73 6.36 15.14
C THR A 382 -11.74 7.08 15.98
N TRP A 383 -12.56 6.31 16.69
CA TRP A 383 -13.54 6.89 17.60
C TRP A 383 -12.67 7.37 18.74
N ILE A 384 -13.22 8.15 19.66
CA ILE A 384 -12.41 8.63 20.76
C ILE A 384 -11.82 7.48 21.59
N SER A 385 -12.50 6.33 21.54
CA SER A 385 -12.04 5.15 22.27
C SER A 385 -10.72 4.64 21.71
N GLY A 386 -10.41 5.03 20.47
CA GLY A 386 -9.19 4.58 19.84
C GLY A 386 -9.52 3.49 18.83
N LYS A 387 -10.78 3.05 18.82
CA LYS A 387 -11.21 2.03 17.88
C LYS A 387 -11.25 2.66 16.48
N PRO A 388 -10.60 2.01 15.51
CA PRO A 388 -10.58 2.53 14.14
C PRO A 388 -11.96 2.65 13.51
N TYR A 389 -12.16 3.74 12.77
CA TYR A 389 -13.41 4.00 12.07
C TYR A 389 -13.17 3.54 10.63
N TRP A 390 -12.25 4.20 9.93
CA TRP A 390 -11.91 3.79 8.57
C TRP A 390 -10.55 3.11 8.68
N THR A 391 -10.12 2.43 7.61
CA THR A 391 -8.87 1.70 7.69
C THR A 391 -7.83 1.95 6.60
N GLY A 392 -7.91 3.10 5.94
CA GLY A 392 -6.93 3.37 4.90
C GLY A 392 -5.55 3.53 5.51
N ILE A 393 -4.51 3.33 4.70
CA ILE A 393 -3.13 3.47 5.18
C ILE A 393 -2.53 4.82 4.73
N GLN A 394 -2.54 5.80 5.64
CA GLN A 394 -1.99 7.13 5.35
C GLN A 394 -0.63 7.29 6.01
N LEU A 395 0.43 7.27 5.21
CA LEU A 395 1.78 7.41 5.74
C LEU A 395 2.03 8.71 6.48
N ASP A 396 1.40 9.80 6.05
CA ASP A 396 1.63 11.07 6.76
C ASP A 396 1.12 10.96 8.18
N GLU A 397 0.05 10.19 8.38
CA GLU A 397 -0.49 10.03 9.72
C GLU A 397 0.39 9.15 10.60
N GLN A 398 1.30 8.41 9.97
CA GLN A 398 2.21 7.56 10.72
C GLN A 398 3.40 8.43 11.12
N ALA A 399 3.69 9.44 10.32
CA ALA A 399 4.80 10.35 10.57
C ALA A 399 4.52 11.55 11.48
N ASP A 400 3.33 12.13 11.38
CA ASP A 400 2.99 13.30 12.19
C ASP A 400 3.19 13.16 13.70
N PRO A 401 2.78 12.03 14.28
CA PRO A 401 2.98 11.90 15.73
C PRO A 401 4.46 11.87 16.13
N ILE A 402 5.31 11.43 15.21
CA ILE A 402 6.74 11.40 15.48
C ILE A 402 7.25 12.85 15.47
N ILE A 403 6.79 13.62 14.49
CA ILE A 403 7.19 15.01 14.37
C ILE A 403 6.79 15.79 15.60
N LEU A 404 5.57 15.54 16.08
CA LEU A 404 5.05 16.21 17.27
C LEU A 404 5.86 15.81 18.50
N SER A 405 6.27 14.54 18.56
CA SER A 405 7.06 14.07 19.70
C SER A 405 8.35 14.87 19.75
N TYR A 406 8.98 15.05 18.61
CA TYR A 406 10.21 15.83 18.56
C TYR A 406 9.98 17.25 19.08
N ARG A 407 9.05 17.96 18.44
CA ARG A 407 8.76 19.33 18.86
C ARG A 407 8.42 19.48 20.33
N LEU A 408 7.74 18.48 20.90
CA LEU A 408 7.38 18.53 22.32
C LEU A 408 8.50 17.91 23.16
N LYS A 409 9.58 17.51 22.48
CA LYS A 409 10.76 16.92 23.11
C LYS A 409 10.42 15.76 24.04
N ARG A 410 9.39 15.01 23.66
CA ARG A 410 8.94 13.86 24.42
C ARG A 410 9.74 12.62 24.01
N TYR A 411 11.04 12.63 24.29
CA TYR A 411 11.91 11.51 23.93
C TYR A 411 11.57 10.25 24.72
N ASP A 412 10.71 10.40 25.72
CA ASP A 412 10.30 9.28 26.56
C ASP A 412 9.31 8.38 25.83
N LEU A 413 8.78 8.86 24.71
CA LEU A 413 7.80 8.09 23.94
C LEU A 413 8.47 7.32 22.80
N TYR A 414 9.79 7.24 22.82
CA TYR A 414 10.52 6.53 21.78
C TYR A 414 10.12 5.06 21.62
N ASP A 415 10.12 4.31 22.72
CA ASP A 415 9.78 2.88 22.67
C ASP A 415 8.32 2.57 22.36
N SER A 416 7.41 3.42 22.82
CA SER A 416 5.98 3.17 22.61
C SER A 416 5.36 3.89 21.40
N LEU A 417 5.99 4.97 20.95
CA LEU A 417 5.43 5.72 19.83
C LEU A 417 6.31 5.81 18.60
N VAL A 418 7.44 6.50 18.74
CA VAL A 418 8.36 6.74 17.65
C VAL A 418 8.94 5.53 16.93
N LYS A 419 9.57 4.63 17.68
CA LYS A 419 10.18 3.46 17.07
C LYS A 419 9.17 2.62 16.30
N PRO A 420 8.05 2.25 16.95
CA PRO A 420 7.07 1.43 16.22
C PRO A 420 6.55 2.10 14.94
N LEU A 421 6.25 3.40 15.00
CA LEU A 421 5.76 4.10 13.83
C LEU A 421 6.87 4.24 12.75
N ALA A 422 8.08 4.58 13.19
CA ALA A 422 9.18 4.73 12.25
C ALA A 422 9.49 3.41 11.55
N ASP A 423 9.54 2.32 12.31
CA ASP A 423 9.81 1.01 11.73
C ASP A 423 8.72 0.65 10.71
N PHE A 424 7.48 0.98 11.05
CA PHE A 424 6.36 0.71 10.16
C PHE A 424 6.57 1.50 8.86
N ILE A 425 6.82 2.80 8.99
CA ILE A 425 7.03 3.66 7.83
C ILE A 425 8.11 3.13 6.88
N ILE A 426 9.26 2.77 7.44
CA ILE A 426 10.35 2.25 6.62
C ILE A 426 9.99 0.93 5.96
N LYS A 427 9.08 0.20 6.59
CA LYS A 427 8.66 -1.09 6.07
C LYS A 427 7.74 -1.00 4.85
N ILE A 428 6.97 0.09 4.74
CA ILE A 428 6.04 0.23 3.62
C ILE A 428 6.25 1.48 2.78
N GLY A 429 6.96 2.47 3.33
CA GLY A 429 7.19 3.70 2.58
C GLY A 429 8.12 3.49 1.40
N PRO A 430 8.31 4.51 0.54
CA PRO A 430 7.67 5.84 0.64
C PRO A 430 6.26 5.94 0.05
N LYS A 431 5.86 4.97 -0.75
CA LYS A 431 4.53 4.98 -1.37
C LYS A 431 3.47 4.88 -0.25
N THR A 432 2.31 5.50 -0.45
CA THR A 432 1.27 5.49 0.56
C THR A 432 -0.06 4.88 0.08
N GLY A 433 -0.86 4.39 1.02
CA GLY A 433 -2.15 3.81 0.67
C GLY A 433 -3.05 4.90 0.13
N GLN A 434 -2.96 6.06 0.77
CA GLN A 434 -3.71 7.23 0.33
C GLN A 434 -3.02 8.47 0.87
N GLU A 435 -3.16 9.58 0.16
CA GLU A 435 -2.55 10.84 0.57
C GLU A 435 -3.46 11.53 1.59
N ARG A 436 -3.16 12.77 1.96
CA ARG A 436 -3.95 13.41 2.99
C ARG A 436 -5.43 13.64 2.74
N TRP A 437 -5.85 13.61 1.48
CA TRP A 437 -7.27 13.80 1.18
C TRP A 437 -8.02 12.46 1.31
N GLU A 438 -7.27 11.41 1.66
CA GLU A 438 -7.83 10.08 1.91
C GLU A 438 -8.49 9.41 0.71
N GLU A 439 -7.98 9.63 -0.49
CA GLU A 439 -8.64 9.05 -1.64
C GLU A 439 -7.80 8.22 -2.61
N ILE A 440 -6.50 8.47 -2.70
CA ILE A 440 -5.70 7.75 -3.66
C ILE A 440 -4.28 7.46 -3.18
N GLY A 441 -3.73 6.33 -3.64
CA GLY A 441 -2.39 5.92 -3.24
C GLY A 441 -1.36 6.24 -4.29
N GLY A 442 -0.09 6.10 -3.92
CA GLY A 442 1.00 6.39 -4.82
C GLY A 442 2.05 7.26 -4.15
N TYR A 443 2.86 7.95 -4.95
CA TYR A 443 3.90 8.80 -4.39
C TYR A 443 3.36 10.22 -4.37
N SER A 444 3.15 10.73 -3.16
CA SER A 444 2.62 12.08 -2.94
C SER A 444 3.69 12.99 -2.36
N PRO A 445 3.92 14.16 -2.98
CA PRO A 445 4.94 15.03 -2.41
C PRO A 445 4.61 15.43 -0.97
N ALA A 446 3.34 15.70 -0.68
CA ALA A 446 2.95 16.06 0.67
C ALA A 446 3.22 14.91 1.63
N THR A 447 2.83 13.69 1.27
CA THR A 447 3.06 12.54 2.13
C THR A 447 4.55 12.23 2.30
N MET A 448 5.31 12.27 1.21
CA MET A 448 6.75 12.00 1.29
C MET A 448 7.44 13.07 2.14
N ALA A 449 6.94 14.32 2.07
CA ALA A 449 7.51 15.40 2.87
C ALA A 449 7.35 15.02 4.33
N ALA A 450 6.16 14.55 4.68
CA ALA A 450 5.88 14.14 6.05
C ALA A 450 6.74 12.94 6.45
N GLU A 451 6.94 12.01 5.51
CA GLU A 451 7.73 10.81 5.79
C GLU A 451 9.21 11.17 6.03
N VAL A 452 9.75 12.07 5.23
CA VAL A 452 11.14 12.47 5.39
C VAL A 452 11.30 13.25 6.70
N ALA A 453 10.35 14.14 6.99
CA ALA A 453 10.40 14.92 8.21
C ALA A 453 10.20 14.00 9.41
N GLY A 454 9.28 13.05 9.27
CA GLY A 454 9.01 12.13 10.37
C GLY A 454 10.21 11.26 10.69
N LEU A 455 10.83 10.69 9.66
CA LEU A 455 11.99 9.83 9.87
C LEU A 455 13.20 10.60 10.40
N THR A 456 13.32 11.86 10.01
CA THR A 456 14.42 12.67 10.49
C THR A 456 14.21 12.89 11.98
N CYS A 457 12.99 13.23 12.36
CA CYS A 457 12.66 13.45 13.77
C CYS A 457 12.87 12.16 14.56
N ALA A 458 12.53 11.03 13.94
CA ALA A 458 12.68 9.73 14.59
C ALA A 458 14.15 9.47 14.94
N ALA A 459 15.04 9.83 14.03
CA ALA A 459 16.47 9.64 14.23
C ALA A 459 16.98 10.48 15.39
N TYR A 460 16.52 11.72 15.44
CA TYR A 460 16.93 12.64 16.51
C TYR A 460 16.55 12.07 17.86
N ILE A 461 15.32 11.57 17.95
CA ILE A 461 14.79 10.98 19.18
C ILE A 461 15.48 9.67 19.49
N ALA A 462 15.92 8.96 18.46
CA ALA A 462 16.61 7.70 18.65
C ALA A 462 17.99 7.99 19.28
N GLU A 463 18.65 9.05 18.84
CA GLU A 463 19.94 9.41 19.40
C GLU A 463 19.77 9.80 20.85
N GLN A 464 18.73 10.57 21.14
CA GLN A 464 18.42 11.00 22.51
C GLN A 464 18.28 9.77 23.40
N ASN A 465 17.83 8.68 22.80
CA ASN A 465 17.65 7.42 23.52
C ASN A 465 18.83 6.51 23.27
N LYS A 466 19.92 7.11 22.79
CA LYS A 466 21.16 6.39 22.51
C LYS A 466 21.00 5.15 21.62
N ASP A 467 20.06 5.23 20.68
CA ASP A 467 19.82 4.13 19.74
C ASP A 467 20.41 4.58 18.41
N TYR A 468 21.73 4.78 18.40
CA TYR A 468 22.44 5.24 17.22
C TYR A 468 22.23 4.38 15.98
N GLU A 469 21.97 3.09 16.17
CA GLU A 469 21.75 2.20 15.05
C GLU A 469 20.47 2.58 14.33
N SER A 470 19.38 2.70 15.10
CA SER A 470 18.10 3.08 14.52
C SER A 470 18.23 4.48 13.91
N ALA A 471 18.86 5.39 14.65
CA ALA A 471 19.04 6.75 14.20
C ALA A 471 19.65 6.79 12.80
N GLN A 472 20.73 6.03 12.61
CA GLN A 472 21.41 5.96 11.33
C GLN A 472 20.48 5.40 10.25
N LYS A 473 19.81 4.31 10.59
CA LYS A 473 18.88 3.65 9.68
C LYS A 473 17.76 4.61 9.27
N TYR A 474 17.25 5.36 10.24
CA TYR A 474 16.18 6.32 10.00
C TYR A 474 16.59 7.48 9.10
N GLN A 475 17.70 8.16 9.43
CA GLN A 475 18.16 9.29 8.63
C GLN A 475 18.57 8.91 7.21
N GLU A 476 19.21 7.76 7.04
CA GLU A 476 19.62 7.34 5.70
C GLU A 476 18.38 7.18 4.83
N LYS A 477 17.36 6.54 5.39
CA LYS A 477 16.11 6.33 4.67
C LYS A 477 15.48 7.68 4.35
N ALA A 478 15.51 8.59 5.32
CA ALA A 478 14.95 9.92 5.14
C ALA A 478 15.67 10.67 4.01
N ASP A 479 17.00 10.57 3.99
CA ASP A 479 17.81 11.23 2.96
C ASP A 479 17.55 10.64 1.59
N ASN A 480 17.47 9.31 1.52
CA ASN A 480 17.21 8.63 0.26
C ASN A 480 15.86 9.06 -0.30
N TRP A 481 14.83 9.01 0.54
CA TRP A 481 13.49 9.40 0.12
C TRP A 481 13.44 10.89 -0.21
N GLN A 482 14.16 11.70 0.56
CA GLN A 482 14.18 13.13 0.32
C GLN A 482 14.74 13.41 -1.08
N LYS A 483 15.77 12.64 -1.46
CA LYS A 483 16.42 12.77 -2.76
C LYS A 483 15.60 12.22 -3.92
N LEU A 484 14.64 11.35 -3.63
CA LEU A 484 13.82 10.75 -4.68
C LEU A 484 12.50 11.49 -4.93
N ILE A 485 12.16 12.43 -4.06
CA ILE A 485 10.93 13.18 -4.21
C ILE A 485 10.75 13.76 -5.60
N ASP A 486 11.76 14.51 -6.07
CA ASP A 486 11.68 15.12 -7.38
C ASP A 486 11.52 14.07 -8.47
N ASN A 487 12.36 13.03 -8.43
CA ASN A 487 12.31 11.96 -9.41
C ASN A 487 10.99 11.19 -9.44
N LEU A 488 10.32 11.12 -8.29
CA LEU A 488 9.06 10.39 -8.20
C LEU A 488 7.80 11.22 -8.41
N THR A 489 7.85 12.50 -8.03
CA THR A 489 6.65 13.32 -8.11
C THR A 489 6.69 14.59 -8.95
N TYR A 490 7.87 14.94 -9.47
CA TYR A 490 8.01 16.14 -10.27
C TYR A 490 8.00 15.81 -11.76
N THR A 491 6.94 16.22 -12.45
CA THR A 491 6.85 15.94 -13.88
C THR A 491 7.49 17.06 -14.69
N GLU A 492 7.97 16.70 -15.86
CA GLU A 492 8.59 17.65 -16.76
C GLU A 492 7.93 17.42 -18.11
N ASN A 493 6.86 16.64 -18.08
CA ASN A 493 6.12 16.29 -19.28
C ASN A 493 4.63 16.54 -19.09
N GLY A 494 4.30 17.50 -18.21
CA GLY A 494 2.91 17.79 -17.93
C GLY A 494 2.20 18.63 -18.99
N PRO A 495 0.87 18.47 -19.11
CA PRO A 495 0.07 19.22 -20.07
C PRO A 495 -0.26 20.65 -19.62
N LEU A 496 0.02 20.95 -18.37
CA LEU A 496 -0.28 22.28 -17.85
C LEU A 496 0.90 23.23 -17.92
N GLY A 497 0.61 24.49 -18.19
CA GLY A 497 1.64 25.51 -18.27
C GLY A 497 2.89 25.09 -19.03
N ASN A 498 4.05 25.31 -18.43
CA ASN A 498 5.30 24.93 -19.07
C ASN A 498 5.56 23.44 -18.89
N GLY A 499 4.57 22.72 -18.38
CA GLY A 499 4.71 21.28 -18.18
C GLY A 499 5.68 20.79 -17.13
N GLN A 500 6.16 21.70 -16.28
CA GLN A 500 7.09 21.34 -15.22
C GLN A 500 6.50 21.70 -13.87
N TYR A 501 6.19 20.68 -13.07
CA TYR A 501 5.59 20.91 -11.77
C TYR A 501 5.35 19.62 -11.00
N TYR A 502 5.20 19.76 -9.68
CA TYR A 502 4.90 18.60 -8.84
C TYR A 502 3.45 18.26 -9.13
N ILE A 503 3.14 16.98 -9.27
CA ILE A 503 1.77 16.61 -9.54
C ILE A 503 1.16 16.20 -8.21
N ARG A 504 -0.16 16.05 -8.17
CA ARG A 504 -0.82 15.65 -6.93
C ARG A 504 -0.31 14.30 -6.42
N ILE A 505 -0.21 13.32 -7.32
CA ILE A 505 0.27 12.01 -6.92
C ILE A 505 0.66 11.15 -8.13
N ALA A 506 1.81 10.49 -8.04
CA ALA A 506 2.29 9.64 -9.12
C ALA A 506 1.86 8.20 -8.84
N GLY A 507 1.17 7.61 -9.82
CA GLY A 507 0.69 6.26 -9.66
C GLY A 507 1.79 5.21 -9.69
N LEU A 508 2.92 5.57 -10.30
CA LEU A 508 4.06 4.68 -10.38
C LEU A 508 5.34 5.50 -10.23
N SER A 509 6.49 4.82 -10.17
CA SER A 509 7.77 5.49 -10.00
C SER A 509 8.26 6.33 -11.18
N ASP A 510 7.33 6.94 -11.92
CA ASP A 510 7.72 7.78 -13.05
C ASP A 510 6.67 8.87 -13.30
N PRO A 511 6.90 10.07 -12.77
CA PRO A 511 5.95 11.19 -12.93
C PRO A 511 5.80 11.67 -14.38
N ASP A 512 6.70 11.23 -15.26
CA ASP A 512 6.61 11.64 -16.66
C ASP A 512 5.80 10.65 -17.49
N ALA A 513 5.66 9.44 -16.99
CA ALA A 513 4.91 8.41 -17.70
C ALA A 513 3.42 8.71 -17.69
N ASP A 514 2.69 8.03 -18.58
CA ASP A 514 1.25 8.18 -18.65
C ASP A 514 0.69 7.16 -17.68
N PHE A 515 -0.27 7.57 -16.87
CA PHE A 515 -0.89 6.67 -15.90
C PHE A 515 -2.24 7.28 -15.56
N MET A 516 -3.29 6.50 -15.74
CA MET A 516 -4.64 6.96 -15.46
C MET A 516 -4.97 6.77 -13.99
N ILE A 517 -5.60 7.77 -13.40
CA ILE A 517 -6.01 7.66 -12.00
C ILE A 517 -7.50 7.95 -11.90
N ASN A 518 -8.14 7.37 -10.90
CA ASN A 518 -9.56 7.55 -10.68
C ASN A 518 -9.78 8.53 -9.54
N ILE A 519 -10.42 9.66 -9.83
CA ILE A 519 -10.71 10.68 -8.81
C ILE A 519 -11.96 10.22 -8.05
N ALA A 520 -11.94 10.37 -6.72
CA ALA A 520 -13.08 9.98 -5.89
C ALA A 520 -14.27 10.91 -6.01
N ASN A 521 -15.35 10.55 -5.31
CA ASN A 521 -16.58 11.35 -5.32
C ASN A 521 -17.06 11.69 -6.73
N GLY A 522 -16.94 10.71 -7.63
CA GLY A 522 -17.36 10.88 -9.01
C GLY A 522 -16.60 11.90 -9.83
N GLY A 523 -15.39 12.23 -9.39
CA GLY A 523 -14.60 13.22 -10.10
C GLY A 523 -14.13 12.86 -11.50
N GLY A 524 -14.18 11.59 -11.87
CA GLY A 524 -13.76 11.20 -13.20
C GLY A 524 -12.37 10.57 -13.27
N VAL A 525 -11.91 10.31 -14.50
CA VAL A 525 -10.61 9.68 -14.71
C VAL A 525 -9.69 10.59 -15.52
N TYR A 526 -8.46 10.76 -15.07
CA TYR A 526 -7.50 11.61 -15.76
C TYR A 526 -6.10 11.05 -15.67
N ASP A 527 -5.18 11.63 -16.45
CA ASP A 527 -3.79 11.18 -16.40
C ASP A 527 -3.17 11.87 -15.18
N GLN A 528 -2.31 11.16 -14.47
CA GLN A 528 -1.68 11.72 -13.27
C GLN A 528 -1.07 13.10 -13.48
N LYS A 529 -0.50 13.32 -14.65
CA LYS A 529 0.14 14.60 -14.96
C LYS A 529 -0.84 15.76 -15.11
N GLU A 530 -2.13 15.45 -15.15
CA GLU A 530 -3.16 16.48 -15.30
C GLU A 530 -3.59 17.06 -13.95
N ILE A 531 -3.31 16.34 -12.87
CA ILE A 531 -3.75 16.77 -11.55
C ILE A 531 -2.72 17.42 -10.64
N VAL A 532 -3.01 18.66 -10.25
CA VAL A 532 -2.15 19.40 -9.34
C VAL A 532 -2.86 19.57 -8.02
N ASP A 533 -2.10 19.81 -6.96
CA ASP A 533 -2.66 19.90 -5.61
C ASP A 533 -1.78 20.85 -4.80
N PRO A 534 -2.38 21.86 -4.14
CA PRO A 534 -1.54 22.79 -3.35
C PRO A 534 -0.83 22.10 -2.17
N SER A 535 -1.19 20.86 -1.92
CA SER A 535 -0.57 20.12 -0.84
C SER A 535 0.95 19.99 -1.04
N PHE A 536 1.43 20.28 -2.24
CA PHE A 536 2.86 20.15 -2.48
C PHE A 536 3.59 21.16 -1.61
N LEU A 537 2.89 22.22 -1.21
CA LEU A 537 3.51 23.24 -0.38
C LEU A 537 3.94 22.69 0.97
N GLU A 538 3.51 21.46 1.28
CA GLU A 538 3.88 20.80 2.53
C GLU A 538 5.38 20.55 2.53
N LEU A 539 5.95 20.47 1.33
CA LEU A 539 7.38 20.24 1.18
C LEU A 539 8.15 21.37 1.86
N VAL A 540 7.74 22.61 1.62
CA VAL A 540 8.42 23.75 2.23
C VAL A 540 7.96 23.93 3.66
N ARG A 541 6.67 23.70 3.91
CA ARG A 541 6.10 23.83 5.24
C ARG A 541 6.89 22.96 6.25
N LEU A 542 7.20 21.73 5.86
CA LEU A 542 7.94 20.81 6.73
C LEU A 542 9.46 20.96 6.71
N GLY A 543 9.97 21.83 5.85
CA GLY A 543 11.41 22.04 5.76
C GLY A 543 12.14 21.01 4.91
N VAL A 544 11.43 20.43 3.94
CA VAL A 544 11.99 19.42 3.05
C VAL A 544 12.52 20.03 1.76
N LYS A 545 11.96 21.18 1.38
CA LYS A 545 12.37 21.90 0.20
C LYS A 545 12.36 23.39 0.53
N SER A 546 13.23 24.15 -0.13
CA SER A 546 13.29 25.59 0.11
C SER A 546 12.13 26.29 -0.56
N ALA A 547 11.68 27.39 0.04
CA ALA A 547 10.57 28.15 -0.49
C ALA A 547 10.91 28.72 -1.87
N ASP A 548 12.20 28.98 -2.13
CA ASP A 548 12.61 29.54 -3.41
C ASP A 548 13.07 28.50 -4.42
N ASP A 549 12.89 27.22 -4.10
CA ASP A 549 13.26 26.16 -5.01
C ASP A 549 12.49 26.37 -6.32
N PRO A 550 13.19 26.45 -7.44
CA PRO A 550 12.51 26.66 -8.73
C PRO A 550 11.39 25.64 -9.02
N LYS A 551 11.50 24.44 -8.48
CA LYS A 551 10.47 23.44 -8.70
C LYS A 551 9.21 23.84 -7.96
N ILE A 552 9.41 24.48 -6.80
CA ILE A 552 8.30 24.97 -5.99
C ILE A 552 7.63 26.13 -6.74
N LEU A 553 8.45 27.07 -7.21
CA LEU A 553 7.93 28.23 -7.94
C LEU A 553 7.19 27.82 -9.22
N ASN A 554 7.71 26.81 -9.91
CA ASN A 554 7.08 26.33 -11.14
C ASN A 554 5.71 25.74 -10.86
N THR A 555 5.61 24.97 -9.78
CA THR A 555 4.35 24.33 -9.42
C THR A 555 3.33 25.40 -9.01
N LEU A 556 3.80 26.39 -8.28
CA LEU A 556 2.97 27.48 -7.80
C LEU A 556 2.26 28.15 -8.99
N LYS A 557 2.99 28.34 -10.09
CA LYS A 557 2.42 28.97 -11.29
C LYS A 557 1.28 28.16 -11.86
N VAL A 558 1.46 26.84 -11.94
CA VAL A 558 0.45 25.95 -12.47
C VAL A 558 -0.75 25.86 -11.52
N VAL A 559 -0.47 25.77 -10.22
CA VAL A 559 -1.55 25.68 -9.25
C VAL A 559 -2.42 26.94 -9.27
N ASP A 560 -1.80 28.12 -9.29
CA ASP A 560 -2.58 29.35 -9.31
C ASP A 560 -3.31 29.59 -10.63
N SER A 561 -2.81 28.99 -11.71
CA SER A 561 -3.43 29.11 -13.03
C SER A 561 -4.61 28.17 -13.19
N THR A 562 -4.61 27.09 -12.42
CA THR A 562 -5.66 26.10 -12.56
C THR A 562 -6.67 25.94 -11.42
N ILE A 563 -6.24 26.11 -10.17
CA ILE A 563 -7.18 25.93 -9.06
C ILE A 563 -7.27 27.06 -8.05
N LYS A 564 -6.80 28.24 -8.43
CA LYS A 564 -6.89 29.38 -7.53
C LYS A 564 -8.12 30.19 -7.91
N VAL A 565 -8.87 30.62 -6.90
CA VAL A 565 -10.06 31.44 -7.13
C VAL A 565 -10.02 32.64 -6.20
N ASP A 566 -10.17 33.83 -6.76
CA ASP A 566 -10.21 35.05 -5.95
C ASP A 566 -11.68 35.33 -5.66
N THR A 567 -12.10 35.08 -4.43
CA THR A 567 -13.50 35.32 -4.06
C THR A 567 -13.69 36.76 -3.55
N PRO A 568 -14.95 37.18 -3.36
CA PRO A 568 -15.13 38.56 -2.85
C PRO A 568 -14.70 38.68 -1.40
N LYS A 569 -14.19 37.59 -0.84
CA LYS A 569 -13.72 37.55 0.55
C LYS A 569 -12.20 37.39 0.55
N GLY A 570 -11.65 37.10 -0.62
CA GLY A 570 -10.21 36.93 -0.73
C GLY A 570 -9.86 35.67 -1.50
N PRO A 571 -8.56 35.35 -1.62
CA PRO A 571 -8.12 34.17 -2.35
C PRO A 571 -8.24 32.84 -1.61
N SER A 572 -8.58 31.80 -2.36
CA SER A 572 -8.67 30.46 -1.83
C SER A 572 -8.38 29.48 -2.96
N TRP A 573 -8.19 28.22 -2.62
CA TRP A 573 -7.87 27.19 -3.58
C TRP A 573 -8.72 25.93 -3.41
N TYR A 574 -8.78 25.13 -4.47
CA TYR A 574 -9.47 23.85 -4.47
C TYR A 574 -8.38 22.88 -4.02
N ARG A 575 -8.77 21.70 -3.56
CA ARG A 575 -7.79 20.71 -3.13
C ARG A 575 -7.02 20.18 -4.35
N TYR A 576 -7.72 20.11 -5.48
CA TYR A 576 -7.13 19.63 -6.74
C TYR A 576 -8.19 19.73 -7.84
N ASN A 577 -7.75 19.77 -9.09
CA ASN A 577 -8.68 19.87 -10.20
C ASN A 577 -9.55 18.63 -10.30
N HIS A 578 -10.85 18.84 -10.48
CA HIS A 578 -11.85 17.78 -10.64
C HIS A 578 -12.33 17.18 -9.32
N ASP A 579 -11.98 17.83 -8.22
CA ASP A 579 -12.40 17.38 -6.90
C ASP A 579 -13.92 17.33 -6.90
N GLY A 580 -14.50 16.24 -6.36
CA GLY A 580 -15.94 16.13 -6.34
C GLY A 580 -16.55 16.11 -4.94
N TYR A 581 -15.72 16.31 -3.93
CA TYR A 581 -16.18 16.30 -2.54
C TYR A 581 -16.82 17.63 -2.12
N GLY A 582 -18.07 17.84 -2.54
CA GLY A 582 -18.79 19.05 -2.21
C GLY A 582 -20.19 19.04 -2.81
N GLU A 583 -20.97 20.09 -2.57
CA GLU A 583 -22.32 20.14 -3.14
C GLU A 583 -22.23 20.14 -4.66
N PRO A 584 -23.12 19.38 -5.33
CA PRO A 584 -23.10 19.33 -6.79
C PRO A 584 -23.59 20.64 -7.38
N SER A 585 -24.41 21.35 -6.61
CA SER A 585 -24.95 22.63 -7.04
C SER A 585 -25.27 23.47 -5.82
N LYS A 586 -25.71 24.69 -6.08
CA LYS A 586 -26.06 25.62 -5.01
C LYS A 586 -27.31 25.16 -4.26
N THR A 587 -28.15 24.37 -4.90
CA THR A 587 -29.39 23.91 -4.25
C THR A 587 -29.43 22.43 -3.90
N GLU A 588 -28.29 21.76 -3.95
CA GLU A 588 -28.23 20.34 -3.63
C GLU A 588 -27.14 20.04 -2.61
N LEU A 589 -27.43 19.13 -1.68
CA LEU A 589 -26.45 18.76 -0.68
C LEU A 589 -25.60 17.61 -1.21
N TYR A 590 -24.43 17.42 -0.62
CA TYR A 590 -23.52 16.34 -1.02
C TYR A 590 -24.05 15.01 -0.50
N HIS A 591 -24.08 14.01 -1.38
CA HIS A 591 -24.52 12.68 -0.99
C HIS A 591 -23.59 11.63 -1.55
N GLY A 592 -22.33 12.01 -1.79
CA GLY A 592 -21.38 11.06 -2.31
C GLY A 592 -20.66 11.52 -3.55
N ALA A 593 -21.29 12.40 -4.32
CA ALA A 593 -20.68 12.91 -5.54
C ALA A 593 -21.18 14.31 -5.86
N GLY A 594 -20.25 15.23 -6.06
CA GLY A 594 -20.62 16.59 -6.38
C GLY A 594 -19.43 17.39 -6.90
N LYS A 595 -19.30 18.61 -6.41
CA LYS A 595 -18.18 19.46 -6.82
C LYS A 595 -17.47 19.98 -5.57
N GLY A 596 -16.18 19.68 -5.48
CA GLY A 596 -15.42 20.17 -4.36
C GLY A 596 -15.40 21.69 -4.43
N ARG A 597 -15.41 22.36 -3.28
CA ARG A 597 -15.39 23.81 -3.28
C ARG A 597 -14.06 24.33 -2.73
N LEU A 598 -14.00 25.61 -2.39
CA LEU A 598 -12.78 26.24 -1.88
C LEU A 598 -12.54 25.98 -0.40
N TRP A 599 -11.29 25.70 -0.04
CA TRP A 599 -10.93 25.42 1.35
C TRP A 599 -10.17 26.56 2.04
N PRO A 600 -10.83 27.29 2.96
CA PRO A 600 -10.07 28.37 3.60
C PRO A 600 -8.80 27.80 4.25
N LEU A 601 -8.81 26.51 4.55
CA LEU A 601 -7.63 25.84 5.12
C LEU A 601 -6.44 26.06 4.20
N LEU A 602 -6.68 25.93 2.90
CA LEU A 602 -5.61 26.11 1.93
C LEU A 602 -5.19 27.56 1.76
N THR A 603 -6.06 28.50 2.11
CA THR A 603 -5.70 29.91 2.04
C THR A 603 -4.62 30.14 3.10
N GLY A 604 -4.86 29.57 4.27
CA GLY A 604 -3.90 29.69 5.36
C GLY A 604 -2.61 29.01 5.00
N GLU A 605 -2.68 27.82 4.40
CA GLU A 605 -1.48 27.10 4.03
C GLU A 605 -0.63 27.91 3.07
N ARG A 606 -1.28 28.61 2.13
CA ARG A 606 -0.52 29.43 1.20
C ARG A 606 0.11 30.56 1.99
N GLY A 607 -0.63 31.07 2.97
CA GLY A 607 -0.12 32.13 3.81
C GLY A 607 1.17 31.71 4.48
N MET A 608 1.19 30.47 4.97
CA MET A 608 2.36 29.93 5.65
C MET A 608 3.51 29.74 4.67
N TYR A 609 3.20 29.46 3.42
CA TYR A 609 4.25 29.31 2.44
C TYR A 609 4.87 30.69 2.18
N GLU A 610 4.02 31.70 2.02
CA GLU A 610 4.48 33.06 1.76
C GLU A 610 5.44 33.51 2.87
N ILE A 611 5.12 33.17 4.11
CA ILE A 611 6.00 33.55 5.21
C ILE A 611 7.36 32.88 5.05
N ALA A 612 7.37 31.61 4.64
CA ALA A 612 8.61 30.88 4.43
C ALA A 612 9.39 31.51 3.28
N ALA A 613 8.67 32.18 2.39
CA ALA A 613 9.30 32.83 1.24
C ALA A 613 9.68 34.25 1.58
N GLY A 614 9.61 34.59 2.87
CA GLY A 614 9.95 35.92 3.32
C GLY A 614 9.02 37.01 2.82
N LYS A 615 7.73 36.69 2.68
CA LYS A 615 6.78 37.69 2.20
C LYS A 615 5.66 37.96 3.20
N ASP A 616 4.93 39.03 2.97
CA ASP A 616 3.83 39.42 3.85
C ASP A 616 2.65 38.49 3.62
N ALA A 617 2.16 37.88 4.69
CA ALA A 617 1.04 36.96 4.62
C ALA A 617 -0.23 37.60 5.16
N THR A 618 -0.15 38.90 5.47
CA THR A 618 -1.29 39.63 6.02
C THR A 618 -2.58 39.45 5.22
N PRO A 619 -2.52 39.54 3.88
CA PRO A 619 -3.78 39.37 3.14
C PRO A 619 -4.38 37.96 3.33
N TYR A 620 -3.53 36.98 3.61
CA TYR A 620 -4.01 35.62 3.82
C TYR A 620 -4.63 35.52 5.21
N VAL A 621 -4.07 36.25 6.15
CA VAL A 621 -4.63 36.27 7.50
C VAL A 621 -6.01 36.90 7.41
N LYS A 622 -6.10 38.03 6.71
CA LYS A 622 -7.36 38.74 6.56
C LYS A 622 -8.39 37.93 5.79
N ALA A 623 -7.95 37.21 4.77
CA ALA A 623 -8.85 36.40 3.97
C ALA A 623 -9.54 35.33 4.84
N MET A 624 -8.78 34.68 5.70
CA MET A 624 -9.35 33.66 6.56
C MET A 624 -10.36 34.28 7.51
N GLU A 625 -10.04 35.47 8.01
CA GLU A 625 -10.95 36.15 8.92
C GLU A 625 -12.29 36.40 8.25
N LYS A 626 -12.24 36.82 6.99
CA LYS A 626 -13.46 37.09 6.25
C LYS A 626 -14.23 35.80 5.92
N PHE A 627 -13.52 34.68 5.77
CA PHE A 627 -14.20 33.41 5.47
C PHE A 627 -14.98 32.90 6.69
N ALA A 628 -14.57 33.36 7.87
CA ALA A 628 -15.24 32.98 9.10
C ALA A 628 -16.66 33.55 9.06
N ASN A 629 -17.61 32.86 9.67
CA ASN A 629 -18.98 33.33 9.70
C ASN A 629 -19.17 34.31 10.87
N GLU A 630 -20.40 34.76 11.07
CA GLU A 630 -20.72 35.70 12.14
C GLU A 630 -20.30 35.20 13.53
N GLY A 631 -20.31 33.89 13.73
CA GLY A 631 -19.91 33.34 15.02
C GLY A 631 -18.41 33.15 15.13
N GLY A 632 -17.68 33.60 14.11
CA GLY A 632 -16.23 33.47 14.08
C GLY A 632 -15.79 32.04 13.83
N ILE A 633 -16.67 31.26 13.21
CA ILE A 633 -16.38 29.86 12.90
C ILE A 633 -15.98 29.66 11.44
N ILE A 634 -14.92 28.88 11.24
CA ILE A 634 -14.41 28.59 9.91
C ILE A 634 -14.82 27.19 9.45
N SER A 635 -15.43 27.13 8.26
CA SER A 635 -15.87 25.87 7.69
C SER A 635 -14.78 25.25 6.82
N GLU A 636 -14.97 23.98 6.49
CA GLU A 636 -14.03 23.25 5.65
C GLU A 636 -13.99 23.84 4.24
N GLN A 637 -15.16 24.19 3.72
CA GLN A 637 -15.26 24.74 2.37
C GLN A 637 -16.19 25.95 2.25
N VAL A 638 -15.93 26.80 1.27
CA VAL A 638 -16.75 27.98 1.00
C VAL A 638 -17.05 28.04 -0.50
N TRP A 639 -18.15 28.71 -0.86
CA TRP A 639 -18.55 28.84 -2.26
C TRP A 639 -17.61 29.79 -3.01
N GLU A 640 -17.42 29.52 -4.29
CA GLU A 640 -16.55 30.34 -5.14
C GLU A 640 -17.11 31.73 -5.42
N ASP A 641 -18.41 31.82 -5.67
CA ASP A 641 -19.03 33.09 -6.00
C ASP A 641 -19.21 34.11 -4.86
N THR A 642 -19.49 33.62 -3.66
CA THR A 642 -19.71 34.50 -2.51
C THR A 642 -18.64 34.40 -1.42
N GLY A 643 -17.99 33.25 -1.35
CA GLY A 643 -16.98 33.07 -0.33
C GLY A 643 -17.63 32.69 0.99
N LEU A 644 -18.94 32.46 0.98
CA LEU A 644 -19.69 32.08 2.18
C LEU A 644 -19.58 30.57 2.44
N PRO A 645 -19.79 30.15 3.70
CA PRO A 645 -19.70 28.73 4.06
C PRO A 645 -20.63 27.84 3.25
N THR A 646 -20.21 26.61 2.97
CA THR A 646 -21.09 25.66 2.28
C THR A 646 -21.65 24.83 3.43
N ASP A 647 -22.32 23.72 3.12
CA ASP A 647 -22.88 22.88 4.18
C ASP A 647 -21.86 21.81 4.59
N SER A 648 -20.58 22.10 4.36
CA SER A 648 -19.50 21.20 4.74
C SER A 648 -19.25 21.36 6.24
N ALA A 649 -18.38 20.51 6.79
CA ALA A 649 -18.09 20.57 8.22
C ALA A 649 -17.64 21.94 8.76
N SER A 650 -18.11 22.25 9.95
CA SER A 650 -17.74 23.49 10.63
C SER A 650 -18.08 23.33 12.12
N PRO A 651 -17.19 23.82 13.00
CA PRO A 651 -15.94 24.49 12.63
C PRO A 651 -14.94 23.41 12.22
N LEU A 652 -14.09 23.68 11.24
CA LEU A 652 -13.10 22.68 10.88
C LEU A 652 -11.91 23.01 11.77
N ASN A 653 -11.73 22.23 12.82
CA ASN A 653 -10.64 22.49 13.77
C ASN A 653 -9.29 22.69 13.13
N TRP A 654 -9.00 21.91 12.08
CA TRP A 654 -7.74 22.03 11.38
C TRP A 654 -7.61 23.44 10.78
N ALA A 655 -8.70 23.96 10.22
CA ALA A 655 -8.65 25.29 9.63
C ALA A 655 -8.46 26.35 10.71
N HIS A 656 -9.03 26.13 11.89
CA HIS A 656 -8.87 27.08 12.98
C HIS A 656 -7.43 27.04 13.48
N ALA A 657 -6.87 25.82 13.55
CA ALA A 657 -5.51 25.66 13.99
C ALA A 657 -4.61 26.41 13.01
N GLU A 658 -4.87 26.24 11.73
CA GLU A 658 -4.10 26.90 10.68
C GLU A 658 -4.18 28.41 10.87
N TYR A 659 -5.36 28.93 11.17
CA TYR A 659 -5.49 30.38 11.37
C TYR A 659 -4.61 30.86 12.51
N VAL A 660 -4.64 30.13 13.61
CA VAL A 660 -3.85 30.48 14.79
C VAL A 660 -2.35 30.53 14.45
N ILE A 661 -1.85 29.46 13.83
CA ILE A 661 -0.45 29.39 13.47
C ILE A 661 -0.07 30.45 12.46
N LEU A 662 -0.97 30.71 11.50
CA LEU A 662 -0.71 31.73 10.49
C LEU A 662 -0.67 33.11 11.12
N PHE A 663 -1.65 33.38 11.98
CA PHE A 663 -1.77 34.65 12.68
C PHE A 663 -0.50 34.94 13.49
N ALA A 664 -0.04 33.95 14.24
CA ALA A 664 1.15 34.09 15.05
C ALA A 664 2.41 34.17 14.19
N SER A 665 2.49 33.30 13.18
CA SER A 665 3.66 33.27 12.30
C SER A 665 3.83 34.58 11.55
N ASN A 666 2.72 35.19 11.16
CA ASN A 666 2.77 36.45 10.44
C ASN A 666 3.27 37.55 11.35
N ILE A 667 3.14 37.35 12.66
CA ILE A 667 3.60 38.33 13.62
C ILE A 667 5.08 38.10 13.89
N GLU A 668 5.44 36.84 14.13
CA GLU A 668 6.83 36.47 14.43
C GLU A 668 7.71 36.45 13.18
N HIS A 669 7.08 36.51 12.01
CA HIS A 669 7.79 36.48 10.73
C HIS A 669 8.57 35.17 10.53
N LYS A 670 7.89 34.06 10.78
CA LYS A 670 8.50 32.74 10.61
C LYS A 670 7.49 31.61 10.79
N VAL A 671 7.76 30.50 10.11
CA VAL A 671 6.89 29.34 10.16
C VAL A 671 7.05 28.67 11.52
N LEU A 672 6.20 29.07 12.46
CA LEU A 672 6.23 28.55 13.83
C LEU A 672 6.10 27.04 14.01
N ASP A 673 5.47 26.34 13.06
CA ASP A 673 5.32 24.91 13.20
C ASP A 673 6.26 24.05 12.34
N MET A 674 7.28 24.65 11.78
CA MET A 674 8.24 23.90 10.96
C MET A 674 9.35 23.30 11.83
N PRO A 675 9.53 21.98 11.80
CA PRO A 675 10.58 21.36 12.61
C PRO A 675 11.98 21.77 12.14
N ASP A 676 12.65 22.59 12.95
CA ASP A 676 13.98 23.11 12.61
C ASP A 676 14.99 22.05 12.16
N ILE A 677 15.00 20.91 12.83
CA ILE A 677 15.92 19.83 12.49
C ILE A 677 15.81 19.44 11.03
N VAL A 678 14.60 19.35 10.51
CA VAL A 678 14.38 18.98 9.12
C VAL A 678 14.83 20.12 8.22
N TYR A 679 14.39 21.33 8.54
CA TYR A 679 14.74 22.53 7.76
C TYR A 679 16.24 22.69 7.59
N LYS A 680 16.98 22.64 8.69
CA LYS A 680 18.42 22.80 8.67
C LYS A 680 19.16 21.72 7.89
N ARG A 681 18.53 20.57 7.69
CA ARG A 681 19.17 19.49 6.97
C ARG A 681 18.85 19.47 5.48
N TYR A 682 17.71 20.03 5.10
CA TYR A 682 17.33 19.99 3.70
C TYR A 682 17.08 21.33 3.02
N VAL A 683 16.65 22.32 3.79
CA VAL A 683 16.32 23.63 3.22
C VAL A 683 17.29 24.76 3.54
N ALA A 684 17.78 24.78 4.78
CA ALA A 684 18.71 25.81 5.22
C ALA A 684 19.86 25.94 4.21
N SER B 11 54.62 -23.42 -5.78
CA SER B 11 54.07 -24.69 -6.32
C SER B 11 53.97 -24.65 -7.84
N ILE B 12 53.19 -23.70 -8.36
CA ILE B 12 53.02 -23.56 -9.79
C ILE B 12 53.88 -22.42 -10.32
N LYS B 13 54.46 -22.63 -11.49
CA LYS B 13 55.30 -21.62 -12.13
C LYS B 13 54.42 -20.82 -13.09
N ILE B 14 54.30 -19.53 -12.85
CA ILE B 14 53.50 -18.66 -13.71
C ILE B 14 54.38 -17.68 -14.47
N ASP B 15 54.22 -17.64 -15.79
CA ASP B 15 55.00 -16.74 -16.63
C ASP B 15 54.05 -15.88 -17.45
N ARG B 16 53.90 -14.61 -17.06
CA ARG B 16 53.03 -13.70 -17.79
C ARG B 16 53.83 -12.94 -18.83
N PHE B 17 53.21 -12.67 -19.97
CA PHE B 17 53.88 -11.96 -21.06
C PHE B 17 52.93 -11.12 -21.88
N ASN B 18 53.38 -9.92 -22.24
CA ASN B 18 52.57 -9.02 -23.05
C ASN B 18 53.37 -8.64 -24.30
N ASN B 19 53.32 -9.52 -25.29
CA ASN B 19 54.04 -9.32 -26.53
C ASN B 19 53.30 -8.44 -27.53
N ILE B 20 52.00 -8.66 -27.68
CA ILE B 20 51.19 -7.87 -28.62
C ILE B 20 49.83 -7.51 -28.02
N SER B 21 49.64 -6.23 -27.70
CA SER B 21 48.39 -5.77 -27.11
C SER B 21 47.33 -5.50 -28.17
N ALA B 22 46.09 -5.91 -27.90
CA ALA B 22 45.00 -5.71 -28.83
C ALA B 22 44.82 -4.22 -29.08
N VAL B 23 44.48 -3.87 -30.32
CA VAL B 23 44.28 -2.47 -30.69
C VAL B 23 42.83 -2.13 -30.98
N ASN B 24 42.56 -0.83 -31.08
CA ASN B 24 41.23 -0.31 -31.38
C ASN B 24 40.13 -0.72 -30.41
N GLY B 25 40.43 -0.65 -29.11
CA GLY B 25 39.43 -1.00 -28.11
C GLY B 25 38.35 0.07 -28.01
N PRO B 26 37.43 -0.01 -27.03
CA PRO B 26 37.32 -1.05 -26.01
C PRO B 26 36.42 -2.20 -26.45
N GLY B 27 35.99 -2.16 -27.70
CA GLY B 27 35.13 -3.20 -28.23
C GLY B 27 33.67 -2.79 -28.21
N GLU B 28 32.86 -3.35 -29.10
CA GLU B 28 31.43 -3.02 -29.17
C GLU B 28 30.69 -3.58 -27.96
N GLU B 29 29.55 -2.99 -27.63
CA GLU B 29 28.76 -3.46 -26.50
C GLU B 29 28.27 -4.87 -26.80
N ASP B 30 28.11 -5.66 -25.73
CA ASP B 30 27.67 -7.05 -25.84
C ASP B 30 26.38 -7.21 -25.03
N THR B 31 25.86 -8.43 -25.02
CA THR B 31 24.62 -8.73 -24.32
C THR B 31 24.81 -9.98 -23.47
N TRP B 32 23.71 -10.51 -22.93
CA TRP B 32 23.78 -11.74 -22.17
C TRP B 32 23.34 -12.80 -23.17
N ALA B 33 23.13 -14.03 -22.71
CA ALA B 33 22.74 -15.09 -23.63
C ALA B 33 21.23 -15.34 -23.68
N SER B 34 20.83 -16.17 -24.65
CA SER B 34 19.43 -16.54 -24.80
C SER B 34 19.02 -17.25 -23.52
N ALA B 35 17.81 -16.94 -23.04
CA ALA B 35 17.29 -17.52 -21.81
C ALA B 35 16.73 -18.94 -21.95
N GLN B 36 16.55 -19.40 -23.18
CA GLN B 36 16.04 -20.75 -23.43
C GLN B 36 17.25 -21.67 -23.27
N LYS B 37 17.21 -22.48 -22.22
CA LYS B 37 18.32 -23.37 -21.89
C LYS B 37 18.09 -24.83 -22.22
N GLN B 38 19.13 -25.47 -22.75
CA GLN B 38 19.07 -26.89 -23.08
C GLN B 38 19.38 -27.69 -21.82
N GLY B 39 20.02 -27.03 -20.87
CA GLY B 39 20.37 -27.68 -19.62
C GLY B 39 21.07 -26.72 -18.67
N VAL B 40 21.10 -27.09 -17.40
CA VAL B 40 21.76 -26.30 -16.36
C VAL B 40 22.36 -27.33 -15.42
N GLY B 41 23.39 -26.93 -14.68
CA GLY B 41 23.99 -27.88 -13.76
C GLY B 41 25.02 -27.30 -12.81
N THR B 42 25.44 -28.14 -11.88
CA THR B 42 26.44 -27.79 -10.88
C THR B 42 26.66 -29.08 -10.11
N ALA B 43 27.79 -29.19 -9.43
CA ALA B 43 28.05 -30.40 -8.66
C ALA B 43 27.06 -30.41 -7.50
N ASN B 44 26.59 -31.59 -7.09
CA ASN B 44 25.66 -31.64 -5.98
C ASN B 44 26.41 -31.66 -4.66
N ASN B 45 27.09 -30.56 -4.38
CA ASN B 45 27.85 -30.37 -3.14
C ASN B 45 28.11 -28.87 -3.00
N TYR B 46 28.50 -28.43 -1.80
CA TYR B 46 28.75 -27.01 -1.56
C TYR B 46 30.17 -26.57 -1.79
N VAL B 47 31.04 -27.53 -2.09
CA VAL B 47 32.44 -27.26 -2.34
C VAL B 47 32.69 -26.58 -3.68
N SER B 48 32.22 -27.22 -4.74
CA SER B 48 32.36 -26.72 -6.10
C SER B 48 31.36 -25.61 -6.39
N LYS B 49 31.78 -24.36 -6.19
CA LYS B 49 30.91 -23.21 -6.40
C LYS B 49 30.88 -22.68 -7.83
N VAL B 50 30.44 -23.55 -8.74
CA VAL B 50 30.36 -23.20 -10.16
C VAL B 50 29.07 -23.77 -10.77
N TRP B 51 28.34 -22.92 -11.48
CA TRP B 51 27.10 -23.33 -12.13
C TRP B 51 27.23 -23.01 -13.61
N PHE B 52 26.66 -23.86 -14.44
CA PHE B 52 26.73 -23.64 -15.89
C PHE B 52 25.34 -23.78 -16.50
N THR B 53 25.17 -23.22 -17.70
CA THR B 53 23.92 -23.32 -18.43
C THR B 53 24.29 -23.56 -19.87
N LEU B 54 23.38 -24.16 -20.63
CA LEU B 54 23.62 -24.47 -22.04
C LEU B 54 22.53 -23.84 -22.87
N ALA B 55 22.89 -23.31 -24.04
CA ALA B 55 21.92 -22.70 -24.93
C ALA B 55 22.46 -22.69 -26.35
N ASN B 56 21.59 -22.99 -27.31
CA ASN B 56 21.97 -23.00 -28.71
C ASN B 56 23.19 -23.89 -28.99
N GLY B 57 23.24 -25.04 -28.34
CA GLY B 57 24.33 -25.98 -28.56
C GLY B 57 25.65 -25.64 -27.91
N ALA B 58 25.67 -24.62 -27.06
CA ALA B 58 26.91 -24.26 -26.40
C ALA B 58 26.67 -23.78 -24.99
N ILE B 59 27.74 -23.73 -24.22
CA ILE B 59 27.71 -23.25 -22.86
C ILE B 59 27.31 -21.75 -22.91
N SER B 60 26.34 -21.34 -22.11
CA SER B 60 25.96 -19.94 -22.09
C SER B 60 26.55 -19.34 -20.81
N GLU B 61 25.72 -18.79 -19.93
CA GLU B 61 26.26 -18.20 -18.70
C GLU B 61 26.80 -19.21 -17.71
N VAL B 62 27.90 -18.85 -17.06
CA VAL B 62 28.53 -19.70 -16.05
C VAL B 62 28.63 -18.82 -14.82
N TYR B 63 28.28 -19.37 -13.65
CA TYR B 63 28.28 -18.61 -12.39
C TYR B 63 29.33 -19.02 -11.35
N TYR B 64 29.85 -18.01 -10.65
CA TYR B 64 30.86 -18.19 -9.60
C TYR B 64 31.17 -16.84 -8.94
N PRO B 65 31.39 -16.83 -7.61
CA PRO B 65 31.34 -17.96 -6.68
C PRO B 65 29.95 -18.18 -6.09
N THR B 66 29.01 -17.33 -6.47
CA THR B 66 27.64 -17.45 -6.00
C THR B 66 26.71 -17.63 -7.19
N ILE B 67 25.50 -18.13 -6.94
CA ILE B 67 24.54 -18.39 -7.99
C ILE B 67 23.93 -17.11 -8.60
N ASP B 68 24.28 -15.95 -8.04
CA ASP B 68 23.77 -14.70 -8.60
C ASP B 68 24.90 -13.88 -9.20
N THR B 69 26.03 -14.54 -9.45
CA THR B 69 27.19 -13.92 -10.06
C THR B 69 27.59 -14.61 -11.36
N ALA B 70 27.04 -14.15 -12.47
CA ALA B 70 27.37 -14.71 -13.78
C ALA B 70 28.70 -14.08 -14.22
N ASP B 71 29.61 -14.89 -14.75
CA ASP B 71 30.92 -14.40 -15.17
C ASP B 71 31.21 -14.68 -16.63
N VAL B 72 30.30 -15.37 -17.29
CA VAL B 72 30.51 -15.74 -18.68
C VAL B 72 29.23 -15.59 -19.47
N LYS B 73 29.35 -15.26 -20.75
CA LYS B 73 28.19 -15.13 -21.62
C LYS B 73 28.08 -16.40 -22.46
N GLU B 74 29.18 -16.76 -23.10
CA GLU B 74 29.25 -17.93 -23.99
C GLU B 74 30.64 -18.55 -24.05
N ILE B 75 30.65 -19.78 -24.56
CA ILE B 75 31.85 -20.55 -24.83
C ILE B 75 31.36 -21.40 -26.00
N LYS B 76 31.74 -21.03 -27.22
CA LYS B 76 31.29 -21.74 -28.41
C LYS B 76 32.40 -22.00 -29.42
N PHE B 77 32.11 -22.84 -30.40
CA PHE B 77 33.05 -23.19 -31.46
C PHE B 77 32.70 -22.54 -32.80
N ILE B 78 33.75 -22.15 -33.52
CA ILE B 78 33.60 -21.57 -34.85
C ILE B 78 34.43 -22.48 -35.75
N VAL B 79 33.81 -23.01 -36.80
CA VAL B 79 34.53 -23.89 -37.71
C VAL B 79 34.63 -23.23 -39.08
N THR B 80 35.71 -23.55 -39.80
CA THR B 80 35.94 -23.00 -41.13
C THR B 80 36.76 -23.97 -41.98
N ASP B 81 36.77 -23.74 -43.29
CA ASP B 81 37.56 -24.56 -44.21
C ASP B 81 38.79 -23.74 -44.56
N GLY B 82 38.93 -22.61 -43.88
CA GLY B 82 40.05 -21.72 -44.08
C GLY B 82 40.05 -21.12 -45.48
N LYS B 83 38.94 -21.27 -46.19
CA LYS B 83 38.84 -20.77 -47.55
C LYS B 83 37.57 -19.97 -47.84
N SER B 84 36.41 -20.59 -47.64
CA SER B 84 35.15 -19.92 -47.94
C SER B 84 34.14 -19.68 -46.83
N PHE B 85 33.77 -20.70 -46.08
CA PHE B 85 32.77 -20.52 -45.03
C PHE B 85 33.30 -20.37 -43.60
N VAL B 86 32.45 -19.78 -42.76
CA VAL B 86 32.77 -19.56 -41.35
C VAL B 86 31.46 -19.72 -40.56
N PRO B 87 31.07 -20.96 -40.23
CA PRO B 87 29.83 -21.19 -39.48
C PRO B 87 29.99 -21.23 -37.96
N ASP B 88 29.06 -20.55 -37.31
CA ASP B 88 29.00 -20.48 -35.86
C ASP B 88 28.06 -21.61 -35.46
N GLU B 89 28.55 -22.54 -34.65
CA GLU B 89 27.75 -23.69 -34.24
C GLU B 89 26.45 -23.29 -33.57
N THR B 90 26.43 -22.15 -32.89
CA THR B 90 25.24 -21.69 -32.19
C THR B 90 24.13 -21.17 -33.11
N LYS B 91 24.42 -21.05 -34.39
CA LYS B 91 23.41 -20.58 -35.33
C LYS B 91 23.40 -21.30 -36.68
N ASP B 92 24.42 -22.12 -36.93
CA ASP B 92 24.50 -22.85 -38.19
C ASP B 92 24.51 -24.36 -38.02
N ALA B 93 24.25 -24.84 -36.81
CA ALA B 93 24.23 -26.26 -36.53
C ALA B 93 23.01 -26.65 -35.72
N ILE B 94 22.50 -27.85 -35.95
CA ILE B 94 21.35 -28.35 -35.21
C ILE B 94 21.87 -29.04 -33.96
N SER B 95 21.40 -28.61 -32.80
CA SER B 95 21.87 -29.19 -31.55
C SER B 95 20.88 -30.16 -30.91
N LYS B 96 21.38 -31.32 -30.54
CA LYS B 96 20.58 -32.32 -29.86
C LYS B 96 21.23 -32.46 -28.49
N VAL B 97 20.43 -32.39 -27.44
CA VAL B 97 20.97 -32.49 -26.10
C VAL B 97 20.38 -33.71 -25.41
N GLU B 98 21.15 -34.28 -24.49
CA GLU B 98 20.71 -35.43 -23.71
C GLU B 98 21.56 -35.44 -22.44
N LYS B 99 21.01 -35.92 -21.35
CA LYS B 99 21.76 -35.97 -20.10
C LYS B 99 22.51 -37.29 -20.04
N PHE B 100 23.61 -37.34 -19.30
CA PHE B 100 24.41 -38.56 -19.15
C PHE B 100 23.48 -39.71 -18.72
N THR B 101 22.60 -39.42 -17.76
CA THR B 101 21.61 -40.38 -17.27
C THR B 101 20.42 -39.59 -16.73
N ASP B 102 19.33 -40.29 -16.45
CA ASP B 102 18.11 -39.68 -15.93
C ASP B 102 18.28 -39.15 -14.52
N LYS B 103 19.41 -39.45 -13.89
CA LYS B 103 19.63 -39.01 -12.54
C LYS B 103 20.91 -38.20 -12.35
N SER B 104 21.28 -37.44 -13.37
CA SER B 104 22.46 -36.59 -13.31
C SER B 104 22.31 -35.36 -14.20
N LEU B 105 22.86 -34.22 -13.76
CA LEU B 105 22.78 -32.99 -14.56
C LEU B 105 24.08 -32.81 -15.35
N GLY B 106 24.47 -33.88 -16.04
CA GLY B 106 25.65 -33.88 -16.88
C GLY B 106 25.05 -33.90 -18.27
N TYR B 107 25.68 -33.23 -19.23
CA TYR B 107 25.09 -33.17 -20.56
C TYR B 107 25.98 -33.53 -21.72
N LYS B 108 25.34 -34.09 -22.74
CA LYS B 108 26.00 -34.45 -23.97
C LYS B 108 25.28 -33.67 -25.07
N LEU B 109 26.05 -32.90 -25.83
CA LEU B 109 25.51 -32.11 -26.93
C LEU B 109 26.12 -32.63 -28.23
N VAL B 110 25.29 -32.80 -29.25
CA VAL B 110 25.77 -33.26 -30.55
C VAL B 110 25.28 -32.21 -31.53
N ASN B 111 26.21 -31.42 -32.04
CA ASN B 111 25.86 -30.35 -32.98
C ASN B 111 26.26 -30.69 -34.39
N THR B 112 25.25 -30.84 -35.24
CA THR B 112 25.48 -31.21 -36.62
C THR B 112 25.19 -30.05 -37.54
N ASP B 113 26.25 -29.61 -38.24
CA ASP B 113 26.17 -28.53 -39.20
C ASP B 113 24.92 -28.66 -40.07
N LYS B 114 24.24 -27.54 -40.30
CA LYS B 114 23.04 -27.55 -41.13
C LYS B 114 23.39 -28.00 -42.54
N LYS B 115 24.63 -27.74 -42.94
CA LYS B 115 25.08 -28.13 -44.28
C LYS B 115 25.80 -29.48 -44.30
N GLY B 116 25.67 -30.23 -43.22
CA GLY B 116 26.27 -31.55 -43.11
C GLY B 116 27.76 -31.68 -43.40
N ARG B 117 28.55 -30.70 -43.02
CA ARG B 117 29.98 -30.75 -43.28
C ARG B 117 30.76 -31.22 -42.05
N TYR B 118 30.31 -30.80 -40.87
CA TYR B 118 30.98 -31.18 -39.63
C TYR B 118 30.01 -31.57 -38.51
N ARG B 119 30.56 -32.18 -37.47
CA ARG B 119 29.80 -32.60 -36.31
C ARG B 119 30.64 -32.39 -35.05
N ILE B 120 30.08 -31.68 -34.08
CA ILE B 120 30.78 -31.41 -32.83
C ILE B 120 30.00 -32.04 -31.68
N THR B 121 30.67 -32.88 -30.91
CA THR B 121 30.05 -33.55 -29.77
C THR B 121 30.72 -33.08 -28.49
N LYS B 122 29.91 -32.72 -27.49
CA LYS B 122 30.44 -32.24 -26.21
C LYS B 122 29.90 -33.00 -25.01
N ASP B 123 30.71 -33.05 -23.95
CA ASP B 123 30.36 -33.67 -22.67
C ASP B 123 30.61 -32.53 -21.69
N ILE B 124 29.59 -32.09 -20.97
CA ILE B 124 29.77 -30.97 -20.05
C ILE B 124 29.24 -31.24 -18.65
N PHE B 125 30.04 -30.83 -17.66
CA PHE B 125 29.73 -30.99 -16.24
C PHE B 125 30.87 -30.29 -15.51
N THR B 126 30.81 -30.25 -14.19
CA THR B 126 31.87 -29.61 -13.43
C THR B 126 32.66 -30.60 -12.58
N ASP B 127 33.73 -30.09 -11.99
CA ASP B 127 34.64 -30.83 -11.13
C ASP B 127 34.05 -30.79 -9.72
N VAL B 128 33.63 -31.95 -9.21
CA VAL B 128 33.03 -32.02 -7.88
C VAL B 128 33.95 -31.53 -6.77
N LYS B 129 35.25 -31.51 -7.02
CA LYS B 129 36.21 -31.07 -6.01
C LYS B 129 36.72 -29.65 -6.14
N ARG B 130 36.68 -29.09 -7.34
CA ARG B 130 37.21 -27.75 -7.57
C ARG B 130 36.30 -26.88 -8.41
N ASN B 131 36.61 -25.59 -8.42
CA ASN B 131 35.83 -24.63 -9.17
C ASN B 131 36.22 -24.55 -10.64
N SER B 132 35.81 -25.56 -11.40
CA SER B 132 36.07 -25.52 -12.83
C SER B 132 34.99 -26.24 -13.62
N LEU B 133 34.80 -25.75 -14.84
CA LEU B 133 33.82 -26.30 -15.75
C LEU B 133 34.59 -27.14 -16.75
N ILE B 134 34.04 -28.30 -17.11
CA ILE B 134 34.72 -29.19 -18.04
C ILE B 134 33.89 -29.45 -19.30
N MET B 135 34.56 -29.44 -20.45
CA MET B 135 33.89 -29.71 -21.71
C MET B 135 34.79 -30.56 -22.58
N LYS B 136 34.41 -31.81 -22.78
CA LYS B 136 35.16 -32.69 -23.64
C LYS B 136 34.50 -32.51 -25.01
N ALA B 137 35.30 -32.37 -26.04
CA ALA B 137 34.75 -32.18 -27.37
C ALA B 137 35.53 -32.93 -28.42
N LYS B 138 34.83 -33.39 -29.45
CA LYS B 138 35.48 -34.07 -30.55
C LYS B 138 34.85 -33.52 -31.81
N PHE B 139 35.70 -33.26 -32.79
CA PHE B 139 35.26 -32.72 -34.07
C PHE B 139 35.26 -33.82 -35.12
N GLU B 140 34.18 -33.88 -35.90
CA GLU B 140 34.05 -34.88 -36.95
C GLU B 140 33.74 -34.20 -38.26
N ALA B 141 34.38 -34.68 -39.34
CA ALA B 141 34.16 -34.13 -40.67
C ALA B 141 33.14 -35.04 -41.34
N LEU B 142 31.91 -34.56 -41.49
CA LEU B 142 30.87 -35.36 -42.13
C LEU B 142 31.18 -35.58 -43.60
N GLU B 143 31.83 -34.61 -44.22
CA GLU B 143 32.22 -34.71 -45.61
C GLU B 143 33.60 -34.11 -45.78
N GLY B 144 34.41 -34.71 -46.65
CA GLY B 144 35.76 -34.22 -46.86
C GLY B 144 36.66 -34.77 -45.79
N SER B 145 37.84 -34.20 -45.62
CA SER B 145 38.78 -34.67 -44.61
C SER B 145 38.87 -33.69 -43.45
N ILE B 146 39.11 -34.22 -42.26
CA ILE B 146 39.23 -33.38 -41.08
C ILE B 146 40.30 -32.33 -41.33
N HIS B 147 41.25 -32.65 -42.19
CA HIS B 147 42.34 -31.74 -42.53
C HIS B 147 41.84 -30.55 -43.32
N ASP B 148 40.60 -30.61 -43.80
CA ASP B 148 40.06 -29.51 -44.58
C ASP B 148 39.36 -28.47 -43.70
N TYR B 149 39.28 -28.74 -42.40
CA TYR B 149 38.62 -27.83 -41.47
C TYR B 149 39.52 -27.27 -40.37
N LYS B 150 39.18 -26.07 -39.90
CA LYS B 150 39.89 -25.42 -38.81
C LYS B 150 38.86 -25.19 -37.69
N LEU B 151 39.23 -25.53 -36.47
CA LEU B 151 38.33 -25.37 -35.34
C LEU B 151 38.78 -24.28 -34.39
N TYR B 152 37.91 -23.32 -34.11
CA TYR B 152 38.24 -22.23 -33.21
C TYR B 152 37.27 -22.14 -32.03
N LEU B 153 37.80 -21.77 -30.87
CA LEU B 153 36.99 -21.64 -29.67
C LEU B 153 36.90 -20.15 -29.34
N ALA B 154 35.70 -19.70 -28.97
CA ALA B 154 35.47 -18.30 -28.64
C ALA B 154 34.85 -18.15 -27.25
N TYR B 155 35.65 -17.68 -26.30
CA TYR B 155 35.21 -17.48 -24.92
C TYR B 155 34.88 -16.01 -24.72
N ASP B 156 33.63 -15.75 -24.32
CA ASP B 156 33.14 -14.40 -24.11
C ASP B 156 32.88 -14.19 -22.63
N PRO B 157 33.89 -13.67 -21.91
CA PRO B 157 33.77 -13.41 -20.47
C PRO B 157 32.91 -12.19 -20.14
N HIS B 158 32.20 -12.27 -19.03
CA HIS B 158 31.36 -11.19 -18.53
C HIS B 158 31.48 -11.28 -17.01
N ILE B 159 32.73 -11.28 -16.54
CA ILE B 159 33.04 -11.42 -15.12
C ILE B 159 32.30 -10.46 -14.19
N LYS B 160 31.75 -11.05 -13.13
CA LYS B 160 30.98 -10.33 -12.13
C LYS B 160 29.81 -9.54 -12.69
N ASN B 161 28.97 -10.23 -13.44
CA ASN B 161 27.76 -9.66 -14.01
C ASN B 161 27.90 -8.47 -14.95
N GLN B 162 29.02 -8.39 -15.68
CA GLN B 162 29.15 -7.32 -16.65
C GLN B 162 30.16 -7.66 -17.74
N GLY B 163 29.76 -7.40 -18.98
CA GLY B 163 30.59 -7.70 -20.12
C GLY B 163 31.68 -6.68 -20.39
N SER B 164 31.38 -5.40 -20.16
CA SER B 164 32.34 -4.35 -20.40
C SER B 164 33.50 -4.37 -19.40
N TYR B 165 34.62 -3.80 -19.82
CA TYR B 165 35.83 -3.71 -19.04
C TYR B 165 36.37 -5.01 -18.47
N ASN B 166 36.32 -6.07 -19.25
CA ASN B 166 36.88 -7.34 -18.79
C ASN B 166 38.34 -7.31 -19.22
N GLU B 167 39.24 -7.73 -18.34
CA GLU B 167 40.65 -7.73 -18.69
C GLU B 167 41.07 -9.13 -19.11
N GLY B 168 41.71 -9.22 -20.27
CA GLY B 168 42.16 -10.49 -20.77
C GLY B 168 43.64 -10.49 -21.09
N TYR B 169 44.31 -11.61 -20.83
CA TYR B 169 45.72 -11.77 -21.09
C TYR B 169 46.05 -13.24 -21.10
N VAL B 170 47.30 -13.56 -21.40
CA VAL B 170 47.74 -14.95 -21.47
C VAL B 170 48.93 -15.21 -20.56
N ILE B 171 48.91 -16.35 -19.89
CA ILE B 171 50.01 -16.74 -19.02
C ILE B 171 50.38 -18.17 -19.35
N LYS B 172 51.32 -18.70 -18.58
CA LYS B 172 51.76 -20.07 -18.76
C LYS B 172 52.00 -20.62 -17.36
N ALA B 173 51.15 -21.55 -16.95
CA ALA B 173 51.27 -22.17 -15.64
C ALA B 173 51.85 -23.55 -15.83
N ASN B 174 53.09 -23.73 -15.39
CA ASN B 174 53.78 -24.99 -15.54
C ASN B 174 53.77 -25.40 -17.00
N ASN B 175 54.25 -24.50 -17.86
CA ASN B 175 54.31 -24.74 -19.30
C ASN B 175 52.96 -25.05 -19.91
N ASN B 176 51.92 -24.46 -19.36
CA ASN B 176 50.57 -24.67 -19.86
C ASN B 176 49.94 -23.32 -20.20
N GLU B 177 49.79 -23.03 -21.49
CA GLU B 177 49.22 -21.78 -21.96
C GLU B 177 47.74 -21.63 -21.61
N MET B 178 47.45 -20.71 -20.71
CA MET B 178 46.08 -20.46 -20.29
C MET B 178 45.64 -19.05 -20.62
N LEU B 179 44.43 -18.93 -21.16
CA LEU B 179 43.87 -17.64 -21.50
C LEU B 179 43.21 -17.15 -20.22
N MET B 180 43.68 -16.01 -19.72
CA MET B 180 43.17 -15.45 -18.48
C MET B 180 42.20 -14.31 -18.70
N ALA B 181 41.28 -14.15 -17.76
CA ALA B 181 40.30 -13.08 -17.81
C ALA B 181 40.02 -12.66 -16.37
N LYS B 182 39.93 -11.37 -16.13
CA LYS B 182 39.69 -10.89 -14.78
C LYS B 182 38.93 -9.58 -14.73
N ARG B 183 38.27 -9.37 -13.60
CA ARG B 183 37.51 -8.16 -13.33
C ARG B 183 37.35 -8.17 -11.81
N ASP B 184 37.76 -7.08 -11.16
CA ASP B 184 37.70 -7.02 -9.71
C ASP B 184 38.41 -8.21 -9.09
N ASN B 185 37.74 -8.92 -8.20
CA ASN B 185 38.36 -10.06 -7.53
C ASN B 185 38.06 -11.43 -8.14
N VAL B 186 37.52 -11.45 -9.35
CA VAL B 186 37.20 -12.72 -9.98
C VAL B 186 38.08 -13.00 -11.18
N TYR B 187 38.71 -14.17 -11.20
CA TYR B 187 39.58 -14.57 -12.30
C TYR B 187 39.12 -15.88 -12.92
N THR B 188 39.32 -16.00 -14.23
CA THR B 188 38.98 -17.22 -14.93
C THR B 188 40.20 -17.65 -15.73
N ALA B 189 40.41 -18.95 -15.82
CA ALA B 189 41.53 -19.51 -16.55
C ALA B 189 40.98 -20.52 -17.56
N LEU B 190 41.27 -20.27 -18.84
CA LEU B 190 40.82 -21.15 -19.91
C LEU B 190 42.01 -22.00 -20.36
N SER B 191 41.88 -23.33 -20.28
CA SER B 191 42.97 -24.21 -20.69
C SER B 191 42.53 -25.40 -21.53
N SER B 192 43.48 -25.97 -22.27
CA SER B 192 43.25 -27.11 -23.14
C SER B 192 44.18 -28.27 -22.80
N ASN B 193 43.65 -29.50 -22.78
CA ASN B 193 44.49 -30.65 -22.46
C ASN B 193 45.56 -30.88 -23.53
N ILE B 194 45.34 -30.35 -24.73
CA ILE B 194 46.32 -30.51 -25.80
C ILE B 194 46.89 -29.15 -26.19
N GLY B 195 46.64 -28.14 -25.37
CA GLY B 195 47.14 -26.81 -25.64
C GLY B 195 46.39 -26.13 -26.76
N TRP B 196 46.86 -24.95 -27.16
CA TRP B 196 46.23 -24.20 -28.23
C TRP B 196 47.16 -24.08 -29.43
N LYS B 197 46.62 -24.26 -30.62
CA LYS B 197 47.42 -24.14 -31.83
C LYS B 197 47.66 -22.65 -32.04
N GLY B 198 46.86 -21.85 -31.35
CA GLY B 198 46.96 -20.41 -31.45
C GLY B 198 45.95 -19.75 -30.55
N TYR B 199 46.28 -18.57 -30.04
CA TYR B 199 45.39 -17.82 -29.16
C TYR B 199 45.36 -16.36 -29.55
N SER B 200 44.36 -15.64 -29.05
CA SER B 200 44.22 -14.22 -29.32
C SER B 200 43.13 -13.61 -28.47
N ILE B 201 43.41 -12.44 -27.90
CA ILE B 201 42.45 -11.74 -27.07
C ILE B 201 42.11 -10.44 -27.78
N GLY B 202 40.97 -10.42 -28.45
CA GLY B 202 40.57 -9.24 -29.19
C GLY B 202 39.32 -8.56 -28.66
N TYR B 203 39.02 -7.40 -29.22
CA TYR B 203 37.85 -6.63 -28.82
C TYR B 203 36.63 -7.08 -29.61
N TYR B 204 35.54 -7.30 -28.89
CA TYR B 204 34.28 -7.76 -29.46
C TYR B 204 33.84 -7.00 -30.72
N LYS B 205 33.60 -7.76 -31.80
CA LYS B 205 33.16 -7.18 -33.06
C LYS B 205 34.13 -6.18 -33.68
N VAL B 206 35.40 -6.23 -33.28
CA VAL B 206 36.41 -5.32 -33.82
C VAL B 206 37.57 -6.12 -34.41
N ASN B 207 38.24 -6.89 -33.56
CA ASN B 207 39.35 -7.71 -34.01
C ASN B 207 39.40 -9.02 -33.23
N ASP B 208 38.23 -9.48 -32.81
CA ASP B 208 38.11 -10.73 -32.08
C ASP B 208 38.22 -11.89 -33.05
N ILE B 209 38.24 -13.11 -32.52
CA ILE B 209 38.35 -14.29 -33.36
C ILE B 209 37.28 -14.33 -34.44
N MET B 210 36.04 -14.00 -34.08
CA MET B 210 34.93 -14.02 -35.02
C MET B 210 35.16 -13.10 -36.22
N THR B 211 35.54 -11.84 -35.94
CA THR B 211 35.76 -10.90 -37.02
C THR B 211 37.00 -11.29 -37.81
N ASP B 212 38.04 -11.74 -37.11
CA ASP B 212 39.27 -12.15 -37.77
C ASP B 212 39.00 -13.26 -38.78
N LEU B 213 38.16 -14.21 -38.39
CA LEU B 213 37.81 -15.34 -39.26
C LEU B 213 36.91 -14.94 -40.42
N ASP B 214 36.12 -13.90 -40.24
CA ASP B 214 35.23 -13.44 -41.31
C ASP B 214 35.99 -12.65 -42.35
N GLU B 215 37.12 -12.08 -41.94
CA GLU B 215 37.94 -11.28 -42.82
C GLU B 215 39.09 -12.05 -43.45
N ASN B 216 39.51 -13.14 -42.81
CA ASN B 216 40.63 -13.92 -43.33
C ASN B 216 40.33 -15.42 -43.45
N LYS B 217 39.19 -15.83 -42.91
CA LYS B 217 38.80 -17.24 -42.94
C LYS B 217 39.82 -18.08 -42.15
N GLN B 218 40.60 -17.41 -41.30
CA GLN B 218 41.61 -18.08 -40.49
C GLN B 218 42.22 -17.08 -39.53
N MET B 219 42.74 -17.55 -38.41
CA MET B 219 43.35 -16.67 -37.41
C MET B 219 44.52 -15.88 -37.98
N THR B 220 44.44 -14.56 -37.84
CA THR B 220 45.47 -13.66 -38.31
C THR B 220 46.07 -12.89 -37.13
N LYS B 221 45.20 -12.42 -36.25
CA LYS B 221 45.65 -11.68 -35.08
C LYS B 221 45.98 -12.63 -33.94
N HIS B 222 46.94 -12.23 -33.10
CA HIS B 222 47.36 -13.05 -31.97
C HIS B 222 47.63 -12.17 -30.75
N TYR B 223 46.68 -11.28 -30.46
CA TYR B 223 46.80 -10.39 -29.32
C TYR B 223 46.84 -11.21 -28.04
N ASP B 224 47.61 -10.76 -27.05
CA ASP B 224 47.70 -11.46 -25.78
C ASP B 224 47.35 -10.52 -24.63
N SER B 225 46.58 -9.49 -24.94
CA SER B 225 46.18 -8.50 -23.95
C SER B 225 45.09 -7.57 -24.48
N ALA B 226 44.07 -7.33 -23.66
CA ALA B 226 42.96 -6.45 -24.03
C ALA B 226 42.10 -6.20 -22.81
N ARG B 227 41.34 -5.11 -22.84
CA ARG B 227 40.45 -4.78 -21.75
C ARG B 227 39.22 -4.04 -22.26
N GLY B 228 38.04 -4.57 -21.94
CA GLY B 228 36.78 -3.98 -22.36
C GLY B 228 35.86 -5.14 -22.70
N ASN B 229 35.12 -5.02 -23.80
CA ASN B 229 34.28 -6.14 -24.23
C ASN B 229 35.21 -6.96 -25.09
N ILE B 230 35.71 -8.04 -24.49
CA ILE B 230 36.67 -8.89 -25.15
C ILE B 230 36.19 -10.30 -25.40
N ILE B 231 36.89 -10.96 -26.32
CA ILE B 231 36.61 -12.33 -26.65
C ILE B 231 37.94 -13.04 -26.75
N GLU B 232 38.08 -14.09 -25.97
CA GLU B 232 39.30 -14.87 -25.95
C GLU B 232 39.13 -16.03 -26.94
N GLY B 233 39.86 -15.94 -28.05
CA GLY B 233 39.78 -16.96 -29.09
C GLY B 233 41.03 -17.82 -29.16
N ALA B 234 40.87 -19.06 -29.58
CA ALA B 234 41.97 -19.98 -29.69
C ALA B 234 41.68 -21.05 -30.72
N GLU B 235 42.67 -21.40 -31.53
CA GLU B 235 42.47 -22.43 -32.52
C GLU B 235 42.88 -23.79 -31.93
N ILE B 236 42.08 -24.81 -32.21
CA ILE B 236 42.35 -26.15 -31.71
C ILE B 236 43.11 -26.92 -32.78
N ASP B 237 44.24 -27.50 -32.39
CA ASP B 237 45.07 -28.26 -33.32
C ASP B 237 44.42 -29.63 -33.58
N LEU B 238 43.64 -29.73 -34.65
CA LEU B 238 42.98 -30.99 -34.98
C LEU B 238 43.96 -32.10 -35.37
N THR B 239 45.05 -31.73 -36.03
CA THR B 239 46.02 -32.75 -36.45
C THR B 239 46.65 -33.40 -35.22
N LYS B 240 46.70 -32.66 -34.11
CA LYS B 240 47.26 -33.21 -32.89
C LYS B 240 46.24 -34.15 -32.23
N ASN B 241 44.97 -33.80 -32.36
CA ASN B 241 43.89 -34.60 -31.79
C ASN B 241 42.55 -33.97 -32.14
N SER B 242 41.64 -34.78 -32.65
CA SER B 242 40.31 -34.29 -33.02
C SER B 242 39.40 -34.30 -31.80
N GLU B 243 39.86 -34.93 -30.72
CA GLU B 243 39.10 -35.01 -29.48
C GLU B 243 39.98 -34.41 -28.40
N PHE B 244 39.42 -33.47 -27.65
CA PHE B 244 40.18 -32.77 -26.63
C PHE B 244 39.31 -32.37 -25.43
N GLU B 245 39.96 -31.81 -24.42
CA GLU B 245 39.26 -31.39 -23.21
C GLU B 245 39.53 -29.93 -22.87
N ILE B 246 38.46 -29.16 -22.74
CA ILE B 246 38.58 -27.75 -22.39
C ILE B 246 38.12 -27.57 -20.97
N VAL B 247 38.88 -26.82 -20.19
CA VAL B 247 38.54 -26.58 -18.80
C VAL B 247 38.54 -25.07 -18.50
N LEU B 248 37.50 -24.62 -17.80
CA LEU B 248 37.38 -23.22 -17.42
C LEU B 248 37.40 -23.23 -15.90
N SER B 249 38.41 -22.59 -15.32
CA SER B 249 38.53 -22.55 -13.87
C SER B 249 38.42 -21.14 -13.32
N PHE B 250 37.95 -21.06 -12.08
CA PHE B 250 37.72 -19.80 -11.40
C PHE B 250 38.58 -19.66 -10.15
N GLY B 251 38.79 -18.41 -9.74
CA GLY B 251 39.58 -18.13 -8.55
C GLY B 251 39.60 -16.65 -8.23
N GLN B 252 40.13 -16.30 -7.05
CA GLN B 252 40.21 -14.90 -6.64
C GLN B 252 41.58 -14.34 -7.04
N SER B 253 42.31 -15.10 -7.85
CA SER B 253 43.62 -14.67 -8.31
C SER B 253 44.09 -15.54 -9.45
N ASP B 254 45.12 -15.07 -10.13
CA ASP B 254 45.71 -15.80 -11.24
C ASP B 254 46.16 -17.19 -10.78
N SER B 255 46.94 -17.19 -9.71
CA SER B 255 47.47 -18.42 -9.16
C SER B 255 46.37 -19.43 -8.87
N GLU B 256 45.36 -19.00 -8.12
CA GLU B 256 44.26 -19.90 -7.77
C GLU B 256 43.62 -20.49 -9.02
N ALA B 257 43.13 -19.61 -9.88
CA ALA B 257 42.48 -20.02 -11.12
C ALA B 257 43.30 -21.02 -11.94
N ALA B 258 44.55 -20.66 -12.22
CA ALA B 258 45.44 -21.51 -13.03
C ALA B 258 45.72 -22.84 -12.34
N LYS B 259 45.97 -22.79 -11.04
CA LYS B 259 46.25 -24.00 -10.28
C LYS B 259 45.05 -24.92 -10.32
N THR B 260 43.86 -24.35 -10.17
CA THR B 260 42.64 -25.15 -10.20
C THR B 260 42.47 -25.80 -11.56
N ALA B 261 42.88 -25.10 -12.62
CA ALA B 261 42.77 -25.67 -13.97
C ALA B 261 43.72 -26.85 -14.11
N LEU B 262 44.94 -26.71 -13.59
CA LEU B 262 45.92 -27.78 -13.68
C LEU B 262 45.47 -29.02 -12.92
N GLU B 263 44.88 -28.81 -11.75
CA GLU B 263 44.40 -29.92 -10.94
C GLU B 263 43.30 -30.70 -11.63
N THR B 264 42.37 -29.98 -12.26
CA THR B 264 41.26 -30.65 -12.97
C THR B 264 41.80 -31.42 -14.17
N LEU B 265 42.73 -30.80 -14.89
CA LEU B 265 43.31 -31.43 -16.07
C LEU B 265 44.14 -32.63 -15.71
N GLY B 266 44.74 -32.59 -14.52
CA GLY B 266 45.57 -33.68 -14.07
C GLY B 266 44.78 -34.88 -13.62
N GLU B 267 43.47 -34.70 -13.48
CA GLU B 267 42.61 -35.77 -13.05
C GLU B 267 42.15 -36.63 -14.23
N ASP B 268 41.72 -37.85 -13.95
CA ASP B 268 41.24 -38.75 -15.00
C ASP B 268 39.82 -38.31 -15.37
N TYR B 269 39.62 -38.01 -16.65
CA TYR B 269 38.33 -37.55 -17.15
C TYR B 269 37.13 -38.40 -16.75
N ASN B 270 37.18 -39.68 -17.08
CA ASN B 270 36.09 -40.59 -16.77
C ASN B 270 35.81 -40.63 -15.29
N ASN B 271 36.87 -40.51 -14.49
CA ASN B 271 36.73 -40.52 -13.04
C ASN B 271 35.93 -39.31 -12.57
N LEU B 272 36.28 -38.13 -13.07
CA LEU B 272 35.61 -36.89 -12.71
C LEU B 272 34.14 -36.92 -13.12
N LYS B 273 33.89 -37.41 -14.33
CA LYS B 273 32.53 -37.51 -14.85
C LYS B 273 31.67 -38.48 -14.01
N ASN B 274 32.20 -39.67 -13.74
CA ASN B 274 31.45 -40.64 -12.97
C ASN B 274 31.13 -40.11 -11.57
N ASN B 275 32.10 -39.44 -10.96
CA ASN B 275 31.89 -38.88 -9.62
C ASN B 275 30.79 -37.83 -9.66
N TYR B 276 30.75 -37.03 -10.72
CA TYR B 276 29.72 -36.00 -10.86
C TYR B 276 28.35 -36.65 -10.97
N ILE B 277 28.27 -37.68 -11.81
CA ILE B 277 27.02 -38.40 -12.01
C ILE B 277 26.56 -39.12 -10.76
N ASP B 278 27.48 -39.83 -10.11
CA ASP B 278 27.13 -40.59 -8.90
C ASP B 278 26.60 -39.71 -7.77
N GLU B 279 27.14 -38.50 -7.66
CA GLU B 279 26.72 -37.59 -6.60
C GLU B 279 25.25 -37.20 -6.83
N TRP B 280 24.90 -36.97 -8.10
CA TRP B 280 23.52 -36.62 -8.46
C TRP B 280 22.62 -37.84 -8.40
N THR B 281 23.16 -39.00 -8.76
CA THR B 281 22.36 -40.22 -8.74
C THR B 281 21.99 -40.51 -7.29
N LYS B 282 22.95 -40.34 -6.40
CA LYS B 282 22.73 -40.56 -4.98
C LYS B 282 21.56 -39.70 -4.51
N TYR B 283 21.57 -38.42 -4.87
CA TYR B 283 20.48 -37.54 -4.47
C TYR B 283 19.14 -38.00 -5.02
N CYS B 284 19.09 -38.34 -6.31
CA CYS B 284 17.82 -38.77 -6.90
C CYS B 284 17.26 -40.00 -6.19
N ASN B 285 18.12 -40.96 -5.88
CA ASN B 285 17.66 -42.18 -5.21
C ASN B 285 17.29 -41.97 -3.76
N THR B 286 17.33 -40.72 -3.33
CA THR B 286 16.98 -40.36 -1.96
C THR B 286 15.53 -39.85 -1.94
N LEU B 287 14.98 -39.57 -3.12
CA LEU B 287 13.62 -39.04 -3.25
C LEU B 287 12.56 -40.12 -3.45
N ASN B 288 11.30 -39.75 -3.26
CA ASN B 288 10.19 -40.68 -3.43
C ASN B 288 10.08 -41.07 -4.90
N ASN B 289 9.88 -42.35 -5.17
CA ASN B 289 9.74 -42.83 -6.55
C ASN B 289 8.30 -43.22 -6.85
N PHE B 290 7.43 -42.99 -5.89
CA PHE B 290 6.00 -43.28 -6.03
C PHE B 290 5.73 -44.65 -6.62
N ASN B 291 6.21 -45.69 -5.92
CA ASN B 291 6.04 -47.07 -6.34
C ASN B 291 6.55 -47.28 -7.76
N GLY B 292 7.72 -46.72 -8.05
CA GLY B 292 8.30 -46.86 -9.37
C GLY B 292 7.66 -46.01 -10.44
N LYS B 293 6.80 -45.07 -10.03
CA LYS B 293 6.14 -44.22 -11.02
C LYS B 293 6.94 -42.99 -11.43
N ALA B 294 7.84 -42.54 -10.56
CA ALA B 294 8.67 -41.37 -10.87
C ALA B 294 9.32 -41.50 -12.24
N ASN B 295 9.12 -40.48 -13.08
CA ASN B 295 9.68 -40.48 -14.44
C ASN B 295 10.88 -39.53 -14.57
N SER B 296 11.44 -39.44 -15.76
CA SER B 296 12.61 -38.60 -15.98
C SER B 296 12.36 -37.11 -15.71
N LEU B 297 11.22 -36.58 -16.13
CA LEU B 297 10.94 -35.16 -15.91
C LEU B 297 10.87 -34.86 -14.41
N TYR B 298 10.41 -35.84 -13.65
CA TYR B 298 10.31 -35.71 -12.20
C TYR B 298 11.72 -35.53 -11.61
N TYR B 299 12.64 -36.43 -11.99
CA TYR B 299 14.01 -36.36 -11.49
C TYR B 299 14.73 -35.15 -12.06
N ASN B 300 14.49 -34.84 -13.32
CA ASN B 300 15.12 -33.68 -13.94
C ASN B 300 14.71 -32.42 -13.19
N SER B 301 13.41 -32.29 -12.91
CA SER B 301 12.88 -31.13 -12.19
C SER B 301 13.47 -31.00 -10.79
N MET B 302 13.47 -32.10 -10.05
CA MET B 302 13.99 -32.07 -8.70
C MET B 302 15.48 -31.75 -8.68
N MET B 303 16.22 -32.25 -9.66
CA MET B 303 17.66 -31.97 -9.73
C MET B 303 17.87 -30.50 -10.01
N ILE B 304 17.12 -29.99 -10.98
CA ILE B 304 17.20 -28.58 -11.35
C ILE B 304 16.90 -27.70 -10.13
N LEU B 305 15.90 -28.09 -9.34
CA LEU B 305 15.57 -27.32 -8.15
C LEU B 305 16.74 -27.38 -7.17
N LYS B 306 17.27 -28.58 -6.97
CA LYS B 306 18.39 -28.78 -6.06
C LYS B 306 19.62 -28.01 -6.48
N ALA B 307 19.78 -27.83 -7.80
CA ALA B 307 20.92 -27.11 -8.33
C ALA B 307 20.73 -25.61 -8.33
N SER B 308 19.56 -25.15 -7.88
CA SER B 308 19.27 -23.71 -7.86
C SER B 308 19.45 -23.02 -6.51
N GLU B 309 20.14 -23.68 -5.58
CA GLU B 309 20.40 -23.12 -4.26
C GLU B 309 21.80 -22.51 -4.21
N ASP B 310 21.97 -21.38 -3.55
CA ASP B 310 23.31 -20.82 -3.45
C ASP B 310 24.08 -21.75 -2.52
N LYS B 311 25.39 -21.85 -2.72
CA LYS B 311 26.19 -22.76 -1.89
C LYS B 311 26.83 -22.12 -0.67
N THR B 312 26.66 -20.81 -0.52
CA THR B 312 27.22 -20.07 0.59
C THR B 312 26.06 -19.70 1.53
N ASN B 313 25.02 -19.09 0.96
CA ASN B 313 23.82 -18.73 1.71
C ASN B 313 22.80 -19.85 1.45
N LYS B 314 22.90 -20.93 2.20
CA LYS B 314 22.01 -22.06 2.00
C LYS B 314 20.55 -21.67 2.16
N GLY B 315 19.69 -22.27 1.34
CA GLY B 315 18.27 -21.97 1.41
C GLY B 315 17.85 -20.95 0.36
N ALA B 316 18.83 -20.23 -0.18
CA ALA B 316 18.55 -19.22 -1.19
C ALA B 316 18.32 -19.86 -2.56
N TYR B 317 17.08 -20.21 -2.83
CA TYR B 317 16.71 -20.81 -4.11
C TYR B 317 16.23 -19.70 -5.03
N ILE B 318 16.87 -19.58 -6.18
CA ILE B 318 16.52 -18.54 -7.14
C ILE B 318 15.34 -18.97 -7.99
N ALA B 319 14.77 -18.02 -8.73
CA ALA B 319 13.64 -18.30 -9.59
C ALA B 319 14.05 -19.00 -10.87
N SER B 320 15.22 -18.67 -11.39
CA SER B 320 15.69 -19.28 -12.63
C SER B 320 17.11 -18.89 -12.96
N LEU B 321 17.90 -19.88 -13.36
CA LEU B 321 19.30 -19.62 -13.70
C LEU B 321 19.40 -19.13 -15.14
N SER B 322 18.78 -17.99 -15.40
CA SER B 322 18.82 -17.40 -16.72
C SER B 322 18.50 -15.91 -16.66
N ILE B 323 18.74 -15.23 -17.77
CA ILE B 323 18.47 -13.80 -17.87
C ILE B 323 17.50 -13.72 -19.06
N PRO B 324 16.19 -13.67 -18.79
CA PRO B 324 15.20 -13.60 -19.86
C PRO B 324 15.52 -12.58 -20.95
N TRP B 325 15.35 -13.00 -22.20
CA TRP B 325 15.63 -12.14 -23.34
C TRP B 325 17.01 -11.52 -23.16
N GLY B 326 17.89 -12.25 -22.48
CA GLY B 326 19.23 -11.78 -22.21
C GLY B 326 20.04 -11.42 -23.45
N ASP B 327 19.83 -12.15 -24.53
CA ASP B 327 20.54 -11.88 -25.77
C ASP B 327 20.04 -10.58 -26.41
N GLY B 328 19.17 -9.88 -25.69
CA GLY B 328 18.64 -8.62 -26.16
C GLY B 328 18.89 -7.49 -25.16
N GLN B 329 19.55 -7.81 -24.04
CA GLN B 329 19.82 -6.81 -23.00
C GLN B 329 21.31 -6.53 -22.98
N ARG B 330 21.71 -5.29 -22.68
CA ARG B 330 23.14 -5.00 -22.63
C ARG B 330 23.75 -5.82 -21.50
N ASP B 331 25.04 -6.09 -21.60
CA ASP B 331 25.73 -6.88 -20.58
C ASP B 331 25.99 -6.15 -19.26
N ASP B 332 25.07 -5.28 -18.86
CA ASP B 332 25.23 -4.55 -17.61
C ASP B 332 24.84 -5.48 -16.47
N ASN B 333 25.09 -5.03 -15.25
CA ASN B 333 24.75 -5.79 -14.06
C ASN B 333 23.22 -5.89 -13.93
N THR B 334 22.73 -7.12 -13.94
CA THR B 334 21.29 -7.38 -13.82
C THR B 334 21.12 -8.61 -12.95
N GLY B 335 20.01 -8.67 -12.23
CA GLY B 335 19.76 -9.83 -11.40
C GLY B 335 19.07 -10.92 -12.21
N GLY B 336 18.50 -10.55 -13.35
CA GLY B 336 17.79 -11.52 -14.17
C GLY B 336 16.79 -12.22 -13.27
N TYR B 337 16.73 -13.54 -13.35
CA TYR B 337 15.82 -14.29 -12.50
C TYR B 337 16.62 -15.04 -11.45
N HIS B 338 17.94 -14.81 -11.44
CA HIS B 338 18.78 -15.47 -10.45
C HIS B 338 18.80 -14.62 -9.19
N LEU B 339 17.60 -14.45 -8.65
CA LEU B 339 17.28 -13.69 -7.45
C LEU B 339 16.30 -14.53 -6.66
N VAL B 340 16.11 -14.22 -5.38
CA VAL B 340 15.19 -14.98 -4.56
C VAL B 340 13.83 -14.32 -4.34
N TRP B 341 12.77 -15.03 -4.72
CA TRP B 341 11.40 -14.55 -4.53
C TRP B 341 10.77 -15.48 -3.50
N SER B 342 10.21 -14.89 -2.45
CA SER B 342 9.56 -15.67 -1.43
C SER B 342 8.51 -16.59 -2.06
N ARG B 343 7.76 -16.05 -3.03
CA ARG B 343 6.73 -16.82 -3.71
C ARG B 343 7.30 -18.06 -4.41
N ASP B 344 8.24 -17.84 -5.34
CA ASP B 344 8.82 -18.97 -6.07
C ASP B 344 9.46 -19.99 -5.15
N LEU B 345 10.15 -19.50 -4.12
CA LEU B 345 10.82 -20.35 -3.16
C LEU B 345 9.81 -21.22 -2.42
N TYR B 346 8.68 -20.61 -2.05
CA TYR B 346 7.61 -21.33 -1.36
C TYR B 346 7.15 -22.52 -2.19
N HIS B 347 6.93 -22.29 -3.48
CA HIS B 347 6.49 -23.34 -4.36
C HIS B 347 7.57 -24.39 -4.57
N VAL B 348 8.81 -23.93 -4.67
CA VAL B 348 9.93 -24.84 -4.85
C VAL B 348 10.06 -25.70 -3.59
N ALA B 349 9.79 -25.10 -2.44
CA ALA B 349 9.87 -25.80 -1.17
C ALA B 349 8.82 -26.91 -1.13
N ASN B 350 7.64 -26.63 -1.65
CA ASN B 350 6.56 -27.61 -1.65
C ASN B 350 6.95 -28.79 -2.52
N ALA B 351 7.73 -28.52 -3.57
CA ALA B 351 8.16 -29.59 -4.46
C ALA B 351 9.09 -30.51 -3.68
N PHE B 352 10.05 -29.91 -2.99
CA PHE B 352 10.99 -30.69 -2.19
C PHE B 352 10.22 -31.53 -1.20
N ILE B 353 9.20 -30.95 -0.60
CA ILE B 353 8.38 -31.67 0.38
C ILE B 353 7.76 -32.89 -0.29
N ALA B 354 7.09 -32.66 -1.41
CA ALA B 354 6.43 -33.74 -2.14
C ALA B 354 7.42 -34.82 -2.55
N ALA B 355 8.65 -34.41 -2.84
CA ALA B 355 9.68 -35.34 -3.26
C ALA B 355 10.35 -36.07 -2.09
N GLY B 356 10.08 -35.61 -0.87
CA GLY B 356 10.66 -36.25 0.29
C GLY B 356 11.93 -35.58 0.80
N ASP B 357 12.41 -34.57 0.09
CA ASP B 357 13.61 -33.86 0.51
C ASP B 357 13.19 -32.72 1.45
N VAL B 358 12.72 -33.10 2.63
CA VAL B 358 12.28 -32.12 3.61
C VAL B 358 13.43 -31.23 4.06
N ASP B 359 14.65 -31.74 3.98
CA ASP B 359 15.82 -30.97 4.39
C ASP B 359 15.95 -29.67 3.59
N SER B 360 15.83 -29.79 2.26
CA SER B 360 15.96 -28.63 1.38
C SER B 360 14.86 -27.62 1.67
N ALA B 361 13.65 -28.11 1.87
CA ALA B 361 12.51 -27.24 2.19
C ALA B 361 12.84 -26.40 3.44
N ASN B 362 13.23 -27.10 4.50
CA ASN B 362 13.57 -26.43 5.76
C ASN B 362 14.69 -25.42 5.59
N ARG B 363 15.70 -25.79 4.82
CA ARG B 363 16.82 -24.90 4.56
C ARG B 363 16.30 -23.61 3.90
N SER B 364 15.31 -23.74 3.02
CA SER B 364 14.78 -22.57 2.36
C SER B 364 13.99 -21.73 3.35
N LEU B 365 13.28 -22.40 4.25
CA LEU B 365 12.49 -21.69 5.26
C LEU B 365 13.41 -20.88 6.14
N ASP B 366 14.50 -21.49 6.59
CA ASP B 366 15.45 -20.79 7.43
C ASP B 366 16.05 -19.60 6.68
N TYR B 367 16.14 -19.70 5.36
CA TYR B 367 16.68 -18.60 4.57
C TYR B 367 15.69 -17.44 4.68
N LEU B 368 14.42 -17.76 4.55
CA LEU B 368 13.37 -16.73 4.67
C LEU B 368 13.41 -16.09 6.05
N ALA B 369 13.69 -16.89 7.08
CA ALA B 369 13.77 -16.36 8.44
C ALA B 369 14.88 -15.33 8.50
N LYS B 370 15.99 -15.63 7.83
CA LYS B 370 17.11 -14.72 7.78
C LYS B 370 16.68 -13.42 7.09
N VAL B 371 16.02 -13.55 5.93
CA VAL B 371 15.56 -12.40 5.19
C VAL B 371 14.69 -11.53 6.09
N VAL B 372 13.71 -12.16 6.74
CA VAL B 372 12.81 -11.44 7.64
C VAL B 372 13.55 -10.75 8.76
N LYS B 373 14.61 -11.40 9.25
CA LYS B 373 15.41 -10.82 10.32
C LYS B 373 16.19 -9.60 9.84
N ASP B 374 16.65 -9.64 8.60
CA ASP B 374 17.42 -8.54 8.05
C ASP B 374 16.58 -7.38 7.53
N ASN B 375 15.36 -7.66 7.08
CA ASN B 375 14.51 -6.62 6.53
C ASN B 375 13.25 -6.32 7.32
N GLY B 376 12.99 -7.10 8.36
CA GLY B 376 11.81 -6.85 9.17
C GLY B 376 10.53 -7.27 8.48
N MET B 377 10.67 -7.83 7.29
CA MET B 377 9.52 -8.27 6.51
C MET B 377 10.06 -8.93 5.24
N ILE B 378 9.16 -9.38 4.38
CA ILE B 378 9.58 -10.03 3.14
C ILE B 378 9.58 -9.03 1.98
N PRO B 379 10.77 -8.64 1.51
CA PRO B 379 10.80 -7.69 0.38
C PRO B 379 10.42 -8.41 -0.92
N GLN B 380 9.98 -7.65 -1.91
CA GLN B 380 9.55 -8.21 -3.20
C GLN B 380 10.44 -9.38 -3.61
N ASN B 381 11.74 -9.13 -3.69
CA ASN B 381 12.72 -10.15 -4.03
C ASN B 381 14.09 -9.67 -3.54
N THR B 382 15.07 -10.58 -3.51
CA THR B 382 16.39 -10.21 -3.01
C THR B 382 17.54 -10.91 -3.68
N TRP B 383 18.74 -10.38 -3.48
CA TRP B 383 19.93 -11.03 -4.00
C TRP B 383 20.07 -12.18 -3.00
N ILE B 384 20.95 -13.13 -3.26
CA ILE B 384 21.10 -14.24 -2.34
C ILE B 384 21.56 -13.75 -0.96
N SER B 385 22.18 -12.56 -0.92
CA SER B 385 22.65 -12.02 0.35
C SER B 385 21.48 -11.61 1.26
N GLY B 386 20.30 -11.48 0.68
CA GLY B 386 19.15 -11.06 1.46
C GLY B 386 18.85 -9.59 1.19
N LYS B 387 19.76 -8.92 0.49
CA LYS B 387 19.58 -7.51 0.15
C LYS B 387 18.48 -7.39 -0.90
N PRO B 388 17.46 -6.58 -0.62
CA PRO B 388 16.35 -6.40 -1.57
C PRO B 388 16.78 -5.90 -2.95
N TYR B 389 16.12 -6.44 -3.97
CA TYR B 389 16.38 -6.06 -5.36
C TYR B 389 15.28 -5.09 -5.76
N TRP B 390 14.02 -5.51 -5.65
CA TRP B 390 12.90 -4.62 -5.93
C TRP B 390 12.23 -4.40 -4.58
N THR B 391 11.36 -3.40 -4.50
CA THR B 391 10.75 -3.08 -3.23
C THR B 391 9.21 -3.05 -3.17
N GLY B 392 8.55 -3.66 -4.14
CA GLY B 392 7.09 -3.67 -4.09
C GLY B 392 6.59 -4.42 -2.86
N ILE B 393 5.36 -4.12 -2.43
CA ILE B 393 4.77 -4.77 -1.27
C ILE B 393 3.79 -5.88 -1.68
N GLN B 394 4.24 -7.13 -1.65
CA GLN B 394 3.41 -8.27 -2.03
C GLN B 394 2.95 -9.05 -0.80
N LEU B 395 1.69 -8.91 -0.44
CA LEU B 395 1.13 -9.60 0.72
C LEU B 395 1.22 -11.12 0.67
N ASP B 396 1.05 -11.71 -0.52
CA ASP B 396 1.13 -13.15 -0.63
C ASP B 396 2.53 -13.62 -0.23
N GLU B 397 3.54 -12.79 -0.48
CA GLU B 397 4.91 -13.14 -0.15
C GLU B 397 5.18 -13.03 1.33
N GLN B 398 4.33 -12.29 2.04
CA GLN B 398 4.48 -12.15 3.49
C GLN B 398 3.82 -13.37 4.15
N ALA B 399 2.79 -13.91 3.50
CA ALA B 399 2.04 -15.05 4.02
C ALA B 399 2.64 -16.43 3.73
N ASP B 400 3.20 -16.62 2.55
CA ASP B 400 3.75 -17.92 2.17
C ASP B 400 4.75 -18.52 3.16
N PRO B 401 5.69 -17.72 3.67
CA PRO B 401 6.62 -18.34 4.62
C PRO B 401 5.93 -18.87 5.87
N ILE B 402 4.78 -18.30 6.20
CA ILE B 402 4.03 -18.72 7.38
C ILE B 402 3.38 -20.06 7.08
N ILE B 403 2.81 -20.17 5.89
CA ILE B 403 2.18 -21.40 5.48
C ILE B 403 3.24 -22.51 5.46
N LEU B 404 4.40 -22.22 4.89
CA LEU B 404 5.47 -23.22 4.82
C LEU B 404 5.92 -23.62 6.21
N SER B 405 5.94 -22.66 7.13
CA SER B 405 6.34 -22.95 8.51
C SER B 405 5.38 -23.97 9.10
N TYR B 406 4.09 -23.78 8.84
CA TYR B 406 3.08 -24.68 9.36
C TYR B 406 3.29 -26.10 8.79
N ARG B 407 3.33 -26.21 7.47
CA ARG B 407 3.50 -27.52 6.85
C ARG B 407 4.79 -28.23 7.28
N LEU B 408 5.84 -27.48 7.55
CA LEU B 408 7.10 -28.08 7.99
C LEU B 408 7.09 -28.23 9.51
N LYS B 409 6.01 -27.75 10.13
CA LYS B 409 5.84 -27.83 11.58
C LYS B 409 6.99 -27.22 12.33
N ARG B 410 7.49 -26.11 11.81
CA ARG B 410 8.60 -25.40 12.43
C ARG B 410 8.03 -24.35 13.38
N TYR B 411 7.39 -24.79 14.44
CA TYR B 411 6.80 -23.88 15.42
C TYR B 411 7.89 -23.10 16.16
N ASP B 412 9.12 -23.51 15.95
CA ASP B 412 10.26 -22.85 16.58
C ASP B 412 10.56 -21.52 15.91
N LEU B 413 9.93 -21.27 14.77
CA LEU B 413 10.17 -20.03 14.04
C LEU B 413 9.10 -18.96 14.30
N TYR B 414 8.22 -19.23 15.27
CA TYR B 414 7.15 -18.31 15.61
C TYR B 414 7.61 -16.89 15.92
N ASP B 415 8.54 -16.75 16.84
CA ASP B 415 9.04 -15.44 17.25
C ASP B 415 9.82 -14.69 16.20
N SER B 416 10.63 -15.40 15.42
CA SER B 416 11.46 -14.75 14.42
C SER B 416 10.86 -14.64 13.02
N LEU B 417 9.87 -15.46 12.72
CA LEU B 417 9.28 -15.44 11.39
C LEU B 417 7.77 -15.21 11.34
N VAL B 418 7.02 -16.14 11.91
CA VAL B 418 5.58 -16.10 11.90
C VAL B 418 4.92 -14.86 12.51
N LYS B 419 5.21 -14.59 13.78
CA LYS B 419 4.63 -13.44 14.45
C LYS B 419 4.91 -12.12 13.71
N PRO B 420 6.19 -11.80 13.47
CA PRO B 420 6.48 -10.54 12.76
C PRO B 420 5.80 -10.41 11.40
N LEU B 421 5.67 -11.51 10.66
CA LEU B 421 5.02 -11.45 9.35
C LEU B 421 3.50 -11.38 9.48
N ALA B 422 2.96 -12.06 10.48
CA ALA B 422 1.52 -12.06 10.70
C ALA B 422 1.09 -10.68 11.16
N ASP B 423 1.87 -10.09 12.07
CA ASP B 423 1.54 -8.76 12.57
C ASP B 423 1.59 -7.74 11.42
N PHE B 424 2.57 -7.92 10.53
CA PHE B 424 2.72 -7.00 9.40
C PHE B 424 1.49 -7.12 8.51
N ILE B 425 1.10 -8.34 8.18
CA ILE B 425 -0.06 -8.60 7.33
C ILE B 425 -1.34 -7.95 7.87
N ILE B 426 -1.59 -8.14 9.16
CA ILE B 426 -2.79 -7.57 9.76
C ILE B 426 -2.75 -6.05 9.77
N LYS B 427 -1.55 -5.49 9.75
CA LYS B 427 -1.36 -4.05 9.79
C LYS B 427 -1.64 -3.34 8.46
N ILE B 428 -1.45 -4.05 7.35
CA ILE B 428 -1.65 -3.43 6.04
C ILE B 428 -2.67 -4.15 5.16
N GLY B 429 -2.92 -5.42 5.44
CA GLY B 429 -3.87 -6.18 4.65
C GLY B 429 -5.29 -5.69 4.85
N PRO B 430 -6.27 -6.23 4.11
CA PRO B 430 -6.09 -7.28 3.11
C PRO B 430 -5.61 -6.78 1.73
N LYS B 431 -5.65 -5.47 1.51
CA LYS B 431 -5.22 -4.90 0.23
C LYS B 431 -3.71 -5.06 0.08
N THR B 432 -3.24 -5.24 -1.16
CA THR B 432 -1.82 -5.44 -1.41
C THR B 432 -1.22 -4.38 -2.33
N GLY B 433 0.09 -4.15 -2.20
CA GLY B 433 0.77 -3.17 -3.04
C GLY B 433 0.79 -3.69 -4.46
N GLN B 434 0.90 -5.01 -4.57
CA GLN B 434 0.88 -5.68 -5.86
C GLN B 434 0.55 -7.15 -5.65
N GLU B 435 -0.08 -7.74 -6.66
CA GLU B 435 -0.44 -9.14 -6.61
C GLU B 435 0.75 -9.98 -7.10
N ARG B 436 0.58 -11.29 -7.20
CA ARG B 436 1.70 -12.15 -7.59
C ARG B 436 2.40 -11.86 -8.91
N TRP B 437 1.74 -11.15 -9.82
CA TRP B 437 2.39 -10.84 -11.09
C TRP B 437 3.25 -9.57 -10.93
N GLU B 438 3.29 -9.05 -9.70
CA GLU B 438 4.09 -7.87 -9.34
C GLU B 438 3.77 -6.61 -10.15
N GLU B 439 2.52 -6.40 -10.50
CA GLU B 439 2.21 -5.22 -11.32
C GLU B 439 1.16 -4.25 -10.86
N ILE B 440 0.21 -4.69 -10.05
CA ILE B 440 -0.85 -3.79 -9.64
C ILE B 440 -1.36 -4.04 -8.21
N GLY B 441 -1.80 -2.98 -7.54
CA GLY B 441 -2.29 -3.11 -6.18
C GLY B 441 -3.81 -3.19 -6.09
N GLY B 442 -4.31 -3.50 -4.90
CA GLY B 442 -5.75 -3.62 -4.70
C GLY B 442 -6.14 -4.91 -3.98
N TYR B 443 -7.37 -5.34 -4.20
CA TYR B 443 -7.88 -6.57 -3.60
C TYR B 443 -7.85 -7.67 -4.64
N SER B 444 -6.93 -8.61 -4.44
CA SER B 444 -6.74 -9.73 -5.34
C SER B 444 -7.19 -11.04 -4.69
N PRO B 445 -8.02 -11.83 -5.39
CA PRO B 445 -8.46 -13.09 -4.81
C PRO B 445 -7.29 -14.01 -4.49
N ALA B 446 -6.29 -14.04 -5.36
CA ALA B 446 -5.10 -14.89 -5.13
C ALA B 446 -4.33 -14.44 -3.89
N THR B 447 -4.10 -13.13 -3.78
CA THR B 447 -3.38 -12.59 -2.64
C THR B 447 -4.23 -12.76 -1.36
N MET B 448 -5.51 -12.42 -1.43
CA MET B 448 -6.36 -12.60 -0.26
C MET B 448 -6.39 -14.07 0.18
N ALA B 449 -6.47 -14.98 -0.78
CA ALA B 449 -6.47 -16.41 -0.45
C ALA B 449 -5.21 -16.71 0.37
N ALA B 450 -4.07 -16.19 -0.08
CA ALA B 450 -2.82 -16.42 0.61
C ALA B 450 -2.81 -15.80 2.01
N GLU B 451 -3.43 -14.63 2.14
CA GLU B 451 -3.47 -13.95 3.43
C GLU B 451 -4.32 -14.73 4.44
N VAL B 452 -5.47 -15.24 4.00
CA VAL B 452 -6.34 -16.01 4.88
C VAL B 452 -5.65 -17.32 5.26
N ALA B 453 -4.98 -17.95 4.30
CA ALA B 453 -4.27 -19.21 4.57
C ALA B 453 -3.09 -18.91 5.49
N GLY B 454 -2.42 -17.80 5.23
CA GLY B 454 -1.28 -17.42 6.04
C GLY B 454 -1.68 -17.17 7.49
N LEU B 455 -2.67 -16.30 7.72
CA LEU B 455 -3.12 -15.98 9.06
C LEU B 455 -3.66 -17.19 9.82
N THR B 456 -4.35 -18.09 9.11
CA THR B 456 -4.88 -19.29 9.73
C THR B 456 -3.70 -20.13 10.24
N CYS B 457 -2.68 -20.28 9.41
CA CYS B 457 -1.50 -21.02 9.80
C CYS B 457 -0.79 -20.34 10.95
N ALA B 458 -0.80 -19.00 10.95
CA ALA B 458 -0.16 -18.23 12.01
C ALA B 458 -0.86 -18.51 13.35
N ALA B 459 -2.18 -18.57 13.32
CA ALA B 459 -2.96 -18.83 14.52
C ALA B 459 -2.60 -20.20 15.09
N TYR B 460 -2.51 -21.18 14.21
CA TYR B 460 -2.15 -22.54 14.59
C TYR B 460 -0.79 -22.57 15.27
N ILE B 461 0.17 -21.85 14.69
CA ILE B 461 1.52 -21.81 15.22
C ILE B 461 1.59 -21.02 16.53
N ALA B 462 0.71 -20.04 16.69
CA ALA B 462 0.69 -19.24 17.91
C ALA B 462 0.16 -20.10 19.06
N GLU B 463 -0.84 -20.94 18.79
CA GLU B 463 -1.38 -21.82 19.83
C GLU B 463 -0.31 -22.80 20.27
N GLN B 464 0.43 -23.33 19.30
CA GLN B 464 1.51 -24.27 19.59
C GLN B 464 2.51 -23.61 20.51
N ASN B 465 2.63 -22.29 20.39
CA ASN B 465 3.54 -21.55 21.23
C ASN B 465 2.78 -20.95 22.41
N LYS B 466 1.55 -21.41 22.59
CA LYS B 466 0.69 -20.97 23.67
C LYS B 466 0.43 -19.46 23.68
N ASP B 467 0.35 -18.87 22.49
CA ASP B 467 0.07 -17.44 22.37
C ASP B 467 -1.38 -17.37 21.88
N TYR B 468 -2.29 -17.77 22.75
CA TYR B 468 -3.71 -17.80 22.43
C TYR B 468 -4.28 -16.42 22.08
N GLU B 469 -3.67 -15.36 22.59
CA GLU B 469 -4.15 -14.03 22.27
C GLU B 469 -3.89 -13.73 20.81
N SER B 470 -2.66 -14.00 20.36
CA SER B 470 -2.30 -13.77 18.96
C SER B 470 -3.07 -14.72 18.05
N ALA B 471 -3.24 -15.96 18.50
CA ALA B 471 -3.96 -16.95 17.71
C ALA B 471 -5.39 -16.48 17.44
N GLN B 472 -6.07 -16.02 18.49
CA GLN B 472 -7.44 -15.54 18.35
C GLN B 472 -7.49 -14.35 17.40
N LYS B 473 -6.55 -13.42 17.57
CA LYS B 473 -6.44 -12.22 16.75
C LYS B 473 -6.20 -12.58 15.28
N TYR B 474 -5.34 -13.56 15.06
CA TYR B 474 -4.99 -14.02 13.72
C TYR B 474 -6.14 -14.70 12.98
N GLN B 475 -6.85 -15.59 13.67
CA GLN B 475 -7.97 -16.30 13.04
C GLN B 475 -9.19 -15.44 12.79
N GLU B 476 -9.47 -14.52 13.71
CA GLU B 476 -10.62 -13.63 13.53
C GLU B 476 -10.41 -12.82 12.26
N LYS B 477 -9.20 -12.28 12.11
CA LYS B 477 -8.86 -11.48 10.94
C LYS B 477 -8.97 -12.35 9.67
N ALA B 478 -8.45 -13.58 9.75
CA ALA B 478 -8.50 -14.50 8.62
C ALA B 478 -9.93 -14.78 8.22
N ASP B 479 -10.78 -15.02 9.22
CA ASP B 479 -12.20 -15.30 8.99
C ASP B 479 -12.90 -14.10 8.36
N ASN B 480 -12.63 -12.90 8.89
CA ASN B 480 -13.22 -11.68 8.37
C ASN B 480 -12.85 -11.52 6.89
N TRP B 481 -11.55 -11.46 6.61
CA TRP B 481 -11.08 -11.31 5.23
C TRP B 481 -11.63 -12.41 4.33
N GLN B 482 -11.68 -13.64 4.85
CA GLN B 482 -12.19 -14.76 4.07
C GLN B 482 -13.64 -14.47 3.67
N LYS B 483 -14.42 -13.94 4.60
CA LYS B 483 -15.82 -13.60 4.36
C LYS B 483 -16.00 -12.41 3.41
N LEU B 484 -14.96 -11.60 3.26
CA LEU B 484 -15.02 -10.43 2.39
C LEU B 484 -14.50 -10.64 0.97
N ILE B 485 -13.86 -11.78 0.73
CA ILE B 485 -13.31 -12.07 -0.58
C ILE B 485 -14.31 -11.90 -1.73
N ASP B 486 -15.48 -12.51 -1.59
CA ASP B 486 -16.51 -12.39 -2.61
C ASP B 486 -16.97 -10.95 -2.78
N ASN B 487 -17.23 -10.27 -1.67
CA ASN B 487 -17.68 -8.89 -1.72
C ASN B 487 -16.66 -7.94 -2.34
N LEU B 488 -15.39 -8.22 -2.11
CA LEU B 488 -14.30 -7.38 -2.61
C LEU B 488 -13.79 -7.69 -4.00
N THR B 489 -13.82 -8.96 -4.41
CA THR B 489 -13.28 -9.34 -5.72
C THR B 489 -14.19 -10.02 -6.71
N TYR B 490 -15.41 -10.37 -6.28
CA TYR B 490 -16.34 -11.04 -7.18
C TYR B 490 -17.34 -10.07 -7.78
N THR B 491 -17.27 -9.89 -9.10
CA THR B 491 -18.18 -8.98 -9.77
C THR B 491 -19.43 -9.72 -10.25
N GLU B 492 -20.53 -8.97 -10.33
CA GLU B 492 -21.81 -9.50 -10.78
C GLU B 492 -22.31 -8.55 -11.84
N ASN B 493 -21.43 -7.66 -12.27
CA ASN B 493 -21.75 -6.64 -13.24
C ASN B 493 -20.66 -6.60 -14.32
N GLY B 494 -20.01 -7.73 -14.54
CA GLY B 494 -18.95 -7.79 -15.54
C GLY B 494 -19.39 -7.86 -16.98
N PRO B 495 -18.59 -7.35 -17.92
CA PRO B 495 -18.91 -7.37 -19.35
C PRO B 495 -18.67 -8.71 -20.03
N LEU B 496 -17.91 -9.59 -19.38
CA LEU B 496 -17.62 -10.91 -19.96
C LEU B 496 -18.67 -11.93 -19.57
N GLY B 497 -18.96 -12.83 -20.51
CA GLY B 497 -19.94 -13.88 -20.26
C GLY B 497 -21.20 -13.44 -19.55
N ASN B 498 -21.56 -14.16 -18.50
CA ASN B 498 -22.77 -13.85 -17.74
C ASN B 498 -22.51 -12.74 -16.73
N GLY B 499 -21.36 -12.09 -16.86
CA GLY B 499 -21.00 -10.99 -15.98
C GLY B 499 -20.76 -11.32 -14.51
N GLN B 500 -20.68 -12.60 -14.18
CA GLN B 500 -20.44 -13.02 -12.82
C GLN B 500 -19.16 -13.83 -12.77
N TYR B 501 -18.15 -13.30 -12.08
CA TYR B 501 -16.85 -13.95 -11.96
C TYR B 501 -15.89 -13.14 -11.11
N TYR B 502 -14.86 -13.82 -10.60
CA TYR B 502 -13.82 -13.16 -9.81
C TYR B 502 -12.98 -12.38 -10.79
N ILE B 503 -12.63 -11.15 -10.47
CA ILE B 503 -11.81 -10.36 -11.38
C ILE B 503 -10.35 -10.45 -10.97
N ARG B 504 -9.46 -10.05 -11.86
CA ARG B 504 -8.03 -10.13 -11.54
C ARG B 504 -7.73 -9.36 -10.25
N ILE B 505 -8.23 -8.14 -10.19
CA ILE B 505 -8.00 -7.31 -9.02
C ILE B 505 -8.95 -6.12 -8.95
N ALA B 506 -9.44 -5.84 -7.74
CA ALA B 506 -10.35 -4.73 -7.55
C ALA B 506 -9.56 -3.51 -7.09
N GLY B 507 -9.76 -2.40 -7.79
CA GLY B 507 -9.07 -1.17 -7.46
C GLY B 507 -9.57 -0.52 -6.18
N LEU B 508 -10.81 -0.83 -5.83
CA LEU B 508 -11.43 -0.29 -4.62
C LEU B 508 -12.35 -1.36 -4.01
N SER B 509 -12.92 -1.08 -2.86
CA SER B 509 -13.77 -2.04 -2.15
C SER B 509 -15.12 -2.34 -2.80
N ASP B 510 -15.17 -2.30 -4.13
CA ASP B 510 -16.40 -2.60 -4.84
C ASP B 510 -16.08 -3.16 -6.23
N PRO B 511 -16.19 -4.48 -6.38
CA PRO B 511 -15.90 -5.12 -7.67
C PRO B 511 -16.96 -4.84 -8.75
N ASP B 512 -18.07 -4.23 -8.35
CA ASP B 512 -19.14 -3.91 -9.29
C ASP B 512 -19.04 -2.49 -9.84
N ALA B 513 -18.28 -1.65 -9.15
CA ALA B 513 -18.11 -0.28 -9.57
C ALA B 513 -17.12 -0.19 -10.72
N ASP B 514 -17.15 0.94 -11.44
CA ASP B 514 -16.25 1.17 -12.55
C ASP B 514 -14.96 1.72 -11.97
N PHE B 515 -13.83 1.25 -12.48
CA PHE B 515 -12.53 1.69 -11.98
C PHE B 515 -11.49 1.32 -13.04
N MET B 516 -10.78 2.33 -13.52
CA MET B 516 -9.78 2.11 -14.54
C MET B 516 -8.46 1.67 -13.92
N ILE B 517 -7.83 0.70 -14.55
CA ILE B 517 -6.54 0.21 -14.08
C ILE B 517 -5.58 0.23 -15.27
N ASN B 518 -4.31 0.46 -14.96
CA ASN B 518 -3.28 0.51 -15.99
C ASN B 518 -2.53 -0.82 -15.99
N ILE B 519 -2.48 -1.46 -17.16
CA ILE B 519 -1.79 -2.74 -17.29
C ILE B 519 -0.32 -2.45 -17.59
N ALA B 520 0.56 -3.17 -16.91
CA ALA B 520 1.99 -2.97 -17.09
C ALA B 520 2.45 -3.37 -18.49
N ASN B 521 3.74 -3.17 -18.73
CA ASN B 521 4.36 -3.56 -19.99
C ASN B 521 3.60 -3.08 -21.22
N GLY B 522 3.07 -1.85 -21.14
CA GLY B 522 2.34 -1.27 -22.25
C GLY B 522 1.02 -1.94 -22.58
N GLY B 523 0.51 -2.74 -21.66
CA GLY B 523 -0.75 -3.44 -21.89
C GLY B 523 -1.98 -2.57 -22.08
N GLY B 524 -1.91 -1.29 -21.73
CA GLY B 524 -3.04 -0.39 -21.90
C GLY B 524 -3.87 -0.09 -20.66
N VAL B 525 -5.04 0.52 -20.86
CA VAL B 525 -5.92 0.86 -19.75
C VAL B 525 -7.30 0.26 -19.98
N TYR B 526 -7.85 -0.38 -18.94
CA TYR B 526 -9.16 -1.03 -19.01
C TYR B 526 -9.86 -0.92 -17.68
N ASP B 527 -11.16 -1.23 -17.66
CA ASP B 527 -11.91 -1.20 -16.42
C ASP B 527 -11.59 -2.51 -15.69
N GLN B 528 -11.51 -2.45 -14.36
CA GLN B 528 -11.18 -3.62 -13.57
C GLN B 528 -12.03 -4.85 -13.87
N LYS B 529 -13.31 -4.64 -14.15
CA LYS B 529 -14.21 -5.75 -14.44
C LYS B 529 -13.92 -6.45 -15.77
N GLU B 530 -13.08 -5.82 -16.61
CA GLU B 530 -12.73 -6.40 -17.91
C GLU B 530 -11.57 -7.41 -17.85
N ILE B 531 -10.83 -7.41 -16.74
CA ILE B 531 -9.67 -8.28 -16.62
C ILE B 531 -9.87 -9.48 -15.69
N VAL B 532 -9.64 -10.67 -16.24
CA VAL B 532 -9.74 -11.91 -15.50
C VAL B 532 -8.36 -12.54 -15.39
N ASP B 533 -8.14 -13.35 -14.36
CA ASP B 533 -6.82 -13.95 -14.13
C ASP B 533 -6.99 -15.35 -13.55
N PRO B 534 -6.36 -16.36 -14.17
CA PRO B 534 -6.49 -17.73 -13.63
C PRO B 534 -5.96 -17.89 -12.20
N SER B 535 -5.31 -16.84 -11.70
CA SER B 535 -4.76 -16.88 -10.34
C SER B 535 -5.87 -17.03 -9.32
N PHE B 536 -7.11 -16.79 -9.71
CA PHE B 536 -8.21 -16.92 -8.78
C PHE B 536 -8.29 -18.35 -8.23
N LEU B 537 -7.83 -19.31 -9.04
CA LEU B 537 -7.85 -20.72 -8.63
C LEU B 537 -7.02 -20.95 -7.38
N GLU B 538 -6.24 -19.94 -6.98
CA GLU B 538 -5.42 -20.03 -5.77
C GLU B 538 -6.36 -20.15 -4.58
N LEU B 539 -7.59 -19.67 -4.75
CA LEU B 539 -8.59 -19.74 -3.69
C LEU B 539 -8.85 -21.20 -3.31
N VAL B 540 -9.01 -22.06 -4.31
CA VAL B 540 -9.25 -23.48 -4.01
C VAL B 540 -7.93 -24.15 -3.69
N ARG B 541 -6.86 -23.79 -4.41
CA ARG B 541 -5.55 -24.37 -4.19
C ARG B 541 -5.12 -24.30 -2.72
N LEU B 542 -5.42 -23.18 -2.08
CA LEU B 542 -5.05 -22.95 -0.68
C LEU B 542 -6.11 -23.42 0.33
N GLY B 543 -7.23 -23.93 -0.17
CA GLY B 543 -8.29 -24.40 0.70
C GLY B 543 -9.15 -23.28 1.27
N VAL B 544 -9.28 -22.18 0.54
CA VAL B 544 -10.07 -21.03 0.98
C VAL B 544 -11.49 -21.08 0.42
N LYS B 545 -11.63 -21.68 -0.76
CA LYS B 545 -12.92 -21.82 -1.41
C LYS B 545 -12.99 -23.25 -1.96
N SER B 546 -14.20 -23.81 -2.01
CA SER B 546 -14.39 -25.16 -2.52
C SER B 546 -14.22 -25.18 -4.02
N ALA B 547 -13.80 -26.33 -4.54
CA ALA B 547 -13.60 -26.48 -5.98
C ALA B 547 -14.93 -26.42 -6.73
N ASP B 548 -16.00 -26.81 -6.05
CA ASP B 548 -17.31 -26.81 -6.68
C ASP B 548 -18.11 -25.53 -6.44
N ASP B 549 -17.55 -24.59 -5.68
CA ASP B 549 -18.22 -23.33 -5.41
C ASP B 549 -18.69 -22.72 -6.73
N PRO B 550 -19.99 -22.43 -6.84
CA PRO B 550 -20.52 -21.85 -8.08
C PRO B 550 -19.80 -20.59 -8.55
N LYS B 551 -19.20 -19.85 -7.64
CA LYS B 551 -18.48 -18.64 -8.05
C LYS B 551 -17.19 -19.05 -8.77
N ILE B 552 -16.57 -20.13 -8.30
CA ILE B 552 -15.35 -20.65 -8.92
C ILE B 552 -15.69 -21.15 -10.33
N LEU B 553 -16.75 -21.94 -10.44
CA LEU B 553 -17.18 -22.46 -11.75
C LEU B 553 -17.54 -21.35 -12.73
N ASN B 554 -18.18 -20.30 -12.24
CA ASN B 554 -18.56 -19.18 -13.10
C ASN B 554 -17.31 -18.48 -13.65
N THR B 555 -16.32 -18.28 -12.77
CA THR B 555 -15.06 -17.63 -13.15
C THR B 555 -14.31 -18.51 -14.15
N LEU B 556 -14.36 -19.81 -13.94
CA LEU B 556 -13.69 -20.76 -14.80
C LEU B 556 -14.22 -20.63 -16.23
N LYS B 557 -15.53 -20.44 -16.37
CA LYS B 557 -16.13 -20.29 -17.71
C LYS B 557 -15.57 -19.07 -18.43
N VAL B 558 -15.54 -17.93 -17.73
CA VAL B 558 -15.03 -16.71 -18.33
C VAL B 558 -13.55 -16.83 -18.67
N VAL B 559 -12.78 -17.36 -17.73
CA VAL B 559 -11.35 -17.53 -17.97
C VAL B 559 -11.09 -18.41 -19.20
N ASP B 560 -11.77 -19.54 -19.31
CA ASP B 560 -11.56 -20.40 -20.47
C ASP B 560 -12.05 -19.79 -21.77
N SER B 561 -13.05 -18.92 -21.69
CA SER B 561 -13.60 -18.29 -22.89
C SER B 561 -12.73 -17.13 -23.37
N THR B 562 -11.94 -16.58 -22.47
CA THR B 562 -11.12 -15.44 -22.84
C THR B 562 -9.60 -15.62 -22.92
N ILE B 563 -9.00 -16.33 -21.97
CA ILE B 563 -7.55 -16.48 -21.99
C ILE B 563 -6.97 -17.88 -22.12
N LYS B 564 -7.80 -18.86 -22.47
CA LYS B 564 -7.32 -20.22 -22.67
C LYS B 564 -6.95 -20.42 -24.13
N VAL B 565 -5.87 -21.15 -24.37
CA VAL B 565 -5.44 -21.44 -25.74
C VAL B 565 -5.04 -22.91 -25.81
N ASP B 566 -5.53 -23.61 -26.82
CA ASP B 566 -5.19 -25.00 -27.01
C ASP B 566 -4.05 -25.01 -28.03
N THR B 567 -2.84 -25.35 -27.58
CA THR B 567 -1.69 -25.39 -28.48
C THR B 567 -1.53 -26.83 -28.95
N PRO B 568 -0.68 -27.07 -29.95
CA PRO B 568 -0.50 -28.45 -30.41
C PRO B 568 0.18 -29.34 -29.37
N LYS B 569 0.60 -28.75 -28.26
CA LYS B 569 1.26 -29.47 -27.16
C LYS B 569 0.28 -29.71 -26.02
N GLY B 570 -0.86 -29.03 -26.08
CA GLY B 570 -1.84 -29.17 -25.04
C GLY B 570 -2.37 -27.79 -24.65
N PRO B 571 -3.27 -27.72 -23.66
CA PRO B 571 -3.83 -26.45 -23.22
C PRO B 571 -2.97 -25.62 -22.27
N SER B 572 -3.09 -24.31 -22.41
CA SER B 572 -2.37 -23.37 -21.55
C SER B 572 -3.18 -22.07 -21.46
N TRP B 573 -2.78 -21.17 -20.58
CA TRP B 573 -3.48 -19.91 -20.37
C TRP B 573 -2.55 -18.71 -20.26
N TYR B 574 -3.10 -17.53 -20.47
CA TYR B 574 -2.36 -16.28 -20.33
C TYR B 574 -2.55 -15.94 -18.86
N ARG B 575 -1.70 -15.06 -18.32
CA ARG B 575 -1.85 -14.70 -16.93
C ARG B 575 -3.11 -13.85 -16.77
N TYR B 576 -3.46 -13.12 -17.83
CA TYR B 576 -4.64 -12.25 -17.83
C TYR B 576 -4.72 -11.56 -19.17
N ASN B 577 -5.92 -11.17 -19.58
CA ASN B 577 -6.13 -10.50 -20.86
C ASN B 577 -5.37 -9.17 -20.93
N HIS B 578 -4.73 -8.94 -22.08
CA HIS B 578 -3.94 -7.74 -22.37
C HIS B 578 -2.54 -7.75 -21.74
N ASP B 579 -2.10 -8.92 -21.30
CA ASP B 579 -0.78 -9.03 -20.69
C ASP B 579 0.24 -8.63 -21.74
N GLY B 580 1.21 -7.81 -21.37
CA GLY B 580 2.21 -7.39 -22.33
C GLY B 580 3.61 -7.88 -22.00
N TYR B 581 3.73 -8.73 -20.99
CA TYR B 581 5.03 -9.26 -20.57
C TYR B 581 5.50 -10.40 -21.48
N GLY B 582 6.05 -10.06 -22.64
CA GLY B 582 6.53 -11.06 -23.58
C GLY B 582 6.94 -10.44 -24.91
N GLU B 583 7.44 -11.27 -25.83
CA GLU B 583 7.87 -10.79 -27.14
C GLU B 583 6.74 -10.11 -27.90
N PRO B 584 7.00 -8.90 -28.44
CA PRO B 584 5.93 -8.23 -29.18
C PRO B 584 5.56 -9.00 -30.44
N SER B 585 6.53 -9.69 -31.03
CA SER B 585 6.28 -10.50 -32.22
C SER B 585 7.19 -11.70 -32.21
N LYS B 586 7.02 -12.56 -33.21
CA LYS B 586 7.81 -13.77 -33.32
C LYS B 586 9.29 -13.46 -33.61
N THR B 587 9.55 -12.29 -34.18
CA THR B 587 10.92 -11.90 -34.53
C THR B 587 11.53 -10.79 -33.69
N GLU B 588 10.88 -10.42 -32.58
CA GLU B 588 11.40 -9.37 -31.72
C GLU B 588 11.47 -9.82 -30.27
N LEU B 589 12.51 -9.39 -29.57
CA LEU B 589 12.69 -9.75 -28.18
C LEU B 589 12.00 -8.72 -27.29
N TYR B 590 11.66 -9.12 -26.08
CA TYR B 590 11.01 -8.22 -25.13
C TYR B 590 12.00 -7.18 -24.61
N HIS B 591 11.59 -5.93 -24.60
CA HIS B 591 12.43 -4.85 -24.10
C HIS B 591 11.62 -3.92 -23.20
N GLY B 592 10.60 -4.45 -22.54
CA GLY B 592 9.79 -3.63 -21.67
C GLY B 592 8.32 -3.58 -22.00
N ALA B 593 7.98 -3.87 -23.25
CA ALA B 593 6.58 -3.87 -23.69
C ALA B 593 6.42 -4.77 -24.90
N GLY B 594 5.44 -5.69 -24.83
CA GLY B 594 5.20 -6.59 -25.94
C GLY B 594 3.90 -7.34 -25.72
N LYS B 595 3.92 -8.64 -25.97
CA LYS B 595 2.73 -9.45 -25.76
C LYS B 595 3.03 -10.64 -24.86
N GLY B 596 2.36 -10.72 -23.73
CA GLY B 596 2.56 -11.84 -22.84
C GLY B 596 2.15 -13.11 -23.58
N ARG B 597 2.80 -14.22 -23.28
CA ARG B 597 2.47 -15.49 -23.93
C ARG B 597 1.88 -16.48 -22.94
N LEU B 598 1.82 -17.74 -23.35
CA LEU B 598 1.24 -18.81 -22.52
C LEU B 598 2.19 -19.33 -21.46
N TRP B 599 1.68 -19.52 -20.27
CA TRP B 599 2.49 -20.00 -19.15
C TRP B 599 2.22 -21.47 -18.81
N PRO B 600 3.17 -22.37 -19.10
CA PRO B 600 2.92 -23.78 -18.76
C PRO B 600 2.68 -23.94 -17.25
N LEU B 601 3.13 -22.94 -16.49
CA LEU B 601 2.95 -22.95 -15.04
C LEU B 601 1.46 -22.98 -14.72
N LEU B 602 0.70 -22.20 -15.49
CA LEU B 602 -0.75 -22.11 -15.32
C LEU B 602 -1.46 -23.37 -15.79
N THR B 603 -0.83 -24.13 -16.69
CA THR B 603 -1.42 -25.37 -17.16
C THR B 603 -1.38 -26.33 -15.97
N GLY B 604 -0.27 -26.28 -15.24
CA GLY B 604 -0.12 -27.13 -14.07
C GLY B 604 -1.07 -26.71 -12.97
N GLU B 605 -1.23 -25.41 -12.77
CA GLU B 605 -2.14 -24.92 -11.74
C GLU B 605 -3.58 -25.33 -12.03
N ARG B 606 -3.95 -25.36 -13.31
CA ARG B 606 -5.29 -25.80 -13.66
C ARG B 606 -5.41 -27.28 -13.34
N GLY B 607 -4.33 -28.01 -13.58
CA GLY B 607 -4.33 -29.44 -13.29
C GLY B 607 -4.55 -29.66 -11.81
N MET B 608 -3.92 -28.82 -10.99
CA MET B 608 -4.08 -28.96 -9.54
C MET B 608 -5.50 -28.63 -9.15
N TYR B 609 -6.14 -27.73 -9.89
CA TYR B 609 -7.52 -27.40 -9.57
C TYR B 609 -8.41 -28.59 -9.91
N GLU B 610 -8.19 -29.19 -11.08
CA GLU B 610 -8.97 -30.34 -11.48
C GLU B 610 -8.87 -31.45 -10.43
N ILE B 611 -7.70 -31.63 -9.86
CA ILE B 611 -7.51 -32.66 -8.83
C ILE B 611 -8.36 -32.35 -7.61
N ALA B 612 -8.48 -31.07 -7.27
CA ALA B 612 -9.28 -30.66 -6.11
C ALA B 612 -10.76 -30.84 -6.45
N ALA B 613 -11.07 -30.81 -7.74
CA ALA B 613 -12.46 -30.98 -8.20
C ALA B 613 -12.75 -32.46 -8.40
N GLY B 614 -11.85 -33.31 -7.91
CA GLY B 614 -12.02 -34.74 -8.04
C GLY B 614 -12.03 -35.25 -9.47
N LYS B 615 -11.21 -34.65 -10.32
CA LYS B 615 -11.14 -35.08 -11.73
C LYS B 615 -9.75 -35.54 -12.10
N ASP B 616 -9.62 -36.13 -13.28
CA ASP B 616 -8.34 -36.62 -13.76
C ASP B 616 -7.52 -35.46 -14.31
N ALA B 617 -6.29 -35.34 -13.81
CA ALA B 617 -5.40 -34.26 -14.24
C ALA B 617 -4.33 -34.76 -15.21
N THR B 618 -4.45 -36.02 -15.60
CA THR B 618 -3.49 -36.64 -16.51
C THR B 618 -3.18 -35.81 -17.74
N PRO B 619 -4.21 -35.31 -18.43
CA PRO B 619 -3.92 -34.51 -19.63
C PRO B 619 -3.08 -33.26 -19.32
N TYR B 620 -3.19 -32.75 -18.11
CA TYR B 620 -2.43 -31.58 -17.69
C TYR B 620 -0.98 -31.97 -17.42
N VAL B 621 -0.79 -33.15 -16.85
CA VAL B 621 0.55 -33.66 -16.58
C VAL B 621 1.25 -33.84 -17.92
N LYS B 622 0.57 -34.50 -18.86
CA LYS B 622 1.13 -34.72 -20.19
C LYS B 622 1.42 -33.40 -20.89
N ALA B 623 0.53 -32.43 -20.75
CA ALA B 623 0.72 -31.14 -21.39
C ALA B 623 2.04 -30.50 -20.94
N MET B 624 2.27 -30.47 -19.64
CA MET B 624 3.50 -29.89 -19.13
C MET B 624 4.71 -30.66 -19.65
N GLU B 625 4.58 -31.97 -19.75
CA GLU B 625 5.69 -32.78 -20.25
C GLU B 625 6.02 -32.40 -21.69
N LYS B 626 5.00 -32.12 -22.50
CA LYS B 626 5.25 -31.73 -23.88
C LYS B 626 5.77 -30.30 -23.99
N PHE B 627 5.43 -29.45 -23.03
CA PHE B 627 5.93 -28.06 -23.07
C PHE B 627 7.42 -28.02 -22.70
N ALA B 628 7.90 -29.07 -22.04
CA ALA B 628 9.31 -29.15 -21.68
C ALA B 628 10.09 -29.30 -22.97
N ASN B 629 11.31 -28.77 -23.01
CA ASN B 629 12.12 -28.87 -24.22
C ASN B 629 12.90 -30.19 -24.25
N GLU B 630 13.74 -30.34 -25.26
CA GLU B 630 14.53 -31.55 -25.43
C GLU B 630 15.36 -31.88 -24.19
N GLY B 631 15.78 -30.85 -23.46
CA GLY B 631 16.58 -31.06 -22.27
C GLY B 631 15.73 -31.28 -21.03
N GLY B 632 14.42 -31.34 -21.22
CA GLY B 632 13.51 -31.55 -20.11
C GLY B 632 13.31 -30.30 -19.28
N ILE B 633 13.63 -29.15 -19.87
CA ILE B 633 13.49 -27.87 -19.20
C ILE B 633 12.21 -27.12 -19.56
N ILE B 634 11.51 -26.65 -18.53
CA ILE B 634 10.27 -25.91 -18.70
C ILE B 634 10.51 -24.41 -18.58
N SER B 635 10.07 -23.66 -19.58
CA SER B 635 10.24 -22.23 -19.59
C SER B 635 9.04 -21.55 -18.94
N GLU B 636 9.19 -20.26 -18.67
CA GLU B 636 8.12 -19.47 -18.08
C GLU B 636 6.98 -19.31 -19.09
N GLN B 637 7.31 -19.16 -20.36
CA GLN B 637 6.30 -18.96 -21.40
C GLN B 637 6.57 -19.73 -22.70
N VAL B 638 5.50 -20.01 -23.44
CA VAL B 638 5.58 -20.72 -24.70
C VAL B 638 4.69 -20.01 -25.73
N TRP B 639 5.03 -20.16 -27.00
CA TRP B 639 4.25 -19.54 -28.07
C TRP B 639 2.88 -20.20 -28.22
N GLU B 640 1.89 -19.42 -28.63
CA GLU B 640 0.54 -19.95 -28.81
C GLU B 640 0.43 -20.88 -30.04
N ASP B 641 1.10 -20.52 -31.13
CA ASP B 641 1.01 -21.32 -32.34
C ASP B 641 1.69 -22.69 -32.33
N THR B 642 2.86 -22.79 -31.71
CA THR B 642 3.59 -24.06 -31.68
C THR B 642 3.64 -24.68 -30.28
N GLY B 643 3.56 -23.84 -29.26
CA GLY B 643 3.64 -24.35 -27.90
C GLY B 643 5.10 -24.53 -27.52
N LEU B 644 5.99 -24.01 -28.38
CA LEU B 644 7.43 -24.09 -28.12
C LEU B 644 7.84 -22.98 -27.16
N PRO B 645 9.03 -23.10 -26.54
CA PRO B 645 9.51 -22.08 -25.60
C PRO B 645 9.78 -20.74 -26.26
N THR B 646 9.53 -19.65 -25.53
CA THR B 646 9.83 -18.31 -26.05
C THR B 646 11.24 -17.99 -25.51
N ASP B 647 11.64 -16.73 -25.56
CA ASP B 647 12.97 -16.39 -25.04
C ASP B 647 12.85 -15.93 -23.59
N SER B 648 11.77 -16.36 -22.94
CA SER B 648 11.53 -16.03 -21.54
C SER B 648 12.41 -16.91 -20.65
N ALA B 649 12.39 -16.63 -19.36
CA ALA B 649 13.18 -17.38 -18.39
C ALA B 649 13.02 -18.90 -18.44
N SER B 650 14.14 -19.61 -18.38
CA SER B 650 14.13 -21.06 -18.34
C SER B 650 15.46 -21.53 -17.75
N PRO B 651 15.42 -22.55 -16.87
CA PRO B 651 14.19 -23.24 -16.45
C PRO B 651 13.45 -22.37 -15.43
N LEU B 652 12.12 -22.34 -15.49
CA LEU B 652 11.40 -21.58 -14.48
C LEU B 652 11.21 -22.57 -13.32
N ASN B 653 12.01 -22.42 -12.28
CA ASN B 653 11.94 -23.34 -11.15
C ASN B 653 10.55 -23.54 -10.60
N TRP B 654 9.76 -22.47 -10.55
CA TRP B 654 8.39 -22.53 -10.07
C TRP B 654 7.56 -23.49 -10.94
N ALA B 655 7.76 -23.44 -12.25
CA ALA B 655 7.02 -24.32 -13.15
C ALA B 655 7.44 -25.79 -12.96
N HIS B 656 8.72 -26.02 -12.69
CA HIS B 656 9.19 -27.38 -12.47
C HIS B 656 8.62 -27.88 -11.15
N ALA B 657 8.57 -27.00 -10.16
CA ALA B 657 8.01 -27.34 -8.86
C ALA B 657 6.53 -27.73 -9.05
N GLU B 658 5.82 -26.94 -9.85
CA GLU B 658 4.42 -27.20 -10.14
C GLU B 658 4.29 -28.58 -10.81
N TYR B 659 5.19 -28.88 -11.74
CA TYR B 659 5.11 -30.17 -12.41
C TYR B 659 5.30 -31.33 -11.42
N VAL B 660 6.26 -31.17 -10.51
CA VAL B 660 6.51 -32.21 -9.52
C VAL B 660 5.28 -32.45 -8.64
N ILE B 661 4.72 -31.36 -8.11
CA ILE B 661 3.56 -31.47 -7.24
C ILE B 661 2.35 -31.99 -7.98
N LEU B 662 2.19 -31.56 -9.23
CA LEU B 662 1.06 -32.01 -10.04
C LEU B 662 1.21 -33.50 -10.33
N PHE B 663 2.42 -33.89 -10.70
CA PHE B 663 2.75 -35.27 -11.01
C PHE B 663 2.39 -36.17 -9.83
N ALA B 664 2.89 -35.80 -8.66
CA ALA B 664 2.66 -36.55 -7.44
C ALA B 664 1.19 -36.51 -7.02
N SER B 665 0.58 -35.33 -7.12
CA SER B 665 -0.82 -35.17 -6.74
C SER B 665 -1.75 -36.01 -7.60
N ASN B 666 -1.46 -36.09 -8.90
CA ASN B 666 -2.31 -36.87 -9.80
C ASN B 666 -2.23 -38.36 -9.45
N ILE B 667 -1.11 -38.76 -8.86
CA ILE B 667 -0.92 -40.16 -8.47
C ILE B 667 -1.62 -40.42 -7.15
N GLU B 668 -1.46 -39.51 -6.19
CA GLU B 668 -2.08 -39.63 -4.86
C GLU B 668 -3.56 -39.23 -4.87
N HIS B 669 -4.00 -38.61 -5.96
CA HIS B 669 -5.39 -38.17 -6.09
C HIS B 669 -5.76 -37.13 -5.05
N LYS B 670 -4.89 -36.16 -4.84
CA LYS B 670 -5.17 -35.09 -3.89
C LYS B 670 -4.13 -33.99 -3.98
N VAL B 671 -4.54 -32.78 -3.60
CA VAL B 671 -3.68 -31.60 -3.63
C VAL B 671 -2.65 -31.69 -2.51
N LEU B 672 -1.49 -32.25 -2.83
CA LEU B 672 -0.43 -32.47 -1.86
C LEU B 672 0.13 -31.24 -1.16
N ASP B 673 -0.01 -30.06 -1.75
CA ASP B 673 0.50 -28.85 -1.10
C ASP B 673 -0.57 -27.92 -0.52
N MET B 674 -1.78 -28.44 -0.31
CA MET B 674 -2.87 -27.64 0.26
C MET B 674 -2.85 -27.76 1.78
N PRO B 675 -2.72 -26.63 2.51
CA PRO B 675 -2.71 -26.74 3.96
C PRO B 675 -4.07 -27.22 4.49
N ASP B 676 -4.09 -28.41 5.07
CA ASP B 676 -5.31 -29.01 5.60
C ASP B 676 -6.08 -28.12 6.59
N ILE B 677 -5.37 -27.47 7.49
CA ILE B 677 -5.99 -26.59 8.48
C ILE B 677 -6.89 -25.56 7.82
N VAL B 678 -6.42 -25.00 6.70
CA VAL B 678 -7.19 -23.99 5.99
C VAL B 678 -8.37 -24.64 5.28
N TYR B 679 -8.12 -25.76 4.63
CA TYR B 679 -9.14 -26.50 3.91
C TYR B 679 -10.30 -26.92 4.82
N LYS B 680 -9.97 -27.52 5.95
CA LYS B 680 -10.99 -27.99 6.87
C LYS B 680 -11.82 -26.87 7.48
N ARG B 681 -11.27 -25.67 7.53
CA ARG B 681 -11.99 -24.55 8.12
C ARG B 681 -12.83 -23.76 7.12
N TYR B 682 -12.45 -23.77 5.85
CA TYR B 682 -13.19 -23.00 4.86
C TYR B 682 -13.79 -23.77 3.70
N VAL B 683 -13.19 -24.90 3.34
CA VAL B 683 -13.69 -25.67 2.21
C VAL B 683 -14.33 -27.01 2.54
N ALA B 684 -13.79 -27.70 3.54
CA ALA B 684 -14.33 -28.99 3.97
C ALA B 684 -15.82 -28.87 4.26
C1 GLC C . -14.68 3.05 -2.01
C2 GLC C . -16.07 3.25 -1.35
C3 GLC C . -16.16 4.67 -0.74
C4 GLC C . -15.04 4.83 0.33
C5 GLC C . -13.66 4.63 -0.35
C6 GLC C . -12.50 4.76 0.67
O1 GLC C . -14.52 3.94 -3.10
O2 GLC C . -17.08 3.05 -2.33
O3 GLC C . -17.43 4.85 -0.12
O4 GLC C . -15.07 6.18 0.94
O5 GLC C . -13.60 3.29 -1.00
O6 GLC C . -12.71 3.96 1.83
C1 GLC C . -15.33 6.34 2.35
C2 GLC C . -16.39 7.48 2.53
C3 GLC C . -15.78 8.79 1.91
C4 GLC C . -14.47 9.15 2.71
C5 GLC C . -13.49 8.00 2.54
C6 GLC C . -12.21 8.28 3.36
O2 GLC C . -17.58 7.11 1.86
O3 GLC C . -16.73 9.81 2.05
O4 GLC C . -13.77 10.33 2.19
O5 GLC C . -14.11 6.74 3.03
O6 GLC C . -11.15 7.52 2.86
C1 AC1 C . -14.36 11.62 2.09
O2 AC1 C . -13.20 12.13 0.02
C2 AC1 C . -13.45 12.62 1.35
C4A AC1 C . -9.00 15.32 6.98
C3 AC1 C . -12.13 12.86 2.15
O3 AC1 C . -11.32 13.80 1.42
C4 AC1 C . -12.49 13.40 3.55
N4A AC1 C . -11.25 13.67 4.34
C5 AC1 C . -13.40 12.31 4.28
O5 AC1 C . -14.63 12.05 3.46
C6 AC1 C . -13.86 12.72 5.67
C1B AC1 C . -11.18 15.10 4.80
C2B AC1 C . -9.78 15.72 4.51
O2B AC1 C . -9.50 15.55 3.13
C3B AC1 C . -8.67 15.12 5.43
O3B AC1 C . -7.42 15.71 5.15
O4 AC1 C . -8.29 14.30 7.66
C5B AC1 C . -10.52 15.31 7.31
C7B AC1 C . -11.50 15.20 6.30
C6B AC1 C . -10.97 15.44 8.77
O6B AC1 C . -11.08 16.84 9.11
C1 GLC D . 8.03 1.72 -12.95
C2 GLC D . 9.46 1.41 -13.48
C3 GLC D . 9.52 -0.07 -13.97
C4 GLC D . 9.18 -1.01 -12.79
C5 GLC D . 7.76 -0.69 -12.28
C6 GLC D . 7.39 -1.59 -11.08
O1 GLC D . 7.10 1.64 -13.99
O2 GLC D . 9.78 2.31 -14.54
O3 GLC D . 10.82 -0.35 -14.44
O4 GLC D . 9.22 -2.41 -13.20
O5 GLC D . 7.69 0.76 -11.86
O6 GLC D . 8.11 -1.27 -9.91
C1 GLC D . 10.35 -3.21 -12.79
C2 GLC D . 10.89 -4.00 -14.03
C3 GLC D . 9.73 -4.89 -14.55
C4 GLC D . 9.31 -5.90 -13.40
C5 GLC D . 8.83 -5.08 -12.22
C6 GLC D . 8.48 -6.02 -11.05
O2 GLC D . 11.31 -3.09 -15.02
O3 GLC D . 10.21 -5.61 -15.68
O4 GLC D . 8.18 -6.75 -13.75
O5 GLC D . 9.91 -4.16 -11.79
O6 GLC D . 7.63 -5.38 -10.14
C1 AC1 D . 8.16 -7.63 -14.86
O2 AC1 D . 5.81 -7.32 -15.16
C2 AC1 D . 6.81 -8.33 -14.99
C4A AC1 D . 7.44 -14.35 -10.16
C3 AC1 D . 6.52 -9.21 -13.74
O3 AC1 D . 5.26 -9.83 -13.93
C4 AC1 D . 7.63 -10.28 -13.61
N4A AC1 D . 7.37 -11.18 -12.42
C5 AC1 D . 9.02 -9.50 -13.44
O5 AC1 D . 9.23 -8.60 -14.63
C6 AC1 D . 10.22 -10.42 -13.34
C1B AC1 D . 7.37 -12.64 -12.75
C2B AC1 D . 6.10 -13.40 -12.22
O2B AC1 D . 4.95 -12.71 -12.67
C3B AC1 D . 6.13 -13.57 -10.67
O3B AC1 D . 4.98 -14.27 -10.22
O4 AC1 D . 7.63 -13.97 -8.82
C5B AC1 D . 8.70 -14.12 -11.06
C7B AC1 D . 8.65 -13.33 -12.22
C6B AC1 D . 10.02 -14.78 -10.67
O6B AC1 D . 10.06 -16.12 -11.21
S SO4 E . 5.95 1.43 -8.81
O1 SO4 E . 5.17 2.23 -7.86
O2 SO4 E . 5.54 1.74 -10.19
O3 SO4 E . 7.39 1.71 -8.67
O4 SO4 E . 5.70 -0.01 -8.56
S SO4 F . -10.50 1.36 -0.92
O1 SO4 F . -9.58 0.28 -1.34
O2 SO4 F . -10.19 2.60 -1.67
O3 SO4 F . -11.89 0.97 -1.20
O4 SO4 F . -10.32 1.60 0.52
#